data_8E5U
#
_entry.id   8E5U
#
_cell.length_a   135.934
_cell.length_b   179.587
_cell.length_c   180.190
_cell.angle_alpha   90.000
_cell.angle_beta   90.000
_cell.angle_gamma   90.000
#
_symmetry.space_group_name_H-M   'I 2 2 2'
#
loop_
_entity.id
_entity.type
_entity.pdbx_description
1 polymer 'Chaetomium alpha glucosidase'
2 non-polymer (2R,3R,4R,5S)-2-(hydroxymethyl)-1-(6-{2-nitro-4-[(1R,5S)-3-oxa-8-azabicyclo[3.2.1]octan-8-yl]anilino}hexyl)piperidine-3,4,5-triol
3 non-polymer GLYCEROL
4 non-polymer 'SULFATE ION'
5 non-polymer 2-[BIS-(2-HYDROXY-ETHYL)-AMINO]-2-HYDROXYMETHYL-PROPANE-1,3-DIOL
6 non-polymer 2-acetamido-2-deoxy-beta-D-glucopyranose
7 water water
#
_entity_poly.entity_id   1
_entity_poly.type   'polypeptide(L)'
_entity_poly.pdbx_seq_one_letter_code
;MGILPSPGMPALLSLVSLLSVLLMGCVAETGVEGESILHSEIGRLNNQSLLWGPYRPNIYFGTRPRIGKSLMTGLMWGKI
ESYTDFQHTVRYTCEQNEGMKGYGWDEYDPRRGGIQSIHDIQNGLDITTSFVKIPGGAHGGSWAARIKGTLNDDAPKDQK
TIVVFYVSQEGENSELEAVPSENEFGYEGDVILKGRSEALGNYKLVVTKGKGVIPQSDHDLSRLRGPGQTVVQSLTYPDE
VLWQAKPILFQQLKAGIDWLVENKYDVADPPPPWQVYLLANKPGSGNVHIVQKVFEGDFEFDILFSSESAGKEVTSKDLE
REVKQATEVFGERFARVFDLKAPFQGDNYKKFGKSMFSNLIGGIGYFYGHSLVDRSYAPEYDEENEGFWEDAAEARARHQ
EALEGPYELFTSIPSRPFFPRGFLWDEGFHLLPIADWDIDLALEIIKSWYNLMDEDGWIAREQILGAEARSKVPKEFQTQ
YPHYANPPTLFLVLDNFVERLRKNNASQPVVKDNLSLDETLSTASVDNPEVGLEYLRRLYPLLRRQFDWFRKTQAGDIKS
YDREAYSTKEAYRWRGRTVSHCLTSGLDDYPRPQPPHPGELHVDLMSWVGVMVKSLISIGSLLGATEDVEFYTKVLDAIE
HNLDDLHWSEKEGCYCDATIDEFEEHKLVCHKGYISLFPFLTGLLKPDSPKLGKLLALIGDESELWSPYGLRSLSKKDEF
YGTAENYWRSPVWININYLAIVQLYNIATQDGPYKETARDLYTRLRKNIVETVYRNWEETGFAWEQYNPETGKGQRTQHF
TGWTSLVVKIMSGHHHHHH
;
_entity_poly.pdbx_strand_id   A,B
#
loop_
_chem_comp.id
_chem_comp.type
_chem_comp.name
_chem_comp.formula
BTB non-polymer 2-[BIS-(2-HYDROXY-ETHYL)-AMINO]-2-HYDROXYMETHYL-PROPANE-1,3-DIOL 'C8 H19 N O5'
GOL non-polymer GLYCEROL 'C3 H8 O3'
NAG D-saccharide, beta linking 2-acetamido-2-deoxy-beta-D-glucopyranose 'C8 H15 N O6'
SO4 non-polymer 'SULFATE ION' 'O4 S -2'
UPH non-polymer (2R,3R,4R,5S)-2-(hydroxymethyl)-1-(6-{2-nitro-4-[(1R,5S)-3-oxa-8-azabicyclo[3.2.1]octan-8-yl]anilino}hexyl)piperidine-3,4,5-triol 'C24 H38 N4 O7'
#
# COMPACT_ATOMS: atom_id res chain seq x y z
N GLU A 41 -3.14 10.30 -29.81
CA GLU A 41 -3.97 10.12 -31.04
C GLU A 41 -3.77 8.71 -31.62
N ILE A 42 -2.52 8.30 -31.82
CA ILE A 42 -2.25 6.91 -32.16
C ILE A 42 -2.69 6.03 -30.99
N GLY A 43 -2.58 6.60 -29.78
CA GLY A 43 -3.00 6.01 -28.51
C GLY A 43 -4.49 5.71 -28.47
N ARG A 44 -5.30 6.62 -29.04
CA ARG A 44 -6.76 6.53 -29.05
C ARG A 44 -7.22 5.45 -30.02
N LEU A 45 -6.49 5.32 -31.15
CA LEU A 45 -6.78 4.37 -32.21
C LEU A 45 -6.48 2.94 -31.72
N ASN A 46 -5.39 2.85 -30.92
CA ASN A 46 -4.92 1.61 -30.30
C ASN A 46 -5.88 1.16 -29.19
N ASN A 47 -6.26 2.10 -28.32
CA ASN A 47 -7.26 1.96 -27.27
C ASN A 47 -8.49 1.27 -27.87
N GLN A 48 -9.00 1.85 -28.98
CA GLN A 48 -10.26 1.47 -29.60
C GLN A 48 -10.14 0.11 -30.28
N SER A 49 -8.97 -0.14 -30.88
CA SER A 49 -8.75 -1.39 -31.59
C SER A 49 -8.73 -2.56 -30.60
N LEU A 50 -8.20 -2.33 -29.39
CA LEU A 50 -7.88 -3.45 -28.52
C LEU A 50 -8.92 -3.61 -27.43
N LEU A 51 -9.96 -2.77 -27.44
CA LEU A 51 -10.83 -2.72 -26.28
C LEU A 51 -11.46 -4.07 -26.01
N TRP A 52 -12.04 -4.70 -27.04
CA TRP A 52 -12.76 -5.96 -26.87
C TRP A 52 -11.84 -7.15 -27.15
N GLY A 53 -12.06 -8.24 -26.41
CA GLY A 53 -11.48 -9.50 -26.83
C GLY A 53 -11.97 -10.66 -25.98
N PRO A 54 -11.49 -11.89 -26.26
CA PRO A 54 -11.80 -13.04 -25.42
C PRO A 54 -10.78 -13.03 -24.29
N TYR A 55 -10.78 -11.95 -23.50
CA TYR A 55 -9.71 -11.59 -22.58
C TYR A 55 -9.87 -12.29 -21.23
N ARG A 56 -10.42 -13.50 -21.27
CA ARG A 56 -10.61 -14.30 -20.06
C ARG A 56 -9.93 -15.66 -20.29
N PRO A 57 -8.59 -15.70 -20.39
CA PRO A 57 -7.92 -16.95 -20.72
C PRO A 57 -8.01 -17.98 -19.60
N ASN A 58 -8.56 -17.61 -18.44
CA ASN A 58 -8.72 -18.52 -17.31
C ASN A 58 -9.94 -19.42 -17.51
N ILE A 59 -10.77 -19.12 -18.52
CA ILE A 59 -11.92 -19.97 -18.83
C ILE A 59 -11.85 -20.40 -20.29
N TYR A 60 -12.53 -21.51 -20.59
CA TYR A 60 -12.46 -22.05 -21.94
C TYR A 60 -12.83 -20.97 -22.94
N PHE A 61 -13.97 -20.30 -22.72
CA PHE A 61 -14.36 -19.29 -23.69
C PHE A 61 -15.24 -18.24 -23.01
N GLY A 62 -14.82 -16.98 -23.16
CA GLY A 62 -15.55 -15.83 -22.62
C GLY A 62 -14.98 -14.53 -23.19
N THR A 63 -15.74 -13.45 -23.07
CA THR A 63 -15.28 -12.14 -23.51
C THR A 63 -15.40 -11.14 -22.36
N ARG A 64 -14.54 -10.12 -22.42
CA ARG A 64 -14.62 -8.93 -21.58
C ARG A 64 -13.90 -7.83 -22.32
N PRO A 65 -14.26 -6.55 -22.09
CA PRO A 65 -13.51 -5.43 -22.63
C PRO A 65 -12.48 -5.00 -21.59
N ARG A 66 -11.50 -4.19 -22.01
CA ARG A 66 -10.46 -3.73 -21.11
C ARG A 66 -11.00 -2.63 -20.20
N ILE A 67 -12.03 -2.96 -19.40
CA ILE A 67 -12.69 -2.05 -18.45
C ILE A 67 -12.93 -2.86 -17.18
N GLY A 68 -12.43 -2.35 -16.05
CA GLY A 68 -12.60 -3.03 -14.79
C GLY A 68 -14.02 -3.57 -14.52
N LYS A 69 -15.01 -2.68 -14.57
CA LYS A 69 -16.36 -3.01 -14.15
C LYS A 69 -17.31 -2.84 -15.34
N SER A 70 -17.58 -3.93 -16.06
CA SER A 70 -18.32 -3.89 -17.32
C SER A 70 -19.01 -5.23 -17.60
N LEU A 71 -19.30 -5.47 -18.88
CA LEU A 71 -20.01 -6.63 -19.38
C LEU A 71 -19.01 -7.76 -19.62
N MET A 72 -19.25 -8.94 -19.03
CA MET A 72 -18.48 -10.15 -19.31
C MET A 72 -19.38 -11.32 -19.74
N THR A 73 -18.81 -12.24 -20.51
CA THR A 73 -19.55 -13.43 -20.92
C THR A 73 -18.66 -14.65 -20.71
N GLY A 74 -19.27 -15.81 -20.46
CA GLY A 74 -18.56 -17.07 -20.35
C GLY A 74 -19.42 -18.19 -20.90
N LEU A 75 -18.76 -19.22 -21.46
CA LEU A 75 -19.42 -20.40 -22.02
C LEU A 75 -19.31 -21.56 -21.02
N MET A 76 -20.42 -22.30 -20.81
CA MET A 76 -20.38 -23.57 -20.13
C MET A 76 -21.06 -24.65 -20.98
N TRP A 77 -20.59 -25.92 -20.91
CA TRP A 77 -21.30 -27.03 -21.52
C TRP A 77 -21.01 -28.30 -20.74
N GLY A 78 -21.95 -29.27 -20.80
CA GLY A 78 -21.67 -30.60 -20.30
C GLY A 78 -22.74 -31.61 -20.72
N LYS A 79 -22.34 -32.85 -20.95
CA LYS A 79 -23.29 -33.91 -21.21
C LYS A 79 -24.07 -34.21 -19.92
N ILE A 80 -25.32 -34.66 -20.09
CA ILE A 80 -26.17 -35.15 -19.00
C ILE A 80 -26.77 -36.51 -19.39
N GLU A 81 -26.44 -37.52 -18.59
CA GLU A 81 -26.75 -38.92 -18.82
C GLU A 81 -27.51 -39.46 -17.61
N SER A 82 -27.50 -38.69 -16.50
CA SER A 82 -28.13 -39.15 -15.27
C SER A 82 -28.63 -37.94 -14.48
N TYR A 83 -29.15 -38.22 -13.27
CA TYR A 83 -29.74 -37.19 -12.45
C TYR A 83 -28.65 -36.46 -11.66
N THR A 84 -27.40 -36.96 -11.73
CA THR A 84 -26.42 -36.41 -10.83
C THR A 84 -25.10 -36.07 -11.50
N ASP A 85 -25.01 -36.29 -12.81
CA ASP A 85 -23.72 -36.23 -13.49
C ASP A 85 -23.34 -34.81 -13.96
N PHE A 86 -24.31 -33.93 -14.27
CA PHE A 86 -24.04 -32.64 -14.91
C PHE A 86 -23.04 -31.82 -14.09
N GLN A 87 -23.17 -31.87 -12.76
CA GLN A 87 -22.31 -31.13 -11.85
C GLN A 87 -20.85 -31.58 -11.99
N HIS A 88 -20.62 -32.83 -12.42
CA HIS A 88 -19.27 -33.34 -12.59
C HIS A 88 -18.77 -33.14 -14.01
N THR A 89 -19.66 -33.12 -15.02
CA THR A 89 -19.21 -33.06 -16.40
C THR A 89 -19.05 -31.61 -16.87
N VAL A 90 -19.72 -30.67 -16.17
CA VAL A 90 -19.85 -29.31 -16.70
C VAL A 90 -18.47 -28.66 -16.76
N ARG A 91 -18.21 -27.93 -17.85
CA ARG A 91 -16.95 -27.27 -18.08
C ARG A 91 -17.15 -25.77 -18.00
N TYR A 92 -16.16 -25.06 -17.43
CA TYR A 92 -16.11 -23.60 -17.38
C TYR A 92 -14.67 -23.11 -17.25
N THR A 93 -14.06 -23.22 -16.05
CA THR A 93 -12.68 -22.76 -15.92
C THR A 93 -11.72 -23.76 -16.58
N CYS A 94 -10.61 -23.28 -17.16
CA CYS A 94 -9.65 -24.17 -17.82
C CYS A 94 -8.99 -25.13 -16.83
N GLU A 95 -8.80 -26.41 -17.26
CA GLU A 95 -8.02 -27.39 -16.49
C GLU A 95 -7.30 -28.28 -17.49
N GLN A 96 -6.45 -29.19 -16.97
CA GLN A 96 -5.85 -30.20 -17.82
C GLN A 96 -5.72 -31.49 -17.02
N ASN A 97 -6.45 -32.53 -17.44
CA ASN A 97 -6.44 -33.86 -16.84
C ASN A 97 -6.76 -34.89 -17.91
N GLU A 98 -6.96 -36.17 -17.51
CA GLU A 98 -7.18 -37.28 -18.45
C GLU A 98 -8.47 -37.05 -19.24
N GLY A 99 -9.42 -36.29 -18.68
CA GLY A 99 -10.73 -36.07 -19.29
C GLY A 99 -10.68 -35.09 -20.47
N MET A 100 -9.59 -34.34 -20.60
CA MET A 100 -9.51 -33.35 -21.67
C MET A 100 -8.33 -33.71 -22.57
N LYS A 101 -8.63 -34.06 -23.83
CA LYS A 101 -7.55 -34.37 -24.74
C LYS A 101 -6.62 -33.17 -24.93
N GLY A 102 -7.21 -31.98 -25.12
CA GLY A 102 -6.43 -30.81 -25.46
C GLY A 102 -7.34 -29.67 -25.89
N TYR A 103 -6.79 -28.45 -25.89
CA TYR A 103 -7.52 -27.28 -26.34
C TYR A 103 -6.49 -26.20 -26.67
N GLY A 104 -6.94 -25.20 -27.44
CA GLY A 104 -6.05 -24.10 -27.75
C GLY A 104 -6.53 -23.31 -28.96
N TRP A 105 -5.78 -22.26 -29.31
CA TRP A 105 -6.12 -21.37 -30.41
C TRP A 105 -5.40 -21.88 -31.65
N ASP A 106 -6.18 -22.09 -32.72
CA ASP A 106 -5.56 -22.48 -33.97
C ASP A 106 -5.00 -21.23 -34.65
N GLU A 107 -5.53 -20.08 -34.23
CA GLU A 107 -5.39 -18.87 -35.01
C GLU A 107 -5.87 -17.74 -34.13
N TYR A 108 -5.07 -16.68 -34.00
CA TYR A 108 -5.51 -15.59 -33.16
C TYR A 108 -4.63 -14.36 -33.35
N ASP A 109 -5.31 -13.22 -33.28
CA ASP A 109 -4.77 -11.87 -33.35
C ASP A 109 -5.77 -11.02 -32.58
N PRO A 110 -5.40 -10.37 -31.47
CA PRO A 110 -6.39 -9.77 -30.60
C PRO A 110 -7.05 -8.53 -31.20
N ARG A 111 -6.58 -8.04 -32.35
CA ARG A 111 -7.26 -6.97 -33.07
C ARG A 111 -8.45 -7.51 -33.85
N ARG A 112 -8.35 -8.78 -34.32
CA ARG A 112 -9.24 -9.33 -35.34
C ARG A 112 -10.11 -10.48 -34.81
N GLY A 113 -9.52 -11.32 -33.93
CA GLY A 113 -10.17 -12.49 -33.37
C GLY A 113 -9.48 -13.79 -33.81
N GLY A 114 -10.15 -14.92 -33.62
CA GLY A 114 -9.55 -16.19 -34.01
C GLY A 114 -10.49 -17.38 -33.81
N ILE A 115 -9.93 -18.59 -33.90
CA ILE A 115 -10.68 -19.82 -33.78
C ILE A 115 -9.96 -20.67 -32.74
N GLN A 116 -10.70 -21.12 -31.72
CA GLN A 116 -10.18 -22.03 -30.73
C GLN A 116 -10.83 -23.39 -30.93
N SER A 117 -10.04 -24.45 -30.71
CA SER A 117 -10.60 -25.78 -30.76
C SER A 117 -10.37 -26.55 -29.44
N ILE A 118 -11.44 -27.19 -28.96
CA ILE A 118 -11.48 -27.84 -27.67
C ILE A 118 -11.82 -29.31 -27.94
N HIS A 119 -11.02 -30.22 -27.38
CA HIS A 119 -11.20 -31.65 -27.57
C HIS A 119 -11.44 -32.27 -26.20
N ASP A 120 -12.71 -32.49 -25.89
CA ASP A 120 -13.23 -32.93 -24.62
C ASP A 120 -13.63 -34.41 -24.69
N ILE A 121 -12.84 -35.27 -24.04
CA ILE A 121 -13.09 -36.70 -23.97
C ILE A 121 -14.28 -36.97 -23.03
N GLN A 122 -14.23 -36.44 -21.80
CA GLN A 122 -15.30 -36.65 -20.84
C GLN A 122 -16.66 -36.42 -21.48
N ASN A 123 -16.79 -35.34 -22.25
CA ASN A 123 -18.09 -34.96 -22.77
C ASN A 123 -18.28 -35.35 -24.24
N GLY A 124 -17.38 -36.19 -24.80
CA GLY A 124 -17.54 -36.75 -26.13
C GLY A 124 -17.66 -35.69 -27.24
N LEU A 125 -16.99 -34.55 -27.03
CA LEU A 125 -17.28 -33.35 -27.80
C LEU A 125 -16.01 -32.67 -28.31
N ASP A 126 -16.02 -32.39 -29.61
CA ASP A 126 -15.06 -31.49 -30.24
C ASP A 126 -15.77 -30.16 -30.47
N ILE A 127 -15.32 -29.14 -29.74
CA ILE A 127 -15.92 -27.83 -29.82
C ILE A 127 -15.01 -26.86 -30.56
N THR A 128 -15.64 -25.90 -31.23
CA THR A 128 -15.00 -24.82 -31.96
C THR A 128 -15.66 -23.52 -31.48
N THR A 129 -14.84 -22.56 -31.08
CA THR A 129 -15.34 -21.24 -30.71
C THR A 129 -14.62 -20.24 -31.60
N SER A 130 -15.37 -19.58 -32.50
CA SER A 130 -14.84 -18.59 -33.43
C SER A 130 -15.23 -17.24 -32.89
N PHE A 131 -14.27 -16.33 -32.79
CA PHE A 131 -14.63 -15.01 -32.30
C PHE A 131 -14.11 -13.96 -33.28
N VAL A 132 -14.89 -12.90 -33.49
CA VAL A 132 -14.46 -11.94 -34.49
C VAL A 132 -14.86 -10.55 -34.05
N LYS A 133 -13.97 -9.58 -34.30
CA LYS A 133 -14.28 -8.20 -33.96
C LYS A 133 -14.66 -7.43 -35.22
N ILE A 134 -15.70 -6.57 -35.11
CA ILE A 134 -16.13 -5.72 -36.21
C ILE A 134 -16.02 -4.27 -35.76
N PRO A 135 -14.99 -3.53 -36.23
CA PRO A 135 -14.78 -2.13 -35.81
C PRO A 135 -15.95 -1.22 -36.19
N GLY A 136 -16.12 -0.15 -35.42
CA GLY A 136 -17.15 0.83 -35.72
C GLY A 136 -17.74 1.51 -34.49
N GLY A 137 -18.26 2.73 -34.69
CA GLY A 137 -18.88 3.50 -33.61
C GLY A 137 -17.82 4.07 -32.68
N ALA A 138 -18.21 4.39 -31.45
CA ALA A 138 -17.30 5.16 -30.61
C ALA A 138 -16.98 4.38 -29.35
N HIS A 139 -17.39 3.11 -29.31
CA HIS A 139 -17.46 2.41 -28.03
C HIS A 139 -16.58 1.16 -28.03
N GLY A 140 -15.71 1.05 -29.04
CA GLY A 140 -14.75 -0.02 -29.15
C GLY A 140 -15.24 -1.11 -30.08
N GLY A 141 -16.32 -0.81 -30.81
CA GLY A 141 -16.73 -1.69 -31.90
C GLY A 141 -17.62 -2.83 -31.41
N SER A 142 -17.88 -3.74 -32.34
CA SER A 142 -18.77 -4.89 -32.17
C SER A 142 -17.92 -6.16 -32.24
N TRP A 143 -18.54 -7.30 -31.91
CA TRP A 143 -17.91 -8.62 -31.97
C TRP A 143 -19.00 -9.69 -32.11
N ALA A 144 -18.58 -10.89 -32.53
CA ALA A 144 -19.50 -12.02 -32.62
C ALA A 144 -18.72 -13.32 -32.39
N ALA A 145 -19.42 -14.35 -31.95
CA ALA A 145 -18.81 -15.66 -31.75
C ALA A 145 -19.76 -16.72 -32.27
N ARG A 146 -19.19 -17.82 -32.78
CA ARG A 146 -19.91 -19.03 -33.13
C ARG A 146 -19.42 -20.17 -32.25
N ILE A 147 -20.34 -20.87 -31.61
CA ILE A 147 -20.03 -22.04 -30.82
C ILE A 147 -20.55 -23.28 -31.57
N LYS A 148 -19.63 -24.13 -32.04
CA LYS A 148 -20.00 -25.33 -32.78
C LYS A 148 -19.54 -26.57 -32.01
N GLY A 149 -20.49 -27.46 -31.68
CA GLY A 149 -20.11 -28.71 -31.02
C GLY A 149 -20.38 -29.93 -31.90
N THR A 150 -19.36 -30.79 -32.08
CA THR A 150 -19.50 -32.00 -32.87
C THR A 150 -19.17 -33.19 -31.97
N LEU A 151 -20.10 -34.15 -31.83
CA LEU A 151 -19.82 -35.35 -31.04
C LEU A 151 -18.71 -36.15 -31.74
N ASN A 152 -17.77 -36.71 -30.96
CA ASN A 152 -16.72 -37.54 -31.50
C ASN A 152 -17.31 -38.93 -31.79
N ASP A 153 -16.48 -39.83 -32.33
CA ASP A 153 -16.94 -41.12 -32.81
C ASP A 153 -17.40 -42.00 -31.65
N ASP A 154 -16.94 -41.68 -30.43
CA ASP A 154 -17.18 -42.49 -29.25
C ASP A 154 -18.50 -42.16 -28.58
N ALA A 155 -19.02 -40.93 -28.79
CA ALA A 155 -20.15 -40.44 -28.03
C ALA A 155 -21.45 -41.11 -28.49
N PRO A 156 -22.40 -41.39 -27.56
CA PRO A 156 -23.75 -41.77 -27.95
C PRO A 156 -24.32 -40.73 -28.92
N LYS A 157 -24.84 -41.19 -30.05
CA LYS A 157 -25.30 -40.32 -31.13
C LYS A 157 -26.46 -39.44 -30.65
N ASP A 158 -27.11 -39.87 -29.56
CA ASP A 158 -28.25 -39.14 -29.03
C ASP A 158 -27.88 -38.53 -27.68
N GLN A 159 -26.57 -38.34 -27.44
CA GLN A 159 -26.14 -37.55 -26.28
C GLN A 159 -26.96 -36.27 -26.14
N LYS A 160 -27.40 -36.02 -24.91
CA LYS A 160 -27.89 -34.70 -24.53
C LYS A 160 -26.74 -33.89 -23.90
N THR A 161 -26.51 -32.69 -24.46
CA THR A 161 -25.56 -31.71 -23.95
C THR A 161 -26.27 -30.45 -23.48
N ILE A 162 -26.01 -30.02 -22.25
CA ILE A 162 -26.42 -28.69 -21.78
C ILE A 162 -25.37 -27.66 -22.17
N VAL A 163 -25.83 -26.56 -22.78
CA VAL A 163 -24.97 -25.43 -23.08
C VAL A 163 -25.55 -24.20 -22.38
N VAL A 164 -24.68 -23.44 -21.70
CA VAL A 164 -25.06 -22.18 -21.06
C VAL A 164 -24.19 -21.05 -21.63
N PHE A 165 -24.84 -19.91 -21.92
CA PHE A 165 -24.13 -18.66 -22.11
C PHE A 165 -24.49 -17.77 -20.93
N TYR A 166 -23.46 -17.41 -20.16
CA TYR A 166 -23.62 -16.64 -18.94
C TYR A 166 -23.10 -15.25 -19.24
N VAL A 167 -23.88 -14.24 -18.86
CA VAL A 167 -23.57 -12.85 -19.17
C VAL A 167 -23.71 -12.06 -17.87
N SER A 168 -22.72 -11.23 -17.52
CA SER A 168 -22.80 -10.42 -16.31
C SER A 168 -22.44 -8.98 -16.60
N GLN A 169 -22.96 -8.04 -15.79
CA GLN A 169 -22.61 -6.63 -15.92
C GLN A 169 -22.47 -5.98 -14.54
N GLU A 170 -21.23 -5.54 -14.24
CA GLU A 170 -20.90 -4.76 -13.05
C GLU A 170 -20.89 -3.27 -13.41
N GLY A 171 -21.20 -2.43 -12.43
CA GLY A 171 -21.27 -0.98 -12.64
C GLY A 171 -22.56 -0.45 -12.03
N GLU A 172 -22.47 0.69 -11.31
CA GLU A 172 -23.55 1.23 -10.52
C GLU A 172 -24.72 1.71 -11.40
N ASN A 173 -24.39 2.37 -12.52
CA ASN A 173 -25.39 3.04 -13.35
C ASN A 173 -25.45 2.38 -14.73
N SER A 174 -25.88 1.12 -14.74
CA SER A 174 -25.94 0.37 -15.99
C SER A 174 -27.11 -0.60 -15.99
N GLU A 175 -27.57 -0.93 -17.19
CA GLU A 175 -28.79 -1.73 -17.26
C GLU A 175 -28.60 -2.80 -18.34
N LEU A 176 -29.28 -3.93 -18.10
CA LEU A 176 -29.31 -5.06 -19.01
C LEU A 176 -30.62 -5.83 -18.80
N GLU A 177 -31.33 -6.10 -19.91
CA GLU A 177 -32.66 -6.70 -19.85
C GLU A 177 -32.81 -7.70 -20.99
N ALA A 178 -33.28 -8.91 -20.67
CA ALA A 178 -33.70 -9.88 -21.67
C ALA A 178 -35.12 -9.51 -22.16
N VAL A 179 -35.24 -9.27 -23.47
CA VAL A 179 -36.54 -9.07 -24.10
C VAL A 179 -37.32 -10.36 -23.97
N PRO A 180 -38.53 -10.33 -23.34
CA PRO A 180 -39.28 -11.56 -23.06
C PRO A 180 -39.61 -12.33 -24.34
N SER A 181 -39.98 -13.60 -24.17
CA SER A 181 -40.40 -14.49 -25.24
C SER A 181 -41.79 -14.08 -25.73
N GLU A 182 -42.16 -14.45 -26.97
CA GLU A 182 -43.57 -14.42 -27.38
C GLU A 182 -44.27 -15.66 -26.83
N ASN A 183 -43.55 -16.79 -26.82
CA ASN A 183 -44.05 -18.12 -26.47
C ASN A 183 -44.13 -18.27 -24.96
N GLU A 184 -44.66 -19.41 -24.50
CA GLU A 184 -45.13 -19.54 -23.13
C GLU A 184 -44.01 -19.88 -22.13
N PHE A 185 -43.09 -20.76 -22.53
CA PHE A 185 -42.22 -21.43 -21.59
C PHE A 185 -40.74 -21.12 -21.84
N GLY A 186 -40.45 -20.22 -22.80
CA GLY A 186 -39.11 -20.10 -23.33
C GLY A 186 -39.09 -19.59 -24.77
N TYR A 187 -37.93 -19.69 -25.43
CA TYR A 187 -37.65 -19.12 -26.74
C TYR A 187 -37.59 -20.20 -27.82
N GLU A 188 -38.32 -19.97 -28.90
CA GLU A 188 -38.31 -20.81 -30.08
C GLU A 188 -37.16 -20.36 -30.98
N GLY A 189 -36.84 -19.06 -30.92
CA GLY A 189 -35.78 -18.47 -31.74
C GLY A 189 -34.67 -17.80 -30.90
N ASP A 190 -34.36 -16.55 -31.26
CA ASP A 190 -33.22 -15.82 -30.76
C ASP A 190 -33.55 -15.21 -29.41
N VAL A 191 -32.52 -15.02 -28.58
CA VAL A 191 -32.64 -14.34 -27.30
C VAL A 191 -31.91 -13.01 -27.46
N ILE A 192 -32.61 -11.91 -27.15
CA ILE A 192 -32.03 -10.60 -27.31
C ILE A 192 -31.87 -9.95 -25.93
N LEU A 193 -30.65 -9.50 -25.64
CA LEU A 193 -30.44 -8.72 -24.43
C LEU A 193 -30.11 -7.30 -24.87
N LYS A 194 -30.81 -6.37 -24.23
CA LYS A 194 -30.59 -4.95 -24.41
C LYS A 194 -29.99 -4.41 -23.12
N GLY A 195 -28.93 -3.61 -23.29
CA GLY A 195 -28.29 -3.02 -22.14
C GLY A 195 -27.66 -1.67 -22.47
N ARG A 196 -27.18 -1.01 -21.42
CA ARG A 196 -26.54 0.28 -21.53
C ARG A 196 -25.51 0.39 -20.42
N SER A 197 -24.41 1.12 -20.69
CA SER A 197 -23.58 1.68 -19.63
C SER A 197 -22.82 2.90 -20.16
N GLU A 198 -22.17 3.63 -19.23
CA GLU A 198 -21.36 4.79 -19.57
C GLU A 198 -20.24 4.35 -20.52
N ALA A 199 -19.61 3.22 -20.16
CA ALA A 199 -18.45 2.72 -20.91
C ALA A 199 -18.86 2.26 -22.31
N LEU A 200 -20.01 1.58 -22.42
CA LEU A 200 -20.35 0.93 -23.68
C LEU A 200 -21.47 1.66 -24.43
N GLY A 201 -22.10 2.67 -23.82
CA GLY A 201 -23.30 3.27 -24.41
C GLY A 201 -24.37 2.19 -24.59
N ASN A 202 -25.24 2.34 -25.59
CA ASN A 202 -26.27 1.35 -25.87
C ASN A 202 -25.67 0.17 -26.65
N TYR A 203 -26.13 -1.04 -26.32
CA TYR A 203 -25.72 -2.20 -27.10
C TYR A 203 -26.84 -3.24 -27.06
N LYS A 204 -26.76 -4.19 -28.02
CA LYS A 204 -27.58 -5.39 -27.95
C LYS A 204 -26.67 -6.61 -28.10
N LEU A 205 -26.99 -7.63 -27.30
CA LEU A 205 -26.31 -8.91 -27.33
C LEU A 205 -27.34 -10.00 -27.64
N VAL A 206 -27.13 -10.71 -28.76
CA VAL A 206 -28.08 -11.71 -29.24
C VAL A 206 -27.47 -13.12 -29.15
N VAL A 207 -28.21 -14.06 -28.54
CA VAL A 207 -27.89 -15.46 -28.67
C VAL A 207 -28.90 -16.13 -29.61
N THR A 208 -28.42 -16.52 -30.78
CA THR A 208 -29.25 -17.00 -31.85
C THR A 208 -29.79 -18.38 -31.52
N LYS A 209 -30.89 -18.75 -32.21
CA LYS A 209 -31.59 -20.01 -32.04
C LYS A 209 -30.58 -21.15 -32.19
N GLY A 210 -29.77 -21.08 -33.25
CA GLY A 210 -28.80 -22.10 -33.57
C GLY A 210 -29.43 -23.30 -34.28
N LYS A 211 -28.56 -24.23 -34.68
CA LYS A 211 -28.89 -25.46 -35.39
C LYS A 211 -28.62 -26.65 -34.46
N GLY A 212 -29.52 -27.63 -34.47
CA GLY A 212 -29.38 -28.89 -33.79
C GLY A 212 -30.72 -29.37 -33.22
N VAL A 213 -30.83 -30.69 -33.02
CA VAL A 213 -32.03 -31.27 -32.46
C VAL A 213 -32.23 -30.79 -31.02
N ILE A 214 -33.44 -30.28 -30.74
CA ILE A 214 -33.84 -29.92 -29.39
C ILE A 214 -34.77 -31.02 -28.85
N PRO A 215 -34.34 -31.79 -27.82
CA PRO A 215 -35.14 -32.90 -27.31
C PRO A 215 -36.45 -32.38 -26.76
N GLN A 216 -37.49 -33.23 -26.76
CA GLN A 216 -38.82 -32.82 -26.35
C GLN A 216 -39.31 -33.83 -25.32
N SER A 217 -39.91 -33.37 -24.22
CA SER A 217 -40.30 -34.28 -23.15
C SER A 217 -41.81 -34.55 -23.20
N ASP A 218 -42.20 -35.82 -23.11
CA ASP A 218 -43.61 -36.17 -23.15
C ASP A 218 -44.20 -36.03 -21.76
N HIS A 219 -43.34 -35.75 -20.76
CA HIS A 219 -43.72 -35.77 -19.35
C HIS A 219 -44.81 -34.75 -18.98
N ASP A 220 -45.57 -35.07 -17.93
CA ASP A 220 -46.48 -34.17 -17.24
C ASP A 220 -45.87 -32.78 -17.04
N LEU A 221 -44.63 -32.74 -16.57
CA LEU A 221 -43.94 -31.50 -16.25
C LEU A 221 -43.99 -30.51 -17.41
N SER A 222 -43.97 -31.03 -18.64
CA SER A 222 -43.99 -30.18 -19.82
C SER A 222 -45.18 -29.19 -19.86
N ARG A 223 -46.29 -29.51 -19.18
CA ARG A 223 -47.41 -28.58 -19.12
C ARG A 223 -47.05 -27.35 -18.30
N LEU A 224 -46.12 -27.48 -17.32
CA LEU A 224 -45.72 -26.34 -16.52
C LEU A 224 -44.40 -25.74 -17.02
N ARG A 225 -43.51 -26.57 -17.58
CA ARG A 225 -42.15 -26.13 -17.89
C ARG A 225 -41.90 -26.08 -19.39
N GLY A 226 -42.86 -26.60 -20.17
CA GLY A 226 -42.67 -26.67 -21.61
C GLY A 226 -42.06 -28.01 -22.01
N PRO A 227 -42.19 -28.39 -23.30
CA PRO A 227 -41.68 -29.68 -23.77
C PRO A 227 -40.15 -29.69 -23.86
N GLY A 228 -39.57 -28.48 -23.93
CA GLY A 228 -38.12 -28.30 -24.05
C GLY A 228 -37.82 -27.20 -25.05
N GLN A 229 -37.12 -26.15 -24.59
CA GLN A 229 -36.85 -24.95 -25.38
C GLN A 229 -35.71 -24.16 -24.72
N THR A 230 -35.21 -23.15 -25.44
CA THR A 230 -34.20 -22.25 -24.90
C THR A 230 -34.84 -21.45 -23.76
N VAL A 231 -34.11 -21.29 -22.66
CA VAL A 231 -34.62 -20.51 -21.53
C VAL A 231 -33.62 -19.44 -21.12
N VAL A 232 -34.15 -18.42 -20.43
CA VAL A 232 -33.35 -17.33 -19.90
C VAL A 232 -33.74 -17.06 -18.45
N GLN A 233 -32.74 -16.97 -17.56
CA GLN A 233 -32.98 -16.45 -16.23
C GLN A 233 -32.21 -15.15 -16.03
N SER A 234 -32.97 -14.13 -15.60
CA SER A 234 -32.46 -12.79 -15.34
C SER A 234 -32.41 -12.55 -13.84
N LEU A 235 -31.21 -12.32 -13.28
CA LEU A 235 -31.01 -12.25 -11.83
C LEU A 235 -30.18 -11.03 -11.46
N THR A 236 -30.11 -10.76 -10.16
CA THR A 236 -29.21 -9.75 -9.63
CA THR A 236 -29.15 -9.79 -9.67
C THR A 236 -28.53 -10.28 -8.36
N TYR A 237 -27.24 -9.97 -8.26
CA TYR A 237 -26.41 -10.26 -7.11
C TYR A 237 -25.57 -9.00 -6.89
N PRO A 238 -24.99 -8.80 -5.69
CA PRO A 238 -24.03 -7.70 -5.51
C PRO A 238 -22.86 -7.92 -6.46
N ASP A 239 -22.47 -6.84 -7.14
CA ASP A 239 -21.51 -6.82 -8.24
C ASP A 239 -20.27 -7.70 -8.03
N GLU A 240 -19.81 -7.85 -6.78
CA GLU A 240 -18.48 -8.37 -6.57
C GLU A 240 -18.47 -9.89 -6.68
N VAL A 241 -19.66 -10.52 -6.76
CA VAL A 241 -19.69 -11.97 -6.82
C VAL A 241 -20.11 -12.46 -8.20
N LEU A 242 -20.38 -11.54 -9.14
CA LEU A 242 -20.91 -11.92 -10.44
C LEU A 242 -19.98 -12.90 -11.16
N TRP A 243 -18.67 -12.88 -10.84
CA TRP A 243 -17.68 -13.69 -11.53
C TRP A 243 -17.92 -15.17 -11.22
N GLN A 244 -18.67 -15.44 -10.15
CA GLN A 244 -18.81 -16.82 -9.69
C GLN A 244 -19.91 -17.57 -10.48
N ALA A 245 -19.64 -17.76 -11.78
CA ALA A 245 -20.65 -18.20 -12.74
C ALA A 245 -21.19 -19.59 -12.38
N LYS A 246 -20.29 -20.51 -12.01
CA LYS A 246 -20.70 -21.87 -11.76
C LYS A 246 -21.62 -21.95 -10.53
N PRO A 247 -21.19 -21.46 -9.35
CA PRO A 247 -22.06 -21.49 -8.18
C PRO A 247 -23.38 -20.78 -8.45
N ILE A 248 -23.36 -19.69 -9.23
CA ILE A 248 -24.61 -18.97 -9.43
C ILE A 248 -25.53 -19.84 -10.29
N LEU A 249 -24.97 -20.49 -11.31
CA LEU A 249 -25.77 -21.35 -12.15
C LEU A 249 -26.40 -22.45 -11.29
N PHE A 250 -25.57 -23.09 -10.48
CA PHE A 250 -25.98 -24.28 -9.75
C PHE A 250 -27.04 -23.94 -8.70
N GLN A 251 -26.93 -22.75 -8.10
CA GLN A 251 -27.91 -22.31 -7.12
C GLN A 251 -29.29 -22.29 -7.81
N GLN A 252 -29.33 -21.81 -9.06
CA GLN A 252 -30.57 -21.78 -9.86
C GLN A 252 -31.08 -23.20 -10.18
N LEU A 253 -30.17 -24.10 -10.57
CA LEU A 253 -30.55 -25.48 -10.87
C LEU A 253 -31.10 -26.16 -9.62
N LYS A 254 -30.47 -25.92 -8.47
CA LYS A 254 -30.95 -26.51 -7.23
C LYS A 254 -32.34 -25.99 -6.87
N ALA A 255 -32.60 -24.69 -7.05
CA ALA A 255 -33.91 -24.14 -6.75
C ALA A 255 -34.96 -24.81 -7.65
N GLY A 256 -34.62 -24.97 -8.95
CA GLY A 256 -35.33 -25.80 -9.92
C GLY A 256 -35.64 -27.19 -9.40
N ILE A 257 -34.64 -27.87 -8.83
CA ILE A 257 -34.85 -29.23 -8.35
C ILE A 257 -35.78 -29.23 -7.13
N ASP A 258 -35.58 -28.26 -6.23
CA ASP A 258 -36.38 -28.14 -5.01
C ASP A 258 -37.85 -27.86 -5.33
N TRP A 259 -38.11 -27.12 -6.41
CA TRP A 259 -39.48 -26.87 -6.83
C TRP A 259 -40.17 -28.19 -7.25
N LEU A 260 -39.51 -29.01 -8.09
CA LEU A 260 -39.98 -30.36 -8.40
C LEU A 260 -40.32 -31.11 -7.12
N VAL A 261 -39.39 -31.13 -6.16
CA VAL A 261 -39.60 -31.91 -4.96
C VAL A 261 -40.86 -31.44 -4.24
N GLU A 262 -41.04 -30.12 -4.12
CA GLU A 262 -42.16 -29.58 -3.38
C GLU A 262 -43.48 -29.90 -4.09
N ASN A 263 -43.43 -30.12 -5.41
CA ASN A 263 -44.62 -30.21 -6.23
C ASN A 263 -44.82 -31.60 -6.82
N LYS A 264 -44.60 -32.67 -6.03
CA LYS A 264 -45.10 -34.01 -6.34
C LYS A 264 -44.52 -34.55 -7.65
N TYR A 265 -43.29 -34.14 -8.01
CA TYR A 265 -42.61 -34.81 -9.10
C TYR A 265 -41.54 -35.73 -8.52
N ASP A 266 -41.66 -37.04 -8.80
CA ASP A 266 -40.90 -38.00 -7.99
C ASP A 266 -40.51 -39.26 -8.76
N VAL A 267 -39.96 -40.22 -8.00
CA VAL A 267 -39.34 -41.45 -8.48
C VAL A 267 -40.43 -42.44 -8.92
N ALA A 268 -41.67 -42.21 -8.50
CA ALA A 268 -42.81 -42.91 -9.07
C ALA A 268 -42.72 -42.85 -10.60
N ASP A 269 -42.30 -41.68 -11.14
CA ASP A 269 -42.38 -41.32 -12.55
C ASP A 269 -41.61 -40.01 -12.80
N PRO A 270 -40.25 -40.05 -12.92
CA PRO A 270 -39.45 -38.83 -12.95
C PRO A 270 -39.32 -38.22 -14.34
N PRO A 271 -39.18 -36.88 -14.48
CA PRO A 271 -38.92 -36.29 -15.80
C PRO A 271 -37.53 -36.75 -16.22
N PRO A 272 -37.18 -36.70 -17.53
CA PRO A 272 -35.82 -37.00 -17.97
C PRO A 272 -34.80 -36.01 -17.36
N PRO A 273 -33.54 -36.45 -17.13
CA PRO A 273 -32.52 -35.60 -16.51
C PRO A 273 -32.41 -34.22 -17.13
N TRP A 274 -32.38 -34.19 -18.46
CA TRP A 274 -32.17 -32.93 -19.16
C TRP A 274 -33.30 -31.96 -18.90
N GLN A 275 -34.50 -32.48 -18.62
CA GLN A 275 -35.61 -31.60 -18.32
C GLN A 275 -35.54 -31.20 -16.84
N VAL A 276 -35.01 -32.10 -16.01
CA VAL A 276 -34.89 -31.77 -14.59
C VAL A 276 -33.89 -30.63 -14.40
N TYR A 277 -32.86 -30.59 -15.27
CA TYR A 277 -31.80 -29.60 -15.17
C TYR A 277 -32.02 -28.42 -16.10
N LEU A 278 -33.24 -28.25 -16.63
CA LEU A 278 -33.57 -27.13 -17.50
C LEU A 278 -34.31 -26.06 -16.70
N LEU A 279 -33.76 -24.86 -16.68
CA LEU A 279 -34.24 -23.82 -15.77
C LEU A 279 -35.64 -23.37 -16.22
N ALA A 280 -36.52 -23.06 -15.26
CA ALA A 280 -37.75 -22.39 -15.59
C ALA A 280 -37.43 -21.00 -16.16
N ASN A 281 -37.95 -20.70 -17.35
CA ASN A 281 -37.76 -19.43 -18.04
C ASN A 281 -38.29 -18.26 -17.20
N LYS A 282 -37.45 -17.23 -16.95
CA LYS A 282 -37.84 -16.00 -16.28
C LYS A 282 -36.93 -14.86 -16.75
N PRO A 283 -37.03 -14.41 -18.02
CA PRO A 283 -36.25 -13.27 -18.48
C PRO A 283 -36.70 -11.99 -17.78
N GLY A 284 -35.82 -10.96 -17.78
CA GLY A 284 -36.09 -9.74 -17.06
C GLY A 284 -34.91 -8.77 -17.07
N SER A 285 -34.94 -7.87 -16.09
CA SER A 285 -33.86 -6.96 -15.78
C SER A 285 -32.97 -7.63 -14.75
N GLY A 286 -31.65 -7.40 -14.87
CA GLY A 286 -30.74 -7.76 -13.79
C GLY A 286 -29.30 -7.56 -14.20
N ASN A 287 -28.37 -7.91 -13.30
CA ASN A 287 -26.95 -7.85 -13.63
C ASN A 287 -26.38 -9.25 -13.96
N VAL A 288 -27.23 -10.28 -13.90
CA VAL A 288 -26.87 -11.62 -14.37
C VAL A 288 -27.95 -12.20 -15.31
N HIS A 289 -27.53 -12.68 -16.50
CA HIS A 289 -28.41 -13.32 -17.47
C HIS A 289 -27.89 -14.72 -17.83
N ILE A 290 -28.67 -15.77 -17.52
CA ILE A 290 -28.32 -17.13 -17.88
C ILE A 290 -29.18 -17.58 -19.07
N VAL A 291 -28.52 -17.92 -20.18
CA VAL A 291 -29.14 -18.39 -21.39
C VAL A 291 -28.82 -19.89 -21.51
N GLN A 292 -29.82 -20.76 -21.43
CA GLN A 292 -29.58 -22.20 -21.40
C GLN A 292 -30.25 -22.85 -22.61
N LYS A 293 -29.52 -23.77 -23.25
CA LYS A 293 -30.00 -24.57 -24.38
C LYS A 293 -29.68 -26.02 -24.07
N VAL A 294 -30.57 -26.93 -24.50
CA VAL A 294 -30.21 -28.33 -24.51
C VAL A 294 -30.26 -28.82 -25.94
N PHE A 295 -29.30 -29.65 -26.30
CA PHE A 295 -29.20 -30.17 -27.65
C PHE A 295 -29.04 -31.69 -27.58
N GLU A 296 -29.62 -32.36 -28.58
CA GLU A 296 -29.35 -33.77 -28.83
C GLU A 296 -28.48 -33.85 -30.09
N GLY A 297 -27.34 -34.51 -29.98
CA GLY A 297 -26.43 -34.57 -31.13
C GLY A 297 -25.66 -33.28 -31.37
N ASP A 298 -25.19 -33.08 -32.61
CA ASP A 298 -24.36 -31.92 -32.93
C ASP A 298 -25.18 -30.64 -32.77
N PHE A 299 -24.49 -29.52 -32.53
CA PHE A 299 -25.15 -28.24 -32.40
C PHE A 299 -24.23 -27.09 -32.80
N GLU A 300 -24.84 -25.91 -32.94
CA GLU A 300 -24.12 -24.65 -33.09
C GLU A 300 -25.08 -23.49 -32.86
N PHE A 301 -24.54 -22.36 -32.40
CA PHE A 301 -25.28 -21.14 -32.17
C PHE A 301 -24.31 -19.96 -32.22
N ASP A 302 -24.87 -18.77 -32.51
CA ASP A 302 -24.05 -17.57 -32.61
C ASP A 302 -24.30 -16.63 -31.42
N ILE A 303 -23.28 -15.81 -31.13
CA ILE A 303 -23.46 -14.72 -30.18
C ILE A 303 -23.10 -13.46 -30.94
N LEU A 304 -24.03 -12.51 -30.97
CA LEU A 304 -23.81 -11.33 -31.78
C LEU A 304 -23.94 -10.08 -30.91
N PHE A 305 -22.81 -9.38 -30.76
CA PHE A 305 -22.79 -8.21 -29.91
C PHE A 305 -22.80 -6.98 -30.81
N SER A 306 -23.85 -6.17 -30.66
CA SER A 306 -24.06 -5.06 -31.58
C SER A 306 -23.96 -3.74 -30.84
N SER A 307 -22.87 -3.04 -31.11
CA SER A 307 -22.63 -1.73 -30.49
C SER A 307 -23.53 -0.71 -31.18
N GLU A 308 -24.38 -0.03 -30.40
CA GLU A 308 -25.45 0.72 -31.04
C GLU A 308 -24.89 1.92 -31.81
N SER A 309 -23.84 2.53 -31.26
CA SER A 309 -23.22 3.69 -31.84
C SER A 309 -22.60 3.38 -33.21
N ALA A 310 -22.59 2.11 -33.62
CA ALA A 310 -21.99 1.74 -34.90
C ALA A 310 -23.06 1.64 -35.97
N GLY A 311 -22.67 1.11 -37.14
CA GLY A 311 -23.57 0.90 -38.28
C GLY A 311 -24.82 0.08 -37.94
N LYS A 312 -25.21 -0.79 -38.87
CA LYS A 312 -26.29 -1.72 -38.61
C LYS A 312 -25.80 -2.75 -37.60
N GLU A 313 -26.75 -3.39 -36.91
CA GLU A 313 -26.42 -4.42 -35.95
C GLU A 313 -25.79 -5.62 -36.68
N VAL A 314 -24.90 -6.36 -35.97
CA VAL A 314 -24.17 -7.52 -36.48
C VAL A 314 -25.15 -8.66 -36.78
N THR A 315 -24.90 -9.36 -37.91
CA THR A 315 -25.68 -10.53 -38.29
C THR A 315 -24.74 -11.73 -38.34
N SER A 316 -25.32 -12.95 -38.39
CA SER A 316 -24.59 -14.19 -38.54
C SER A 316 -23.86 -14.21 -39.88
N LYS A 317 -24.44 -13.57 -40.91
CA LYS A 317 -23.77 -13.52 -42.20
C LYS A 317 -22.46 -12.74 -42.04
N ASP A 318 -22.54 -11.63 -41.31
CA ASP A 318 -21.40 -10.81 -40.94
C ASP A 318 -20.28 -11.65 -40.30
N LEU A 319 -20.68 -12.56 -39.39
CA LEU A 319 -19.76 -13.35 -38.60
C LEU A 319 -18.97 -14.28 -39.51
N GLU A 320 -19.71 -15.04 -40.33
CA GLU A 320 -19.12 -16.05 -41.19
C GLU A 320 -18.08 -15.38 -42.09
N ARG A 321 -18.43 -14.19 -42.60
CA ARG A 321 -17.60 -13.48 -43.55
C ARG A 321 -16.37 -12.94 -42.84
N GLU A 322 -16.55 -12.31 -41.69
CA GLU A 322 -15.38 -11.77 -41.01
C GLU A 322 -14.46 -12.86 -40.45
N VAL A 323 -15.02 -14.02 -40.10
CA VAL A 323 -14.21 -15.18 -39.73
C VAL A 323 -13.28 -15.52 -40.90
N LYS A 324 -13.85 -15.62 -42.11
CA LYS A 324 -13.07 -16.04 -43.26
C LYS A 324 -11.98 -15.01 -43.55
N GLN A 325 -12.34 -13.74 -43.36
CA GLN A 325 -11.43 -12.66 -43.70
C GLN A 325 -10.26 -12.70 -42.73
N ALA A 326 -10.55 -12.87 -41.43
CA ALA A 326 -9.55 -12.84 -40.38
C ALA A 326 -8.50 -13.93 -40.59
N THR A 327 -8.95 -15.12 -41.03
CA THR A 327 -8.11 -16.26 -41.35
C THR A 327 -7.11 -15.93 -42.45
N GLU A 328 -7.57 -15.24 -43.50
CA GLU A 328 -6.73 -14.91 -44.64
C GLU A 328 -5.60 -14.00 -44.15
N VAL A 329 -5.99 -12.97 -43.39
CA VAL A 329 -5.08 -11.97 -42.86
C VAL A 329 -4.05 -12.64 -41.95
N PHE A 330 -4.52 -13.51 -41.04
CA PHE A 330 -3.62 -14.23 -40.15
C PHE A 330 -2.61 -15.01 -40.99
N GLY A 331 -3.12 -15.76 -41.99
CA GLY A 331 -2.31 -16.52 -42.93
C GLY A 331 -1.15 -15.71 -43.53
N GLU A 332 -1.47 -14.52 -44.06
CA GLU A 332 -0.53 -13.69 -44.80
C GLU A 332 0.47 -13.05 -43.83
N ARG A 333 -0.01 -12.64 -42.64
CA ARG A 333 0.87 -12.03 -41.67
C ARG A 333 1.88 -13.06 -41.17
N PHE A 334 1.40 -14.28 -40.90
CA PHE A 334 2.28 -15.31 -40.38
C PHE A 334 3.45 -15.52 -41.31
N ALA A 335 3.17 -15.66 -42.62
CA ALA A 335 4.17 -16.07 -43.59
C ALA A 335 5.23 -14.97 -43.74
N ARG A 336 4.83 -13.71 -43.47
CA ARG A 336 5.76 -12.58 -43.50
C ARG A 336 6.51 -12.48 -42.18
N VAL A 337 5.78 -12.59 -41.06
CA VAL A 337 6.40 -12.25 -39.78
C VAL A 337 7.23 -13.44 -39.26
N PHE A 338 6.75 -14.66 -39.47
CA PHE A 338 7.36 -15.87 -38.96
C PHE A 338 7.70 -16.79 -40.12
N ASP A 339 8.71 -16.40 -40.89
CA ASP A 339 9.07 -17.12 -42.08
C ASP A 339 10.12 -18.14 -41.68
N LEU A 340 9.69 -19.40 -41.55
CA LEU A 340 10.53 -20.39 -40.90
C LEU A 340 11.64 -20.82 -41.86
N LYS A 341 12.89 -20.79 -41.37
CA LYS A 341 14.06 -21.15 -42.16
C LYS A 341 14.40 -22.62 -41.99
N ALA A 342 15.30 -23.09 -42.87
CA ALA A 342 15.77 -24.46 -42.92
C ALA A 342 16.32 -24.89 -41.56
N PRO A 343 16.14 -26.17 -41.17
CA PRO A 343 15.38 -27.15 -41.95
C PRO A 343 13.90 -27.25 -41.56
N PHE A 344 13.32 -26.11 -41.17
CA PHE A 344 11.93 -26.12 -40.73
C PHE A 344 10.98 -25.44 -41.71
N GLN A 345 11.32 -25.38 -43.00
CA GLN A 345 10.46 -24.65 -43.93
C GLN A 345 9.18 -25.42 -44.26
N GLY A 346 9.13 -26.73 -43.95
CA GLY A 346 8.03 -27.60 -44.32
C GLY A 346 6.71 -27.26 -43.59
N ASP A 347 5.61 -27.85 -44.08
CA ASP A 347 4.24 -27.53 -43.67
C ASP A 347 3.93 -28.02 -42.25
N ASN A 348 4.62 -29.09 -41.83
CA ASN A 348 4.40 -29.68 -40.52
C ASN A 348 4.92 -28.71 -39.44
N TYR A 349 6.08 -28.09 -39.72
CA TYR A 349 6.71 -27.11 -38.85
C TYR A 349 5.92 -25.82 -38.86
N LYS A 350 5.29 -25.50 -40.01
CA LYS A 350 4.48 -24.30 -40.15
C LYS A 350 3.26 -24.41 -39.24
N LYS A 351 2.60 -25.55 -39.28
CA LYS A 351 1.42 -25.78 -38.49
C LYS A 351 1.79 -25.75 -37.00
N PHE A 352 2.98 -26.24 -36.67
CA PHE A 352 3.48 -26.26 -35.30
C PHE A 352 3.72 -24.83 -34.81
N GLY A 353 4.43 -24.04 -35.62
CA GLY A 353 4.69 -22.63 -35.31
C GLY A 353 3.41 -21.83 -35.10
N LYS A 354 2.40 -22.07 -35.95
CA LYS A 354 1.12 -21.40 -35.85
C LYS A 354 0.41 -21.78 -34.55
N SER A 355 0.58 -23.03 -34.13
CA SER A 355 -0.08 -23.47 -32.91
C SER A 355 0.59 -22.84 -31.70
N MET A 356 1.93 -22.84 -31.69
CA MET A 356 2.70 -22.32 -30.57
C MET A 356 2.47 -20.81 -30.48
N PHE A 357 2.44 -20.18 -31.64
CA PHE A 357 2.30 -18.73 -31.62
C PHE A 357 0.90 -18.35 -31.17
N SER A 358 -0.09 -18.99 -31.79
CA SER A 358 -1.46 -18.56 -31.53
C SER A 358 -1.83 -18.77 -30.08
N ASN A 359 -1.29 -19.84 -29.48
CA ASN A 359 -1.57 -20.11 -28.07
C ASN A 359 -0.92 -19.06 -27.18
N LEU A 360 0.24 -18.54 -27.58
CA LEU A 360 0.90 -17.57 -26.74
C LEU A 360 0.13 -16.27 -26.81
N ILE A 361 -0.20 -15.85 -28.04
CA ILE A 361 -0.79 -14.52 -28.15
C ILE A 361 -2.24 -14.62 -27.75
N GLY A 362 -2.83 -15.82 -27.94
CA GLY A 362 -4.20 -16.09 -27.48
C GLY A 362 -4.36 -16.13 -25.96
N GLY A 363 -3.24 -16.10 -25.23
CA GLY A 363 -3.31 -16.13 -23.78
C GLY A 363 -3.62 -14.76 -23.16
N ILE A 364 -3.64 -13.73 -24.01
CA ILE A 364 -3.73 -12.35 -23.53
C ILE A 364 -4.97 -12.19 -22.69
N GLY A 365 -4.78 -11.71 -21.48
CA GLY A 365 -5.91 -11.49 -20.60
C GLY A 365 -6.00 -10.03 -20.19
N TYR A 366 -7.19 -9.60 -19.76
CA TYR A 366 -7.36 -8.38 -19.00
C TYR A 366 -7.81 -8.75 -17.59
N PHE A 367 -7.08 -8.24 -16.59
CA PHE A 367 -7.34 -8.57 -15.19
C PHE A 367 -7.52 -7.27 -14.40
N TYR A 368 -8.34 -7.33 -13.34
CA TYR A 368 -8.77 -6.13 -12.63
C TYR A 368 -9.10 -6.47 -11.19
N GLY A 369 -8.61 -5.66 -10.23
CA GLY A 369 -9.00 -5.89 -8.85
C GLY A 369 -7.90 -5.58 -7.86
N HIS A 370 -8.09 -6.01 -6.60
CA HIS A 370 -7.11 -5.77 -5.55
C HIS A 370 -6.06 -6.89 -5.54
N SER A 371 -4.81 -6.56 -5.13
CA SER A 371 -3.74 -7.51 -4.83
C SER A 371 -3.42 -7.45 -3.34
N LEU A 372 -2.80 -8.52 -2.84
CA LEU A 372 -2.49 -8.71 -1.44
C LEU A 372 -0.99 -8.48 -1.25
N VAL A 373 -0.65 -7.41 -0.50
CA VAL A 373 0.71 -6.91 -0.37
C VAL A 373 1.01 -6.67 1.11
N ASP A 374 2.21 -7.09 1.54
CA ASP A 374 2.71 -6.78 2.87
C ASP A 374 3.42 -5.44 2.76
N ARG A 375 2.80 -4.37 3.31
CA ARG A 375 3.40 -3.03 3.19
C ARG A 375 4.04 -2.64 4.53
N SER A 376 4.33 -3.63 5.38
CA SER A 376 4.92 -3.37 6.67
C SER A 376 6.38 -2.89 6.62
N TYR A 377 7.02 -2.93 5.44
CA TYR A 377 8.48 -2.98 5.30
C TYR A 377 9.16 -3.42 6.61
N ALA A 378 8.76 -4.57 7.15
CA ALA A 378 9.37 -4.99 8.40
C ALA A 378 10.89 -4.96 8.22
N PRO A 379 11.66 -4.57 9.26
CA PRO A 379 13.11 -4.53 9.16
C PRO A 379 13.77 -5.90 8.94
N GLU A 380 13.12 -6.98 9.39
CA GLU A 380 13.53 -8.34 9.06
C GLU A 380 13.68 -8.58 7.57
N TYR A 381 13.05 -7.76 6.70
CA TYR A 381 13.06 -7.98 5.25
C TYR A 381 14.33 -7.39 4.63
N ASP A 382 15.14 -6.74 5.48
CA ASP A 382 16.40 -6.18 5.01
C ASP A 382 17.42 -7.29 4.83
N GLU A 383 17.23 -8.39 5.57
CA GLU A 383 18.03 -9.60 5.51
C GLU A 383 19.50 -9.23 5.67
N GLU A 384 19.88 -8.60 6.80
CA GLU A 384 21.23 -8.08 6.95
C GLU A 384 22.05 -8.99 7.85
N ASN A 385 21.37 -9.91 8.55
CA ASN A 385 21.99 -10.81 9.51
C ASN A 385 22.09 -12.23 8.94
N GLU A 386 22.93 -13.05 9.59
CA GLU A 386 22.97 -14.48 9.34
C GLU A 386 21.69 -15.11 9.86
N GLY A 387 21.12 -16.05 9.08
CA GLY A 387 19.93 -16.74 9.54
C GLY A 387 18.67 -15.94 9.16
N PHE A 388 18.85 -14.97 8.25
CA PHE A 388 17.85 -13.96 7.95
C PHE A 388 16.53 -14.56 7.51
N TRP A 389 16.54 -15.81 7.02
CA TRP A 389 15.32 -16.41 6.50
C TRP A 389 14.33 -16.65 7.64
N GLU A 390 14.87 -16.89 8.85
CA GLU A 390 14.07 -17.14 10.04
C GLU A 390 13.44 -15.82 10.53
N ASP A 391 14.21 -14.74 10.46
CA ASP A 391 13.70 -13.41 10.79
C ASP A 391 12.51 -13.10 9.88
N ALA A 392 12.74 -13.20 8.56
CA ALA A 392 11.72 -12.91 7.55
C ALA A 392 10.47 -13.76 7.75
N ALA A 393 10.62 -15.05 8.10
CA ALA A 393 9.44 -15.87 8.37
C ALA A 393 8.68 -15.34 9.58
N GLU A 394 9.42 -14.88 10.59
CA GLU A 394 8.78 -14.31 11.77
C GLU A 394 7.99 -13.06 11.39
N ALA A 395 8.52 -12.25 10.47
CA ALA A 395 7.81 -11.06 10.02
C ALA A 395 6.54 -11.44 9.27
N ARG A 396 6.69 -12.28 8.24
CA ARG A 396 5.55 -12.76 7.45
C ARG A 396 4.46 -13.29 8.40
N ALA A 397 4.89 -13.93 9.49
CA ALA A 397 3.93 -14.48 10.44
C ALA A 397 3.17 -13.38 11.22
N ARG A 398 3.51 -12.10 11.01
CA ARG A 398 2.75 -11.02 11.64
C ARG A 398 1.47 -10.76 10.83
N HIS A 399 1.41 -11.23 9.58
CA HIS A 399 0.30 -11.06 8.65
C HIS A 399 -0.24 -9.63 8.65
N GLN A 400 0.60 -8.68 8.25
CA GLN A 400 0.27 -7.26 8.10
C GLN A 400 -0.20 -6.98 6.68
N GLU A 401 -0.34 -8.04 5.87
CA GLU A 401 -0.66 -7.79 4.47
C GLU A 401 -2.12 -7.41 4.38
N ALA A 402 -2.41 -6.55 3.41
CA ALA A 402 -3.74 -6.00 3.16
C ALA A 402 -3.96 -5.93 1.66
N LEU A 403 -5.23 -6.06 1.25
CA LEU A 403 -5.60 -5.82 -0.13
C LEU A 403 -5.40 -4.34 -0.45
N GLU A 404 -4.96 -4.08 -1.69
CA GLU A 404 -4.77 -2.73 -2.15
C GLU A 404 -5.08 -2.71 -3.64
N GLY A 405 -5.39 -1.52 -4.15
CA GLY A 405 -5.69 -1.29 -5.55
C GLY A 405 -6.92 -0.38 -5.67
N PRO A 406 -7.85 -0.65 -6.60
CA PRO A 406 -7.73 -1.79 -7.51
C PRO A 406 -6.67 -1.48 -8.55
N TYR A 407 -6.15 -2.53 -9.18
CA TYR A 407 -5.27 -2.40 -10.34
C TYR A 407 -5.89 -3.10 -11.54
N GLU A 408 -5.40 -2.76 -12.72
CA GLU A 408 -5.71 -3.49 -13.93
C GLU A 408 -4.40 -3.94 -14.56
N LEU A 409 -4.46 -5.01 -15.37
CA LEU A 409 -3.32 -5.44 -16.16
C LEU A 409 -3.82 -6.12 -17.42
N PHE A 410 -3.11 -5.81 -18.51
CA PHE A 410 -3.30 -6.38 -19.84
C PHE A 410 -2.02 -7.11 -20.20
N THR A 411 -2.07 -8.44 -20.19
CA THR A 411 -0.85 -9.22 -20.24
C THR A 411 -1.09 -10.59 -20.84
N SER A 412 -0.04 -11.17 -21.44
CA SER A 412 -0.08 -12.58 -21.79
C SER A 412 0.33 -13.36 -20.53
N ILE A 413 0.19 -14.68 -20.54
CA ILE A 413 0.31 -15.48 -19.33
C ILE A 413 1.07 -16.77 -19.66
N PRO A 414 1.66 -17.46 -18.67
CA PRO A 414 2.34 -18.72 -18.94
C PRO A 414 1.42 -19.90 -19.24
N SER A 415 0.28 -20.01 -18.53
CA SER A 415 -0.48 -21.26 -18.51
C SER A 415 -1.96 -21.01 -18.21
N ARG A 416 -2.82 -21.26 -19.19
CA ARG A 416 -4.25 -21.09 -18.96
C ARG A 416 -4.72 -21.98 -17.81
N PRO A 417 -4.42 -23.29 -17.79
CA PRO A 417 -4.99 -24.15 -16.75
C PRO A 417 -4.38 -24.00 -15.36
N PHE A 418 -3.10 -23.62 -15.26
CA PHE A 418 -2.45 -23.69 -13.95
C PHE A 418 -2.09 -22.30 -13.38
N PHE A 419 -1.72 -21.34 -14.22
CA PHE A 419 -1.43 -20.02 -13.66
C PHE A 419 -1.75 -18.93 -14.68
N PRO A 420 -3.04 -18.59 -14.86
CA PRO A 420 -3.44 -17.63 -15.88
C PRO A 420 -3.37 -16.21 -15.33
N ARG A 421 -2.15 -15.68 -15.23
CA ARG A 421 -1.98 -14.33 -14.73
C ARG A 421 -0.56 -13.88 -15.04
N GLY A 422 -0.33 -12.57 -14.82
CA GLY A 422 0.91 -11.91 -15.20
C GLY A 422 2.05 -12.37 -14.31
N PHE A 423 3.17 -12.77 -14.94
CA PHE A 423 4.42 -13.01 -14.23
C PHE A 423 5.49 -12.15 -14.89
N LEU A 424 6.25 -11.44 -14.05
CA LEU A 424 7.06 -10.31 -14.51
C LEU A 424 8.13 -10.78 -15.51
N TRP A 425 9.05 -11.68 -15.10
CA TRP A 425 10.12 -12.04 -16.02
C TRP A 425 9.64 -12.90 -17.21
N ASP A 426 8.53 -13.65 -17.01
CA ASP A 426 7.96 -14.43 -18.10
C ASP A 426 7.53 -13.47 -19.20
N GLU A 427 6.99 -12.31 -18.81
CA GLU A 427 6.36 -11.48 -19.83
C GLU A 427 7.39 -10.95 -20.81
N GLY A 428 8.60 -10.72 -20.30
CA GLY A 428 9.74 -10.39 -21.15
C GLY A 428 9.95 -11.42 -22.27
N PHE A 429 9.82 -12.71 -21.94
CA PHE A 429 9.97 -13.74 -22.95
C PHE A 429 8.74 -13.79 -23.85
N HIS A 430 7.53 -13.67 -23.28
CA HIS A 430 6.31 -13.80 -24.06
C HIS A 430 6.25 -12.72 -25.13
N LEU A 431 6.73 -11.50 -24.80
CA LEU A 431 6.57 -10.40 -25.74
C LEU A 431 7.59 -10.44 -26.89
N LEU A 432 8.64 -11.27 -26.77
CA LEU A 432 9.60 -11.31 -27.88
C LEU A 432 8.89 -11.70 -29.19
N PRO A 433 8.11 -12.80 -29.28
CA PRO A 433 7.42 -13.11 -30.52
C PRO A 433 6.24 -12.19 -30.81
N ILE A 434 5.55 -11.78 -29.75
CA ILE A 434 4.39 -10.94 -29.92
C ILE A 434 4.83 -9.62 -30.55
N ALA A 435 5.99 -9.08 -30.10
CA ALA A 435 6.48 -7.80 -30.58
C ALA A 435 6.73 -7.88 -32.08
N ASP A 436 7.26 -9.02 -32.53
CA ASP A 436 7.49 -9.18 -33.95
C ASP A 436 6.17 -9.05 -34.67
N TRP A 437 5.14 -9.67 -34.09
CA TRP A 437 3.84 -9.77 -34.73
C TRP A 437 3.15 -8.41 -34.76
N ASP A 438 3.30 -7.63 -33.69
CA ASP A 438 2.50 -6.43 -33.44
C ASP A 438 3.16 -5.65 -32.31
N ILE A 439 4.10 -4.77 -32.69
CA ILE A 439 4.94 -4.06 -31.72
C ILE A 439 4.08 -3.13 -30.87
N ASP A 440 3.02 -2.58 -31.44
CA ASP A 440 2.12 -1.70 -30.70
C ASP A 440 1.40 -2.48 -29.61
N LEU A 441 1.00 -3.72 -29.95
CA LEU A 441 0.43 -4.57 -28.94
C LEU A 441 1.45 -4.74 -27.81
N ALA A 442 2.69 -5.11 -28.15
CA ALA A 442 3.67 -5.41 -27.12
C ALA A 442 3.90 -4.19 -26.23
N LEU A 443 4.00 -3.00 -26.87
CA LEU A 443 4.28 -1.77 -26.14
C LEU A 443 3.15 -1.42 -25.19
N GLU A 444 1.93 -1.74 -25.63
CA GLU A 444 0.75 -1.57 -24.79
C GLU A 444 0.91 -2.42 -23.51
N ILE A 445 1.37 -3.68 -23.70
CA ILE A 445 1.46 -4.61 -22.58
C ILE A 445 2.56 -4.09 -21.66
N ILE A 446 3.68 -3.67 -22.24
CA ILE A 446 4.76 -3.08 -21.46
C ILE A 446 4.19 -1.89 -20.65
N LYS A 447 3.43 -1.00 -21.31
CA LYS A 447 2.85 0.15 -20.63
C LYS A 447 1.99 -0.32 -19.46
N SER A 448 1.08 -1.25 -19.79
CA SER A 448 0.23 -1.83 -18.78
C SER A 448 1.07 -2.29 -17.58
N TRP A 449 2.20 -2.97 -17.84
CA TRP A 449 3.00 -3.47 -16.74
C TRP A 449 3.61 -2.30 -15.96
N TYR A 450 4.24 -1.36 -16.67
CA TYR A 450 4.91 -0.30 -15.93
C TYR A 450 3.93 0.56 -15.15
N ASN A 451 2.65 0.62 -15.57
CA ASN A 451 1.67 1.41 -14.83
C ASN A 451 1.39 0.84 -13.44
N LEU A 452 1.92 -0.36 -13.17
CA LEU A 452 1.70 -0.94 -11.85
C LEU A 452 2.77 -0.45 -10.88
N MET A 453 3.83 0.19 -11.41
CA MET A 453 5.01 0.38 -10.57
C MET A 453 4.68 1.40 -9.46
N ASP A 454 5.05 1.06 -8.21
CA ASP A 454 4.81 1.87 -7.03
C ASP A 454 5.82 3.03 -7.00
N GLU A 455 5.74 3.89 -5.96
CA GLU A 455 6.60 5.08 -5.88
C GLU A 455 8.10 4.73 -5.77
N ASP A 456 8.45 3.63 -5.08
CA ASP A 456 9.85 3.26 -4.85
C ASP A 456 10.52 2.69 -6.10
N GLY A 457 9.71 2.13 -7.03
CA GLY A 457 10.18 1.47 -8.25
C GLY A 457 9.88 -0.04 -8.31
N TRP A 458 8.94 -0.51 -7.49
CA TRP A 458 8.64 -1.93 -7.38
C TRP A 458 7.38 -2.27 -8.18
N ILE A 459 7.51 -3.29 -9.03
CA ILE A 459 6.40 -4.04 -9.59
C ILE A 459 6.42 -5.45 -9.00
N ALA A 460 5.27 -5.93 -8.53
CA ALA A 460 5.17 -7.27 -7.99
C ALA A 460 5.41 -8.28 -9.12
N ARG A 461 6.16 -9.35 -8.80
CA ARG A 461 6.61 -10.28 -9.81
C ARG A 461 5.46 -11.17 -10.28
N GLU A 462 4.39 -11.26 -9.47
CA GLU A 462 3.24 -12.11 -9.74
C GLU A 462 1.97 -11.29 -9.51
N GLN A 463 1.17 -11.10 -10.54
CA GLN A 463 0.10 -10.12 -10.47
C GLN A 463 -1.23 -10.88 -10.38
N ILE A 464 -1.75 -11.01 -9.15
CA ILE A 464 -2.98 -11.69 -8.79
C ILE A 464 -4.04 -10.65 -8.46
N LEU A 465 -4.84 -10.27 -9.47
CA LEU A 465 -5.68 -9.08 -9.45
C LEU A 465 -7.14 -9.51 -9.38
N GLY A 466 -7.79 -9.28 -8.24
CA GLY A 466 -9.22 -9.51 -8.13
C GLY A 466 -9.54 -10.90 -7.57
N ALA A 467 -10.75 -11.05 -7.04
CA ALA A 467 -11.17 -12.28 -6.37
C ALA A 467 -11.20 -13.48 -7.33
N GLU A 468 -11.52 -13.23 -8.60
CA GLU A 468 -11.52 -14.24 -9.62
C GLU A 468 -10.10 -14.79 -9.77
N ALA A 469 -9.11 -13.90 -9.96
CA ALA A 469 -7.72 -14.33 -10.05
C ALA A 469 -7.28 -15.07 -8.79
N ARG A 470 -7.68 -14.60 -7.60
CA ARG A 470 -7.28 -15.18 -6.33
C ARG A 470 -7.83 -16.60 -6.15
N SER A 471 -8.91 -16.93 -6.85
CA SER A 471 -9.63 -18.16 -6.59
C SER A 471 -8.75 -19.36 -6.95
N LYS A 472 -7.78 -19.12 -7.83
CA LYS A 472 -6.91 -20.15 -8.40
C LYS A 472 -5.61 -20.26 -7.64
N VAL A 473 -5.49 -19.57 -6.49
CA VAL A 473 -4.21 -19.39 -5.84
C VAL A 473 -4.38 -19.62 -4.34
N PRO A 474 -3.70 -20.62 -3.74
CA PRO A 474 -3.87 -20.86 -2.30
C PRO A 474 -3.43 -19.59 -1.55
N LYS A 475 -4.16 -19.25 -0.47
CA LYS A 475 -3.98 -18.03 0.29
C LYS A 475 -2.49 -17.80 0.60
N GLU A 476 -1.82 -18.89 0.97
CA GLU A 476 -0.44 -18.92 1.42
C GLU A 476 0.52 -18.45 0.33
N PHE A 477 0.03 -18.27 -0.90
CA PHE A 477 0.93 -17.91 -1.98
C PHE A 477 0.48 -16.63 -2.66
N GLN A 478 -0.46 -15.88 -2.05
CA GLN A 478 -0.98 -14.69 -2.72
C GLN A 478 -0.14 -13.45 -2.42
N THR A 479 0.42 -13.37 -1.21
CA THR A 479 1.03 -12.16 -0.69
C THR A 479 2.29 -11.80 -1.48
N GLN A 480 2.30 -10.58 -2.04
CA GLN A 480 3.47 -9.99 -2.66
C GLN A 480 4.30 -9.21 -1.62
N TYR A 481 5.62 -9.14 -1.86
CA TYR A 481 6.56 -8.52 -0.92
C TYR A 481 7.38 -7.47 -1.67
N PRO A 482 7.33 -6.17 -1.23
CA PRO A 482 7.99 -5.10 -1.98
C PRO A 482 9.51 -5.17 -2.09
N HIS A 483 10.16 -6.10 -1.36
CA HIS A 483 11.60 -6.29 -1.52
C HIS A 483 11.92 -7.44 -2.51
N TYR A 484 10.89 -8.09 -3.08
CA TYR A 484 11.12 -9.19 -4.02
C TYR A 484 11.18 -8.67 -5.46
N ALA A 485 12.34 -8.84 -6.09
CA ALA A 485 12.53 -8.51 -7.49
C ALA A 485 12.17 -9.74 -8.33
N ASN A 486 12.39 -9.62 -9.65
CA ASN A 486 12.31 -10.68 -10.64
C ASN A 486 13.14 -10.14 -11.82
N PRO A 487 13.72 -10.99 -12.69
CA PRO A 487 14.50 -10.47 -13.80
C PRO A 487 13.75 -9.47 -14.67
N PRO A 488 14.46 -8.38 -15.05
CA PRO A 488 13.90 -7.33 -15.90
C PRO A 488 13.98 -7.60 -17.40
N THR A 489 13.40 -8.75 -17.80
CA THR A 489 13.43 -9.22 -19.19
C THR A 489 12.58 -8.36 -20.11
N LEU A 490 11.65 -7.57 -19.54
CA LEU A 490 10.94 -6.64 -20.39
C LEU A 490 11.92 -5.65 -21.06
N PHE A 491 13.12 -5.48 -20.49
CA PHE A 491 14.12 -4.62 -21.13
C PHE A 491 14.58 -5.27 -22.44
N LEU A 492 14.55 -6.60 -22.51
CA LEU A 492 14.91 -7.29 -23.75
C LEU A 492 13.99 -6.86 -24.90
N VAL A 493 12.70 -6.73 -24.61
CA VAL A 493 11.73 -6.36 -25.64
C VAL A 493 11.99 -4.92 -26.07
N LEU A 494 12.26 -4.08 -25.08
CA LEU A 494 12.49 -2.66 -25.27
C LEU A 494 13.69 -2.50 -26.20
N ASP A 495 14.72 -3.32 -25.97
CA ASP A 495 15.93 -3.33 -26.77
C ASP A 495 15.62 -3.60 -28.24
N ASN A 496 14.65 -4.49 -28.52
CA ASN A 496 14.44 -4.91 -29.90
C ASN A 496 13.64 -3.84 -30.63
N PHE A 497 12.81 -3.11 -29.86
CA PHE A 497 11.99 -2.02 -30.36
C PHE A 497 12.91 -0.85 -30.74
N VAL A 498 13.88 -0.56 -29.86
CA VAL A 498 14.93 0.42 -30.08
C VAL A 498 15.70 0.12 -31.36
N GLU A 499 16.11 -1.15 -31.57
CA GLU A 499 16.81 -1.50 -32.80
C GLU A 499 15.86 -1.35 -33.97
N ARG A 500 14.57 -1.61 -33.76
CA ARG A 500 13.65 -1.49 -34.87
C ARG A 500 13.49 -0.02 -35.26
N LEU A 501 13.55 0.86 -34.25
CA LEU A 501 13.33 2.29 -34.40
C LEU A 501 14.51 2.95 -35.12
N ARG A 502 15.74 2.49 -34.82
CA ARG A 502 16.96 2.96 -35.47
C ARG A 502 16.95 2.58 -36.96
N LYS A 503 16.75 1.29 -37.28
CA LYS A 503 16.72 0.82 -38.66
C LYS A 503 15.27 0.86 -39.20
N LEU A 517 -6.77 -0.38 -41.19
CA LEU A 517 -6.22 0.39 -40.03
C LEU A 517 -5.49 -0.58 -39.09
N ASP A 518 -5.75 -1.89 -39.24
CA ASP A 518 -5.16 -2.93 -38.42
C ASP A 518 -3.73 -3.23 -38.89
N GLU A 519 -3.53 -3.22 -40.21
CA GLU A 519 -2.20 -3.29 -40.82
C GLU A 519 -1.34 -2.14 -40.30
N THR A 520 -1.87 -0.91 -40.43
CA THR A 520 -1.25 0.33 -40.00
C THR A 520 -0.95 0.32 -38.50
N LEU A 521 -1.96 -0.04 -37.69
CA LEU A 521 -2.00 0.17 -36.25
C LEU A 521 -0.94 -0.68 -35.55
N SER A 522 -0.72 -1.90 -36.06
CA SER A 522 0.24 -2.84 -35.49
C SER A 522 1.66 -2.27 -35.46
N THR A 523 2.05 -1.46 -36.47
CA THR A 523 3.43 -0.96 -36.57
C THR A 523 3.54 0.57 -36.46
N ALA A 524 2.49 1.24 -36.00
CA ALA A 524 2.47 2.70 -35.93
C ALA A 524 3.58 3.26 -35.06
N SER A 525 4.20 2.45 -34.21
CA SER A 525 5.13 2.99 -33.23
C SER A 525 6.57 2.94 -33.76
N VAL A 526 6.75 2.25 -34.88
CA VAL A 526 8.06 2.21 -35.51
C VAL A 526 8.03 3.05 -36.79
N ASP A 527 6.85 3.19 -37.39
CA ASP A 527 6.64 3.82 -38.69
C ASP A 527 6.52 5.34 -38.56
N ASN A 528 6.31 5.82 -37.32
CA ASN A 528 6.23 7.23 -37.00
C ASN A 528 7.24 7.49 -35.88
N PRO A 529 8.52 7.78 -36.19
CA PRO A 529 9.56 7.88 -35.17
C PRO A 529 9.16 8.76 -34.00
N GLU A 530 8.33 9.78 -34.30
CA GLU A 530 7.84 10.73 -33.31
C GLU A 530 7.05 10.00 -32.23
N VAL A 531 6.17 9.08 -32.65
CA VAL A 531 5.34 8.27 -31.76
C VAL A 531 6.25 7.41 -30.89
N GLY A 532 7.15 6.65 -31.52
CA GLY A 532 8.10 5.80 -30.83
C GLY A 532 8.82 6.53 -29.70
N LEU A 533 9.36 7.72 -30.04
CA LEU A 533 10.19 8.48 -29.12
C LEU A 533 9.37 8.97 -27.94
N GLU A 534 8.15 9.44 -28.21
CA GLU A 534 7.24 9.93 -27.19
C GLU A 534 6.95 8.79 -26.22
N TYR A 535 6.80 7.58 -26.76
CA TYR A 535 6.50 6.44 -25.91
C TYR A 535 7.68 6.22 -24.96
N LEU A 536 8.90 6.22 -25.53
CA LEU A 536 10.10 6.02 -24.74
C LEU A 536 10.25 7.14 -23.71
N ARG A 537 9.93 8.38 -24.14
CA ARG A 537 10.01 9.56 -23.28
C ARG A 537 9.23 9.31 -22.00
N ARG A 538 7.99 8.84 -22.14
CA ARG A 538 7.09 8.74 -21.01
C ARG A 538 7.42 7.55 -20.12
N LEU A 539 8.08 6.52 -20.67
CA LEU A 539 8.39 5.30 -19.94
C LEU A 539 9.75 5.43 -19.25
N TYR A 540 10.68 6.08 -19.98
CA TYR A 540 12.05 6.30 -19.54
C TYR A 540 12.15 6.54 -18.03
N PRO A 541 11.39 7.47 -17.42
CA PRO A 541 11.51 7.71 -15.98
C PRO A 541 11.22 6.47 -15.11
N LEU A 542 10.33 5.60 -15.59
CA LEU A 542 9.94 4.44 -14.78
C LEU A 542 11.04 3.39 -14.92
N LEU A 543 11.52 3.20 -16.15
CA LEU A 543 12.71 2.39 -16.40
C LEU A 543 13.79 2.84 -15.42
N ARG A 544 14.06 4.16 -15.36
CA ARG A 544 15.15 4.67 -14.53
C ARG A 544 14.82 4.39 -13.07
N ARG A 545 13.55 4.61 -12.71
CA ARG A 545 13.16 4.32 -11.35
C ARG A 545 13.33 2.82 -11.02
N GLN A 546 13.11 1.92 -12.00
CA GLN A 546 13.28 0.51 -11.70
C GLN A 546 14.77 0.21 -11.50
N PHE A 547 15.62 0.81 -12.36
CA PHE A 547 17.07 0.65 -12.25
C PHE A 547 17.52 1.03 -10.83
N ASP A 548 17.05 2.19 -10.36
CA ASP A 548 17.49 2.74 -9.10
C ASP A 548 17.00 1.83 -7.98
N TRP A 549 15.76 1.32 -8.15
CA TRP A 549 15.16 0.46 -7.14
C TRP A 549 16.00 -0.81 -6.95
N PHE A 550 16.47 -1.39 -8.06
CA PHE A 550 17.30 -2.59 -8.02
C PHE A 550 18.54 -2.36 -7.15
N ARG A 551 19.22 -1.21 -7.38
CA ARG A 551 20.50 -0.92 -6.73
C ARG A 551 20.29 -0.51 -5.27
N LYS A 552 19.10 0.00 -4.97
CA LYS A 552 18.77 0.29 -3.59
C LYS A 552 18.38 -0.99 -2.86
N THR A 553 17.48 -1.80 -3.44
CA THR A 553 16.92 -2.90 -2.64
C THR A 553 17.71 -4.20 -2.82
N GLN A 554 18.39 -4.37 -3.97
CA GLN A 554 19.06 -5.65 -4.22
C GLN A 554 20.60 -5.48 -4.16
N ALA A 555 21.09 -4.51 -3.38
CA ALA A 555 22.51 -4.23 -3.21
C ALA A 555 23.25 -5.38 -2.52
N GLY A 556 24.41 -5.73 -3.06
CA GLY A 556 25.28 -6.63 -2.34
C GLY A 556 26.37 -5.86 -1.57
N ASP A 557 27.02 -6.59 -0.66
CA ASP A 557 27.97 -6.00 0.26
C ASP A 557 29.44 -6.28 -0.17
N ILE A 558 30.05 -5.30 -0.85
CA ILE A 558 31.50 -5.28 -1.03
C ILE A 558 32.21 -4.73 0.21
N LYS A 559 31.90 -3.47 0.58
CA LYS A 559 32.71 -2.63 1.48
C LYS A 559 32.92 -3.27 2.87
N SER A 560 32.06 -4.17 3.28
CA SER A 560 32.07 -4.62 4.67
C SER A 560 32.94 -5.86 4.91
N TYR A 561 33.63 -6.35 3.86
CA TYR A 561 34.40 -7.59 3.95
C TYR A 561 35.80 -7.38 3.37
N ASP A 562 36.57 -8.48 3.23
CA ASP A 562 37.85 -8.46 2.56
C ASP A 562 37.66 -8.58 1.04
N ARG A 563 37.01 -7.58 0.43
CA ARG A 563 36.60 -7.69 -0.95
C ARG A 563 37.28 -6.58 -1.75
N GLU A 564 38.11 -6.99 -2.71
CA GLU A 564 38.82 -6.08 -3.58
C GLU A 564 38.17 -6.16 -4.96
N ALA A 565 37.93 -5.00 -5.58
CA ALA A 565 37.38 -4.99 -6.92
C ALA A 565 37.48 -3.58 -7.47
N TYR A 566 37.41 -3.48 -8.80
CA TYR A 566 37.56 -2.21 -9.49
C TYR A 566 36.57 -1.17 -8.97
N SER A 567 35.40 -1.62 -8.52
CA SER A 567 34.34 -0.73 -8.07
C SER A 567 33.88 -1.12 -6.67
N THR A 568 33.66 -0.11 -5.82
CA THR A 568 33.11 -0.30 -4.49
C THR A 568 31.59 -0.48 -4.56
N LYS A 569 30.99 -0.18 -5.71
CA LYS A 569 29.56 0.01 -5.87
C LYS A 569 28.88 -1.26 -6.41
N GLU A 570 29.43 -1.85 -7.48
CA GLU A 570 28.71 -2.83 -8.30
C GLU A 570 28.77 -4.24 -7.71
N ALA A 571 27.67 -4.66 -7.05
CA ALA A 571 27.55 -5.96 -6.38
C ALA A 571 26.09 -6.20 -5.99
N TYR A 572 25.55 -7.39 -6.29
CA TYR A 572 24.12 -7.59 -6.10
C TYR A 572 23.78 -8.91 -5.46
N ARG A 573 22.74 -8.88 -4.63
CA ARG A 573 22.22 -10.08 -4.01
C ARG A 573 20.70 -10.03 -4.08
N TRP A 574 20.06 -11.12 -4.59
CA TRP A 574 18.60 -11.29 -4.61
C TRP A 574 18.08 -11.37 -3.18
N ARG A 575 17.13 -10.48 -2.85
CA ARG A 575 16.40 -10.63 -1.60
C ARG A 575 15.40 -11.77 -1.78
N GLY A 576 15.11 -12.45 -0.66
CA GLY A 576 14.02 -13.41 -0.55
C GLY A 576 14.46 -14.87 -0.58
N ARG A 577 15.74 -15.13 -0.32
CA ARG A 577 16.10 -16.53 -0.44
C ARG A 577 15.81 -17.34 0.82
N THR A 578 15.46 -18.61 0.60
CA THR A 578 15.33 -19.57 1.68
C THR A 578 16.47 -20.58 1.54
N VAL A 579 16.56 -21.55 2.47
CA VAL A 579 17.60 -22.54 2.47
C VAL A 579 17.61 -23.21 1.09
N SER A 580 16.44 -23.53 0.54
CA SER A 580 16.48 -24.37 -0.65
C SER A 580 16.15 -23.62 -1.93
N HIS A 581 15.72 -22.36 -1.82
CA HIS A 581 15.10 -21.71 -2.97
C HIS A 581 15.65 -20.30 -3.18
N CYS A 582 15.53 -19.83 -4.42
CA CYS A 582 15.65 -18.39 -4.68
C CYS A 582 14.62 -17.99 -5.74
N LEU A 583 13.37 -17.79 -5.31
CA LEU A 583 12.22 -17.66 -6.20
C LEU A 583 12.32 -16.39 -7.03
N THR A 584 12.89 -15.33 -6.45
CA THR A 584 12.89 -14.03 -7.12
C THR A 584 13.81 -14.05 -8.34
N SER A 585 14.82 -14.92 -8.35
CA SER A 585 15.73 -14.97 -9.50
C SER A 585 15.06 -15.62 -10.73
N GLY A 586 13.92 -16.30 -10.51
CA GLY A 586 13.22 -17.04 -11.57
C GLY A 586 13.71 -18.49 -11.66
N LEU A 587 14.85 -18.82 -11.03
CA LEU A 587 15.34 -20.18 -11.14
C LEU A 587 15.22 -20.84 -9.80
N ASP A 588 14.00 -21.27 -9.49
CA ASP A 588 13.53 -21.57 -8.15
C ASP A 588 14.61 -22.24 -7.31
N ASP A 589 15.12 -23.39 -7.77
CA ASP A 589 15.86 -24.29 -6.90
C ASP A 589 17.25 -24.53 -7.47
N TYR A 590 17.71 -23.63 -8.35
CA TYR A 590 19.08 -23.73 -8.82
C TYR A 590 19.94 -23.57 -7.57
N PRO A 591 21.00 -24.39 -7.42
CA PRO A 591 21.78 -24.40 -6.17
C PRO A 591 22.58 -23.10 -6.06
N ARG A 592 22.56 -22.53 -4.85
CA ARG A 592 23.18 -21.25 -4.54
C ARG A 592 24.09 -21.50 -3.32
N PRO A 593 24.92 -20.53 -2.86
CA PRO A 593 25.73 -20.75 -1.67
C PRO A 593 24.91 -21.29 -0.50
N GLN A 594 25.44 -22.31 0.19
CA GLN A 594 24.83 -22.86 1.40
C GLN A 594 25.74 -22.58 2.60
N PRO A 595 25.23 -21.98 3.71
CA PRO A 595 23.83 -21.57 3.81
C PRO A 595 23.69 -20.18 3.16
N PRO A 596 22.47 -19.65 2.99
CA PRO A 596 22.31 -18.31 2.43
C PRO A 596 22.91 -17.33 3.44
N HIS A 597 23.30 -16.15 2.96
CA HIS A 597 24.19 -15.32 3.76
C HIS A 597 24.13 -13.89 3.24
N PRO A 598 24.09 -12.86 4.12
CA PRO A 598 24.03 -11.45 3.68
C PRO A 598 25.20 -11.07 2.81
N GLY A 599 26.27 -11.88 2.88
CA GLY A 599 27.44 -11.64 2.05
C GLY A 599 27.34 -12.21 0.62
N GLU A 600 26.29 -13.03 0.34
CA GLU A 600 26.11 -13.62 -0.98
C GLU A 600 26.15 -12.55 -2.07
N LEU A 601 26.68 -12.94 -3.24
CA LEU A 601 26.54 -12.17 -4.46
C LEU A 601 26.14 -13.12 -5.59
N HIS A 602 25.23 -12.65 -6.45
CA HIS A 602 24.62 -13.50 -7.47
C HIS A 602 24.94 -12.92 -8.83
N VAL A 603 25.55 -13.76 -9.68
CA VAL A 603 26.13 -13.25 -10.92
C VAL A 603 25.00 -13.03 -11.93
N ASP A 604 23.88 -13.75 -11.78
CA ASP A 604 22.75 -13.49 -12.66
C ASP A 604 22.18 -12.10 -12.42
N LEU A 605 22.00 -11.72 -11.15
CA LEU A 605 21.42 -10.42 -10.83
C LEU A 605 22.31 -9.30 -11.37
N MET A 606 23.63 -9.38 -11.15
CA MET A 606 24.52 -8.35 -11.68
C MET A 606 24.41 -8.27 -13.20
N SER A 607 24.27 -9.42 -13.86
CA SER A 607 24.15 -9.43 -15.30
C SER A 607 22.84 -8.77 -15.75
N TRP A 608 21.77 -8.95 -14.98
CA TRP A 608 20.51 -8.27 -15.31
C TRP A 608 20.68 -6.75 -15.16
N VAL A 609 21.36 -6.31 -14.09
CA VAL A 609 21.63 -4.87 -13.95
C VAL A 609 22.39 -4.38 -15.18
N GLY A 610 23.27 -5.24 -15.72
CA GLY A 610 23.98 -4.92 -16.94
C GLY A 610 23.06 -4.76 -18.14
N VAL A 611 22.14 -5.73 -18.31
CA VAL A 611 21.15 -5.63 -19.37
C VAL A 611 20.43 -4.28 -19.26
N MET A 612 20.09 -3.90 -18.02
CA MET A 612 19.26 -2.71 -17.77
C MET A 612 20.05 -1.48 -18.20
N VAL A 613 21.33 -1.45 -17.82
CA VAL A 613 22.08 -0.22 -17.95
C VAL A 613 22.38 0.00 -19.44
N LYS A 614 22.67 -1.08 -20.15
CA LYS A 614 22.90 -1.01 -21.59
C LYS A 614 21.68 -0.45 -22.30
N SER A 615 20.48 -0.69 -21.75
CA SER A 615 19.21 -0.28 -22.35
C SER A 615 18.98 1.21 -22.09
N LEU A 616 19.28 1.59 -20.84
CA LEU A 616 19.22 2.97 -20.41
C LEU A 616 20.17 3.81 -21.27
N ILE A 617 21.39 3.31 -21.57
CA ILE A 617 22.30 3.98 -22.50
C ILE A 617 21.58 4.27 -23.82
N SER A 618 21.01 3.25 -24.47
CA SER A 618 20.38 3.45 -25.77
C SER A 618 19.19 4.39 -25.67
N ILE A 619 18.41 4.31 -24.59
CA ILE A 619 17.16 5.08 -24.58
C ILE A 619 17.48 6.54 -24.23
N GLY A 620 18.22 6.75 -23.13
CA GLY A 620 18.78 8.04 -22.78
C GLY A 620 19.44 8.74 -23.98
N SER A 621 20.26 7.98 -24.73
CA SER A 621 20.96 8.53 -25.88
C SER A 621 19.96 8.98 -26.93
N LEU A 622 18.73 8.44 -26.91
CA LEU A 622 17.77 8.79 -27.93
C LEU A 622 16.98 10.03 -27.48
N LEU A 623 16.94 10.24 -26.17
CA LEU A 623 16.19 11.35 -25.59
C LEU A 623 17.17 12.47 -25.19
N GLY A 624 18.45 12.31 -25.54
CA GLY A 624 19.51 13.23 -25.20
C GLY A 624 19.58 13.55 -23.71
N ALA A 625 19.50 12.53 -22.85
CA ALA A 625 19.67 12.75 -21.41
C ALA A 625 21.12 12.49 -21.02
N THR A 626 21.99 13.44 -21.39
CA THR A 626 23.44 13.24 -21.42
C THR A 626 24.00 13.11 -20.01
N GLU A 627 23.43 13.85 -19.04
CA GLU A 627 23.82 13.73 -17.64
C GLU A 627 23.59 12.29 -17.17
N ASP A 628 22.55 11.65 -17.72
CA ASP A 628 22.13 10.29 -17.36
C ASP A 628 23.04 9.26 -18.04
N VAL A 629 23.25 9.44 -19.35
CA VAL A 629 24.00 8.54 -20.21
C VAL A 629 25.46 8.43 -19.76
N GLU A 630 25.99 9.53 -19.19
CA GLU A 630 27.34 9.57 -18.65
C GLU A 630 27.42 8.68 -17.42
N PHE A 631 26.42 8.79 -16.55
CA PHE A 631 26.35 8.00 -15.32
C PHE A 631 26.27 6.51 -15.66
N TYR A 632 25.37 6.16 -16.59
CA TYR A 632 25.21 4.79 -17.04
C TYR A 632 26.53 4.24 -17.54
N THR A 633 27.23 5.03 -18.36
CA THR A 633 28.44 4.60 -19.04
C THR A 633 29.45 4.11 -18.01
N LYS A 634 29.48 4.77 -16.83
CA LYS A 634 30.42 4.43 -15.77
C LYS A 634 29.94 3.21 -14.99
N VAL A 635 28.63 3.11 -14.78
CA VAL A 635 28.09 1.90 -14.18
C VAL A 635 28.37 0.68 -15.06
N LEU A 636 28.15 0.80 -16.39
CA LEU A 636 28.40 -0.36 -17.24
C LEU A 636 29.85 -0.81 -17.10
N ASP A 637 30.75 0.17 -17.27
CA ASP A 637 32.17 -0.06 -17.19
C ASP A 637 32.50 -0.77 -15.86
N ALA A 638 31.94 -0.29 -14.74
CA ALA A 638 32.19 -0.93 -13.45
C ALA A 638 31.65 -2.36 -13.38
N ILE A 639 30.58 -2.67 -14.11
CA ILE A 639 30.02 -4.01 -13.96
C ILE A 639 30.90 -4.99 -14.72
N GLU A 640 31.34 -4.58 -15.92
CA GLU A 640 32.26 -5.42 -16.70
C GLU A 640 33.45 -5.83 -15.83
N HIS A 641 34.09 -4.84 -15.17
CA HIS A 641 35.25 -5.14 -14.34
C HIS A 641 34.84 -6.03 -13.18
N ASN A 642 33.71 -5.70 -12.53
CA ASN A 642 33.30 -6.34 -11.28
C ASN A 642 32.78 -7.77 -11.50
N LEU A 643 32.22 -8.04 -12.70
CA LEU A 643 31.90 -9.40 -13.11
C LEU A 643 33.13 -10.30 -13.00
N ASP A 644 34.26 -9.84 -13.57
CA ASP A 644 35.52 -10.56 -13.47
C ASP A 644 36.01 -10.63 -12.01
N ASP A 645 36.10 -9.47 -11.34
CA ASP A 645 36.82 -9.41 -10.07
C ASP A 645 36.08 -10.20 -9.00
N LEU A 646 34.75 -10.25 -9.07
CA LEU A 646 33.98 -10.91 -8.01
C LEU A 646 33.40 -12.27 -8.43
N HIS A 647 33.20 -12.48 -9.75
CA HIS A 647 32.40 -13.61 -10.18
C HIS A 647 33.17 -14.64 -11.01
N TRP A 648 34.27 -14.24 -11.67
CA TRP A 648 35.00 -15.17 -12.53
C TRP A 648 35.85 -16.14 -11.72
N SER A 649 35.69 -17.44 -12.01
CA SER A 649 36.58 -18.49 -11.54
C SER A 649 37.49 -18.94 -12.67
N GLU A 650 38.78 -18.62 -12.54
CA GLU A 650 39.78 -19.07 -13.50
C GLU A 650 39.88 -20.59 -13.45
N LYS A 651 39.81 -21.15 -12.22
CA LYS A 651 40.04 -22.55 -11.93
C LYS A 651 38.89 -23.41 -12.45
N GLU A 652 37.67 -22.85 -12.46
CA GLU A 652 36.54 -23.64 -12.90
C GLU A 652 36.27 -23.39 -14.38
N GLY A 653 36.66 -22.20 -14.87
CA GLY A 653 36.41 -21.83 -16.26
C GLY A 653 35.02 -21.24 -16.51
N CYS A 654 34.43 -20.59 -15.49
CA CYS A 654 33.12 -19.99 -15.66
C CYS A 654 32.83 -18.99 -14.53
N TYR A 655 31.73 -18.24 -14.66
CA TYR A 655 31.23 -17.38 -13.60
C TYR A 655 30.56 -18.22 -12.52
N CYS A 656 30.68 -17.74 -11.29
CA CYS A 656 30.10 -18.35 -10.11
C CYS A 656 29.47 -17.25 -9.26
N ASP A 657 28.41 -17.58 -8.53
CA ASP A 657 27.95 -16.74 -7.43
C ASP A 657 29.05 -16.75 -6.36
N ALA A 658 29.02 -15.78 -5.44
CA ALA A 658 29.98 -15.75 -4.34
C ALA A 658 29.30 -15.67 -2.98
N THR A 659 29.99 -16.16 -1.95
CA THR A 659 29.49 -16.01 -0.59
C THR A 659 30.56 -15.40 0.30
N ILE A 660 30.34 -15.51 1.60
CA ILE A 660 31.33 -15.17 2.59
C ILE A 660 31.45 -16.39 3.49
N ASP A 661 32.71 -16.90 3.55
CA ASP A 661 33.24 -18.04 4.28
C ASP A 661 32.77 -18.10 5.72
N GLU A 662 33.05 -19.25 6.38
CA GLU A 662 33.06 -19.36 7.83
C GLU A 662 34.11 -18.41 8.41
N PHE A 663 35.08 -18.03 7.59
CA PHE A 663 36.25 -17.32 8.07
C PHE A 663 36.18 -15.87 7.64
N GLU A 664 35.01 -15.45 7.12
CA GLU A 664 34.72 -14.06 6.76
C GLU A 664 35.39 -13.63 5.44
N GLU A 665 35.80 -14.60 4.61
CA GLU A 665 36.43 -14.27 3.33
C GLU A 665 35.51 -14.67 2.16
N HIS A 666 35.67 -13.95 1.04
CA HIS A 666 34.96 -14.15 -0.20
C HIS A 666 35.32 -15.51 -0.77
N LYS A 667 34.32 -16.38 -0.95
CA LYS A 667 34.52 -17.66 -1.61
C LYS A 667 33.62 -17.67 -2.84
N LEU A 668 34.14 -18.19 -3.95
CA LEU A 668 33.29 -18.54 -5.07
C LEU A 668 32.58 -19.84 -4.75
N VAL A 669 31.32 -19.95 -5.18
CA VAL A 669 30.58 -21.20 -5.01
C VAL A 669 30.04 -21.55 -6.39
N CYS A 670 30.69 -22.52 -7.01
CA CYS A 670 30.53 -22.71 -8.44
C CYS A 670 29.65 -23.92 -8.73
N HIS A 671 28.60 -23.72 -9.53
CA HIS A 671 27.72 -24.83 -9.88
C HIS A 671 27.41 -24.66 -11.35
N LYS A 672 27.96 -25.57 -12.16
CA LYS A 672 27.98 -25.38 -13.59
C LYS A 672 26.58 -25.62 -14.16
N GLY A 673 26.11 -24.58 -14.83
CA GLY A 673 24.78 -24.59 -15.39
C GLY A 673 24.48 -23.21 -15.92
N TYR A 674 23.19 -22.92 -16.08
CA TYR A 674 22.67 -21.67 -16.62
C TYR A 674 23.29 -20.46 -15.93
N ILE A 675 23.27 -20.44 -14.59
CA ILE A 675 23.73 -19.29 -13.82
C ILE A 675 25.15 -18.95 -14.28
N SER A 676 25.97 -20.00 -14.45
CA SER A 676 27.38 -19.90 -14.81
C SER A 676 27.62 -19.15 -16.12
N LEU A 677 26.60 -19.18 -17.02
CA LEU A 677 26.69 -18.61 -18.36
C LEU A 677 26.14 -17.18 -18.42
N PHE A 678 25.61 -16.67 -17.29
CA PHE A 678 24.79 -15.47 -17.35
C PHE A 678 25.41 -14.30 -18.12
N PRO A 679 26.65 -13.86 -17.85
CA PRO A 679 27.17 -12.69 -18.56
C PRO A 679 27.09 -12.85 -20.09
N PHE A 680 27.27 -14.10 -20.55
CA PHE A 680 27.13 -14.44 -21.96
C PHE A 680 25.66 -14.43 -22.40
N LEU A 681 24.75 -15.01 -21.60
CA LEU A 681 23.36 -15.04 -22.02
C LEU A 681 22.80 -13.62 -22.14
N THR A 682 23.29 -12.70 -21.30
CA THR A 682 22.70 -11.38 -21.21
C THR A 682 23.41 -10.38 -22.11
N GLY A 683 24.41 -10.85 -22.88
CA GLY A 683 25.01 -10.08 -23.95
C GLY A 683 26.07 -9.08 -23.50
N LEU A 684 26.84 -9.44 -22.46
CA LEU A 684 27.71 -8.50 -21.78
C LEU A 684 29.18 -8.67 -22.18
N LEU A 685 29.55 -9.81 -22.79
CA LEU A 685 30.96 -10.13 -23.05
C LEU A 685 31.34 -9.72 -24.46
N LYS A 686 32.58 -9.23 -24.64
CA LYS A 686 33.09 -8.87 -25.96
C LYS A 686 33.30 -10.15 -26.76
N PRO A 687 33.10 -10.11 -28.10
CA PRO A 687 33.15 -11.32 -28.93
C PRO A 687 34.51 -11.98 -29.13
N ASP A 688 35.56 -11.42 -28.49
CA ASP A 688 36.93 -11.89 -28.56
C ASP A 688 37.37 -12.29 -27.15
N SER A 689 36.46 -12.15 -26.19
CA SER A 689 36.79 -12.47 -24.81
C SER A 689 37.27 -13.91 -24.68
N PRO A 690 38.45 -14.17 -24.07
CA PRO A 690 38.85 -15.53 -23.69
C PRO A 690 37.87 -16.21 -22.74
N LYS A 691 37.14 -15.42 -21.95
CA LYS A 691 36.18 -15.99 -21.02
C LYS A 691 34.99 -16.52 -21.82
N LEU A 692 34.54 -15.73 -22.80
CA LEU A 692 33.49 -16.13 -23.71
C LEU A 692 33.81 -17.48 -24.34
N GLY A 693 35.07 -17.65 -24.78
CA GLY A 693 35.51 -18.87 -25.43
C GLY A 693 35.46 -20.08 -24.48
N LYS A 694 35.81 -19.88 -23.22
CA LYS A 694 35.76 -20.94 -22.22
C LYS A 694 34.31 -21.28 -21.92
N LEU A 695 33.45 -20.27 -21.97
CA LEU A 695 32.03 -20.44 -21.75
C LEU A 695 31.46 -21.29 -22.89
N LEU A 696 31.95 -21.03 -24.12
CA LEU A 696 31.55 -21.80 -25.28
C LEU A 696 31.96 -23.27 -25.13
N ALA A 697 33.10 -23.51 -24.46
CA ALA A 697 33.52 -24.88 -24.21
C ALA A 697 32.53 -25.58 -23.26
N LEU A 698 32.13 -24.87 -22.20
CA LEU A 698 31.18 -25.39 -21.23
C LEU A 698 29.85 -25.73 -21.93
N ILE A 699 29.36 -24.81 -22.77
CA ILE A 699 28.07 -24.97 -23.41
C ILE A 699 28.08 -26.21 -24.30
N GLY A 700 29.16 -26.39 -25.09
CA GLY A 700 29.22 -27.43 -26.10
C GLY A 700 29.54 -28.82 -25.55
N ASP A 701 29.94 -28.87 -24.29
CA ASP A 701 30.48 -30.06 -23.63
C ASP A 701 29.36 -31.01 -23.22
N GLU A 702 29.31 -32.19 -23.84
CA GLU A 702 28.22 -33.12 -23.62
C GLU A 702 28.22 -33.65 -22.18
N SER A 703 29.39 -33.68 -21.54
CA SER A 703 29.44 -34.28 -20.22
C SER A 703 29.03 -33.23 -19.17
N GLU A 704 28.87 -31.96 -19.59
CA GLU A 704 28.40 -30.91 -18.68
C GLU A 704 26.97 -30.52 -19.01
N LEU A 705 26.78 -29.60 -19.96
CA LEU A 705 25.48 -28.97 -20.22
C LEU A 705 24.79 -29.50 -21.49
N TRP A 706 25.54 -30.06 -22.45
CA TRP A 706 25.02 -30.22 -23.81
C TRP A 706 24.29 -31.57 -23.90
N SER A 707 22.96 -31.53 -24.04
CA SER A 707 22.26 -32.79 -24.22
C SER A 707 21.74 -32.79 -25.64
N PRO A 708 21.30 -33.93 -26.17
CA PRO A 708 20.74 -33.95 -27.50
C PRO A 708 19.49 -33.08 -27.63
N TYR A 709 18.90 -32.68 -26.48
CA TYR A 709 17.57 -32.07 -26.48
C TYR A 709 17.68 -30.58 -26.13
N GLY A 710 18.91 -30.13 -25.87
CA GLY A 710 19.16 -28.74 -25.52
C GLY A 710 20.11 -28.65 -24.32
N LEU A 711 20.31 -27.42 -23.81
CA LEU A 711 21.20 -27.27 -22.67
C LEU A 711 20.48 -27.62 -21.38
N ARG A 712 21.14 -28.43 -20.55
CA ARG A 712 20.70 -28.79 -19.22
C ARG A 712 20.83 -27.56 -18.31
N SER A 713 19.85 -27.36 -17.41
CA SER A 713 19.87 -26.24 -16.48
C SER A 713 21.11 -26.31 -15.58
N LEU A 714 21.55 -27.54 -15.27
CA LEU A 714 22.64 -27.83 -14.37
C LEU A 714 23.50 -28.95 -14.94
N SER A 715 24.83 -28.88 -14.77
CA SER A 715 25.76 -29.89 -15.26
C SER A 715 25.53 -31.24 -14.61
N LYS A 716 25.72 -32.31 -15.41
CA LYS A 716 25.60 -33.68 -14.95
C LYS A 716 26.70 -33.95 -13.93
N LYS A 717 27.77 -33.14 -14.00
CA LYS A 717 28.86 -33.25 -13.04
C LYS A 717 28.53 -32.61 -11.70
N ASP A 718 27.58 -31.67 -11.66
CA ASP A 718 27.29 -30.99 -10.40
C ASP A 718 26.70 -31.95 -9.38
N GLU A 719 27.14 -31.80 -8.14
CA GLU A 719 26.61 -32.64 -7.07
C GLU A 719 25.09 -32.53 -6.94
N PHE A 720 24.48 -31.42 -7.37
CA PHE A 720 23.04 -31.28 -7.15
C PHE A 720 22.20 -31.76 -8.34
N TYR A 721 22.87 -32.23 -9.40
CA TYR A 721 22.17 -32.76 -10.57
C TYR A 721 21.06 -33.74 -10.22
N GLY A 722 19.86 -33.44 -10.70
CA GLY A 722 18.72 -34.31 -10.49
C GLY A 722 18.37 -34.56 -9.02
N THR A 723 18.60 -33.59 -8.14
CA THR A 723 18.25 -33.75 -6.73
C THR A 723 16.95 -33.00 -6.39
N ALA A 724 16.31 -33.42 -5.29
CA ALA A 724 15.22 -32.71 -4.65
C ALA A 724 14.09 -32.60 -5.66
N GLU A 725 13.64 -31.37 -5.93
CA GLU A 725 12.47 -31.19 -6.79
C GLU A 725 12.94 -31.24 -8.24
N ASN A 726 14.24 -31.04 -8.39
CA ASN A 726 14.88 -31.18 -9.70
C ASN A 726 14.15 -30.31 -10.71
N TYR A 727 13.86 -29.07 -10.30
CA TYR A 727 13.08 -28.12 -11.10
C TYR A 727 14.03 -27.46 -12.10
N TRP A 728 15.07 -26.83 -11.56
CA TRP A 728 16.08 -26.16 -12.37
C TRP A 728 17.42 -26.86 -12.16
N ARG A 729 17.38 -28.15 -11.83
CA ARG A 729 18.59 -28.89 -11.51
C ARG A 729 18.93 -29.98 -12.54
N SER A 730 18.53 -29.77 -13.80
CA SER A 730 18.86 -30.69 -14.90
C SER A 730 17.94 -30.45 -16.08
N PRO A 731 16.63 -30.18 -15.90
CA PRO A 731 15.75 -30.10 -17.06
C PRO A 731 16.14 -28.97 -18.03
N VAL A 732 15.67 -29.13 -19.28
CA VAL A 732 15.96 -28.18 -20.36
C VAL A 732 14.81 -27.18 -20.40
N TRP A 733 15.13 -25.89 -20.29
CA TRP A 733 14.11 -24.85 -20.26
C TRP A 733 14.29 -23.96 -21.48
N ILE A 734 13.18 -23.67 -22.14
CA ILE A 734 13.27 -23.05 -23.44
C ILE A 734 13.72 -21.60 -23.33
N ASN A 735 13.38 -20.89 -22.23
CA ASN A 735 13.68 -19.45 -22.17
C ASN A 735 15.20 -19.21 -22.17
N ILE A 736 15.93 -19.96 -21.33
CA ILE A 736 17.37 -19.80 -21.24
C ILE A 736 18.05 -20.33 -22.50
N ASN A 737 17.57 -21.48 -23.02
CA ASN A 737 18.02 -21.96 -24.31
C ASN A 737 17.90 -20.90 -25.40
N TYR A 738 16.75 -20.20 -25.44
CA TYR A 738 16.52 -19.10 -26.39
C TYR A 738 17.60 -18.01 -26.26
N LEU A 739 17.86 -17.50 -25.06
CA LEU A 739 18.92 -16.53 -24.86
C LEU A 739 20.25 -17.08 -25.40
N ALA A 740 20.58 -18.34 -25.11
CA ALA A 740 21.83 -18.94 -25.59
C ALA A 740 21.88 -18.91 -27.11
N ILE A 741 20.77 -19.28 -27.75
CA ILE A 741 20.73 -19.45 -29.18
C ILE A 741 20.97 -18.10 -29.87
N VAL A 742 20.38 -17.04 -29.30
CA VAL A 742 20.48 -15.68 -29.82
C VAL A 742 21.92 -15.19 -29.63
N GLN A 743 22.55 -15.52 -28.50
CA GLN A 743 23.91 -15.05 -28.30
C GLN A 743 24.90 -15.84 -29.14
N LEU A 744 24.64 -17.13 -29.38
CA LEU A 744 25.50 -17.89 -30.26
C LEU A 744 25.46 -17.28 -31.66
N TYR A 745 24.25 -16.92 -32.11
CA TYR A 745 24.03 -16.34 -33.43
C TYR A 745 24.80 -15.03 -33.57
N ASN A 746 24.80 -14.23 -32.50
CA ASN A 746 25.46 -12.93 -32.49
C ASN A 746 26.94 -13.13 -32.80
N ILE A 747 27.55 -14.10 -32.12
CA ILE A 747 28.97 -14.34 -32.24
C ILE A 747 29.26 -15.00 -33.59
N ALA A 748 28.26 -15.72 -34.12
CA ALA A 748 28.44 -16.42 -35.38
C ALA A 748 28.33 -15.46 -36.59
N THR A 749 27.80 -14.25 -36.39
CA THR A 749 27.58 -13.36 -37.54
C THR A 749 28.48 -12.13 -37.48
N GLN A 750 29.58 -12.23 -36.71
CA GLN A 750 30.58 -11.18 -36.61
C GLN A 750 31.95 -11.81 -36.71
N ASP A 751 32.92 -11.07 -37.29
CA ASP A 751 34.31 -11.48 -37.32
C ASP A 751 34.82 -11.63 -35.88
N GLY A 752 35.47 -12.77 -35.59
CA GLY A 752 36.11 -13.01 -34.30
C GLY A 752 36.66 -14.43 -34.23
N PRO A 753 37.45 -14.79 -33.18
CA PRO A 753 38.03 -16.13 -33.06
C PRO A 753 37.07 -17.28 -32.78
N TYR A 754 35.82 -16.96 -32.42
CA TYR A 754 34.90 -17.99 -31.97
C TYR A 754 33.77 -18.14 -32.98
N LYS A 755 33.76 -17.26 -33.98
CA LYS A 755 32.79 -17.22 -35.06
C LYS A 755 32.33 -18.63 -35.50
N GLU A 756 33.29 -19.50 -35.88
CA GLU A 756 32.95 -20.79 -36.47
C GLU A 756 32.42 -21.76 -35.39
N THR A 757 32.93 -21.69 -34.16
CA THR A 757 32.39 -22.49 -33.06
C THR A 757 30.93 -22.11 -32.76
N ALA A 758 30.68 -20.81 -32.59
CA ALA A 758 29.36 -20.25 -32.36
C ALA A 758 28.41 -20.70 -33.47
N ARG A 759 28.88 -20.66 -34.72
CA ARG A 759 28.07 -21.09 -35.86
C ARG A 759 27.64 -22.54 -35.72
N ASP A 760 28.55 -23.42 -35.26
CA ASP A 760 28.22 -24.84 -35.17
C ASP A 760 27.24 -25.06 -34.00
N LEU A 761 27.57 -24.52 -32.82
CA LEU A 761 26.71 -24.62 -31.65
C LEU A 761 25.33 -24.02 -31.93
N TYR A 762 25.26 -22.88 -32.64
CA TYR A 762 24.01 -22.24 -32.97
C TYR A 762 23.14 -23.18 -33.81
N THR A 763 23.74 -23.75 -34.87
CA THR A 763 23.09 -24.63 -35.83
C THR A 763 22.46 -25.82 -35.10
N ARG A 764 23.24 -26.46 -34.22
CA ARG A 764 22.84 -27.69 -33.54
C ARG A 764 21.80 -27.38 -32.47
N LEU A 765 22.05 -26.37 -31.63
CA LEU A 765 21.18 -26.03 -30.51
C LEU A 765 19.83 -25.58 -31.05
N ARG A 766 19.81 -24.75 -32.10
CA ARG A 766 18.55 -24.36 -32.72
C ARG A 766 17.77 -25.61 -33.12
N LYS A 767 18.47 -26.52 -33.81
CA LYS A 767 17.88 -27.76 -34.28
C LYS A 767 17.34 -28.59 -33.12
N ASN A 768 18.17 -28.83 -32.09
CA ASN A 768 17.82 -29.66 -30.94
C ASN A 768 16.60 -29.12 -30.18
N ILE A 769 16.60 -27.82 -29.85
CA ILE A 769 15.53 -27.15 -29.14
C ILE A 769 14.22 -27.21 -29.93
N VAL A 770 14.27 -26.80 -31.20
CA VAL A 770 13.06 -26.83 -32.01
C VAL A 770 12.57 -28.27 -32.14
N GLU A 771 13.48 -29.21 -32.45
CA GLU A 771 12.98 -30.57 -32.70
C GLU A 771 12.40 -31.20 -31.43
N THR A 772 12.99 -30.93 -30.26
CA THR A 772 12.45 -31.50 -29.03
C THR A 772 11.05 -30.96 -28.79
N VAL A 773 10.88 -29.64 -28.97
CA VAL A 773 9.58 -29.08 -28.70
C VAL A 773 8.57 -29.54 -29.75
N TYR A 774 8.99 -29.60 -31.02
CA TYR A 774 8.09 -30.06 -32.07
C TYR A 774 7.64 -31.52 -31.83
N ARG A 775 8.61 -32.42 -31.61
CA ARG A 775 8.37 -33.84 -31.36
C ARG A 775 7.33 -34.02 -30.25
N ASN A 776 7.48 -33.27 -29.14
CA ASN A 776 6.52 -33.41 -28.03
C ASN A 776 5.14 -32.89 -28.40
N TRP A 777 5.11 -31.77 -29.12
CA TRP A 777 3.86 -31.20 -29.61
C TRP A 777 3.14 -32.20 -30.50
N GLU A 778 3.90 -32.81 -31.44
CA GLU A 778 3.32 -33.79 -32.35
C GLU A 778 2.67 -34.94 -31.56
N GLU A 779 3.38 -35.46 -30.55
CA GLU A 779 2.90 -36.66 -29.91
C GLU A 779 1.89 -36.38 -28.79
N THR A 780 1.90 -35.18 -28.16
CA THR A 780 1.04 -34.95 -27.00
C THR A 780 0.03 -33.82 -27.23
N GLY A 781 0.27 -32.98 -28.25
CA GLY A 781 -0.57 -31.82 -28.48
C GLY A 781 -0.16 -30.61 -27.65
N PHE A 782 0.87 -30.76 -26.80
CA PHE A 782 1.09 -29.71 -25.83
C PHE A 782 2.46 -29.08 -26.02
N ALA A 783 2.54 -27.80 -25.61
CA ALA A 783 3.79 -27.18 -25.21
C ALA A 783 4.03 -27.53 -23.75
N TRP A 784 5.29 -27.80 -23.41
CA TRP A 784 5.59 -28.15 -22.02
C TRP A 784 6.50 -27.10 -21.40
N GLU A 785 6.42 -27.00 -20.07
CA GLU A 785 7.20 -26.17 -19.17
C GLU A 785 8.69 -26.46 -19.30
N GLN A 786 9.05 -27.74 -19.44
CA GLN A 786 10.46 -28.10 -19.49
C GLN A 786 10.60 -29.47 -20.14
N TYR A 787 11.82 -29.85 -20.51
CA TYR A 787 12.03 -31.06 -21.32
C TYR A 787 13.13 -31.91 -20.66
N ASN A 788 12.86 -33.21 -20.59
CA ASN A 788 13.78 -34.13 -19.94
C ASN A 788 15.06 -34.30 -20.76
N PRO A 789 16.26 -34.01 -20.22
CA PRO A 789 17.48 -34.13 -21.03
C PRO A 789 17.97 -35.56 -21.31
N GLU A 790 17.38 -36.55 -20.64
CA GLU A 790 17.73 -37.94 -20.88
C GLU A 790 16.79 -38.55 -21.92
N THR A 791 15.50 -38.20 -21.85
CA THR A 791 14.53 -38.87 -22.71
C THR A 791 13.98 -37.91 -23.75
N GLY A 792 14.12 -36.61 -23.54
CA GLY A 792 13.51 -35.62 -24.43
C GLY A 792 12.02 -35.41 -24.15
N LYS A 793 11.46 -36.11 -23.16
CA LYS A 793 10.03 -35.93 -22.90
C LYS A 793 9.75 -34.57 -22.26
N GLY A 794 8.65 -33.95 -22.68
CA GLY A 794 8.13 -32.79 -21.97
C GLY A 794 7.54 -33.21 -20.63
N GLN A 795 7.75 -32.41 -19.59
CA GLN A 795 7.35 -32.80 -18.24
C GLN A 795 7.04 -31.51 -17.48
N ARG A 796 6.58 -31.63 -16.22
CA ARG A 796 5.87 -30.58 -15.48
C ARG A 796 4.60 -30.22 -16.25
N THR A 797 4.26 -28.93 -16.29
CA THR A 797 2.91 -28.58 -16.73
C THR A 797 2.82 -28.40 -18.24
N GLN A 798 1.62 -28.74 -18.73
CA GLN A 798 1.22 -28.56 -20.10
C GLN A 798 0.59 -27.18 -20.31
N HIS A 799 0.28 -26.91 -21.58
CA HIS A 799 -0.27 -25.63 -22.03
C HIS A 799 0.64 -24.48 -21.63
N PHE A 800 1.95 -24.70 -21.70
CA PHE A 800 2.93 -23.71 -21.26
C PHE A 800 3.31 -22.77 -22.40
N THR A 801 2.39 -21.84 -22.73
CA THR A 801 2.59 -20.88 -23.80
C THR A 801 2.33 -19.47 -23.27
N GLY A 802 3.21 -18.90 -22.44
CA GLY A 802 4.41 -19.54 -21.95
C GLY A 802 5.59 -19.35 -22.89
N TRP A 803 6.79 -19.25 -22.32
CA TRP A 803 8.00 -18.94 -23.06
C TRP A 803 8.43 -20.11 -23.94
N THR A 804 7.80 -21.29 -23.75
CA THR A 804 8.08 -22.38 -24.67
C THR A 804 7.80 -21.94 -26.12
N SER A 805 6.85 -21.01 -26.32
CA SER A 805 6.46 -20.53 -27.64
C SER A 805 7.58 -19.72 -28.33
N LEU A 806 8.63 -19.33 -27.61
CA LEU A 806 9.80 -18.69 -28.22
C LEU A 806 10.30 -19.47 -29.45
N VAL A 807 9.92 -20.73 -29.52
CA VAL A 807 10.35 -21.62 -30.58
C VAL A 807 9.92 -21.08 -31.96
N VAL A 808 8.81 -20.34 -32.05
CA VAL A 808 8.40 -19.74 -33.31
CA VAL A 808 8.43 -19.79 -33.34
C VAL A 808 9.53 -18.84 -33.81
N LYS A 809 10.06 -18.03 -32.87
CA LYS A 809 11.09 -17.07 -33.19
C LYS A 809 12.42 -17.77 -33.43
N ILE A 810 12.71 -18.87 -32.71
CA ILE A 810 13.94 -19.61 -32.96
C ILE A 810 13.91 -20.17 -34.39
N MET A 811 12.77 -20.72 -34.82
CA MET A 811 12.63 -21.24 -36.18
C MET A 811 12.77 -20.12 -37.21
N SER A 812 12.21 -18.96 -36.87
CA SER A 812 12.23 -17.73 -37.65
C SER A 812 13.66 -17.30 -38.02
N GLY A 813 14.59 -17.40 -37.07
CA GLY A 813 15.99 -17.01 -37.22
C GLY A 813 16.17 -15.53 -37.57
N HIS A 814 17.23 -15.25 -38.34
CA HIS A 814 17.64 -13.92 -38.77
C HIS A 814 17.42 -12.90 -37.65
N HIS A 815 18.11 -13.11 -36.51
CA HIS A 815 18.07 -12.18 -35.39
C HIS A 815 18.81 -10.88 -35.76
N SER B 36 8.25 7.50 48.54
CA SER B 36 7.49 7.80 49.78
C SER B 36 6.05 7.34 49.62
N ILE B 37 5.43 7.04 50.76
CA ILE B 37 4.06 6.56 50.83
C ILE B 37 3.14 7.56 50.12
N LEU B 38 3.34 8.84 50.37
CA LEU B 38 2.44 9.83 49.82
C LEU B 38 2.59 9.94 48.31
N HIS B 39 3.83 10.00 47.83
CA HIS B 39 4.13 10.06 46.41
C HIS B 39 3.48 8.88 45.68
N SER B 40 3.69 7.65 46.19
CA SER B 40 3.05 6.46 45.62
C SER B 40 1.53 6.63 45.60
N GLU B 41 0.99 7.11 46.72
CA GLU B 41 -0.46 7.15 46.86
C GLU B 41 -1.02 8.13 45.83
N ILE B 42 -0.33 9.26 45.64
CA ILE B 42 -0.81 10.22 44.66
C ILE B 42 -0.65 9.68 43.25
N GLY B 43 0.48 9.02 42.98
CA GLY B 43 0.66 8.30 41.74
C GLY B 43 -0.53 7.37 41.47
N ARG B 44 -0.91 6.55 42.47
CA ARG B 44 -2.01 5.61 42.36
C ARG B 44 -3.29 6.34 41.97
N LEU B 45 -3.53 7.50 42.61
CA LEU B 45 -4.81 8.17 42.44
C LEU B 45 -4.84 8.83 41.07
N ASN B 46 -3.70 9.40 40.69
CA ASN B 46 -3.65 10.01 39.38
C ASN B 46 -3.90 8.94 38.32
N ASN B 47 -3.31 7.78 38.56
CA ASN B 47 -3.27 6.68 37.60
C ASN B 47 -4.71 6.15 37.41
N GLN B 48 -5.47 6.04 38.50
CA GLN B 48 -6.84 5.56 38.39
C GLN B 48 -7.71 6.63 37.76
N SER B 49 -7.39 7.90 38.02
CA SER B 49 -8.16 9.00 37.45
C SER B 49 -8.02 9.03 35.93
N LEU B 50 -6.82 8.72 35.42
CA LEU B 50 -6.53 8.98 34.02
C LEU B 50 -6.64 7.73 33.14
N LEU B 51 -6.94 6.56 33.74
CA LEU B 51 -6.81 5.27 33.07
C LEU B 51 -7.55 5.20 31.75
N TRP B 52 -8.84 5.56 31.77
CA TRP B 52 -9.73 5.45 30.62
C TRP B 52 -9.79 6.78 29.88
N GLY B 53 -9.88 6.73 28.55
CA GLY B 53 -10.27 7.92 27.83
C GLY B 53 -10.50 7.58 26.38
N PRO B 54 -10.87 8.56 25.54
CA PRO B 54 -10.95 8.33 24.10
C PRO B 54 -9.51 8.47 23.58
N TYR B 55 -8.60 7.67 24.12
CA TYR B 55 -7.18 7.89 23.96
C TYR B 55 -6.66 7.33 22.62
N ARG B 56 -7.47 7.44 21.57
CA ARG B 56 -7.10 7.00 20.23
C ARG B 56 -7.40 8.14 19.26
N PRO B 57 -6.57 9.20 19.30
CA PRO B 57 -6.82 10.41 18.52
C PRO B 57 -6.71 10.23 17.00
N ASN B 58 -6.12 9.09 16.59
CA ASN B 58 -5.93 8.75 15.18
C ASN B 58 -7.25 8.37 14.52
N ILE B 59 -8.29 8.00 15.30
CA ILE B 59 -9.59 7.75 14.69
C ILE B 59 -10.65 8.79 15.14
N TYR B 60 -11.76 8.88 14.41
CA TYR B 60 -12.84 9.80 14.74
C TYR B 60 -13.32 9.61 16.18
N PHE B 61 -13.53 8.37 16.60
CA PHE B 61 -14.02 8.10 17.95
C PHE B 61 -13.78 6.66 18.35
N GLY B 62 -13.14 6.50 19.51
CA GLY B 62 -12.89 5.19 20.08
C GLY B 62 -12.26 5.38 21.46
N THR B 63 -12.18 4.30 22.24
CA THR B 63 -11.62 4.43 23.57
C THR B 63 -10.56 3.37 23.76
N ARG B 64 -9.67 3.57 24.74
CA ARG B 64 -8.86 2.50 25.29
C ARG B 64 -8.32 2.94 26.66
N PRO B 65 -7.89 2.00 27.53
CA PRO B 65 -7.24 2.39 28.80
C PRO B 65 -5.75 2.52 28.51
N ARG B 66 -5.03 3.14 29.43
CA ARG B 66 -3.58 3.32 29.39
C ARG B 66 -2.92 1.98 29.69
N ILE B 67 -3.26 0.95 28.91
CA ILE B 67 -2.75 -0.40 29.09
C ILE B 67 -2.45 -0.95 27.71
N GLY B 68 -1.20 -1.44 27.56
CA GLY B 68 -0.68 -1.96 26.31
C GLY B 68 -1.66 -2.88 25.59
N LYS B 69 -2.09 -3.94 26.28
CA LYS B 69 -2.88 -4.98 25.67
C LYS B 69 -4.14 -5.09 26.50
N SER B 70 -5.24 -4.61 25.94
CA SER B 70 -6.45 -4.53 26.74
C SER B 70 -7.59 -4.26 25.78
N LEU B 71 -8.69 -3.71 26.32
CA LEU B 71 -9.93 -3.54 25.57
C LEU B 71 -9.87 -2.19 24.86
N MET B 72 -10.15 -2.17 23.56
CA MET B 72 -10.19 -0.96 22.74
C MET B 72 -11.53 -0.91 22.03
N THR B 73 -12.01 0.31 21.69
CA THR B 73 -13.23 0.44 20.92
C THR B 73 -13.02 1.42 19.78
N GLY B 74 -13.91 1.37 18.77
CA GLY B 74 -13.88 2.33 17.67
C GLY B 74 -15.24 2.39 16.95
N LEU B 75 -15.60 3.59 16.47
CA LEU B 75 -16.83 3.89 15.75
C LEU B 75 -16.57 3.98 14.24
N MET B 76 -17.43 3.36 13.42
CA MET B 76 -17.36 3.61 11.99
C MET B 76 -18.78 3.94 11.53
N TRP B 77 -18.91 4.72 10.44
CA TRP B 77 -20.22 4.99 9.87
C TRP B 77 -20.07 5.26 8.39
N GLY B 78 -21.17 5.04 7.65
CA GLY B 78 -21.17 5.39 6.25
C GLY B 78 -22.58 5.24 5.71
N LYS B 79 -22.93 6.11 4.76
CA LYS B 79 -24.16 5.97 3.99
C LYS B 79 -23.99 4.80 3.01
N ILE B 80 -25.10 4.16 2.64
CA ILE B 80 -25.07 3.09 1.67
C ILE B 80 -26.17 3.30 0.65
N GLU B 81 -25.79 3.40 -0.62
CA GLU B 81 -26.77 3.64 -1.67
C GLU B 81 -26.70 2.56 -2.76
N SER B 82 -25.66 1.72 -2.74
CA SER B 82 -25.41 0.79 -3.84
C SER B 82 -24.66 -0.42 -3.32
N TYR B 83 -24.34 -1.36 -4.23
CA TYR B 83 -23.69 -2.59 -3.80
C TYR B 83 -22.19 -2.35 -3.59
N THR B 84 -21.71 -1.16 -3.98
CA THR B 84 -20.26 -0.97 -4.06
C THR B 84 -19.79 0.35 -3.43
N ASP B 85 -20.70 1.14 -2.85
CA ASP B 85 -20.36 2.49 -2.43
C ASP B 85 -19.81 2.54 -1.00
N PHE B 86 -20.21 1.58 -0.16
CA PHE B 86 -19.95 1.64 1.27
C PHE B 86 -18.44 1.70 1.53
N GLN B 87 -17.65 0.94 0.78
CA GLN B 87 -16.20 0.93 0.88
C GLN B 87 -15.59 2.34 0.69
N HIS B 88 -16.30 3.24 -0.02
CA HIS B 88 -15.81 4.60 -0.27
C HIS B 88 -16.36 5.63 0.73
N THR B 89 -17.47 5.29 1.42
CA THR B 89 -18.15 6.27 2.26
C THR B 89 -17.80 6.08 3.72
N VAL B 90 -17.39 4.87 4.12
CA VAL B 90 -17.22 4.55 5.52
C VAL B 90 -16.09 5.38 6.13
N ARG B 91 -16.30 5.80 7.38
CA ARG B 91 -15.34 6.61 8.12
C ARG B 91 -14.81 5.78 9.28
N TYR B 92 -13.51 5.91 9.55
CA TYR B 92 -12.88 5.28 10.70
C TYR B 92 -11.72 6.15 11.20
N THR B 93 -10.64 6.14 10.42
CA THR B 93 -9.40 6.86 10.56
C THR B 93 -9.63 8.34 10.24
N CYS B 94 -9.06 9.24 11.05
CA CYS B 94 -9.16 10.68 10.79
C CYS B 94 -8.44 11.07 9.50
N GLU B 95 -9.08 11.97 8.75
CA GLU B 95 -8.61 12.53 7.50
C GLU B 95 -9.04 13.99 7.46
N GLN B 96 -8.57 14.72 6.44
CA GLN B 96 -9.17 16.03 6.18
C GLN B 96 -9.05 16.28 4.68
N ASN B 97 -10.22 16.45 4.04
CA ASN B 97 -10.40 16.61 2.60
C ASN B 97 -11.75 17.28 2.43
N GLU B 98 -12.09 17.63 1.17
CA GLU B 98 -13.33 18.27 0.75
C GLU B 98 -14.58 17.56 1.29
N GLY B 99 -14.52 16.23 1.46
CA GLY B 99 -15.65 15.44 1.93
C GLY B 99 -15.93 15.59 3.42
N MET B 100 -14.98 16.16 4.19
CA MET B 100 -15.21 16.50 5.60
C MET B 100 -15.15 18.01 5.76
N LYS B 101 -16.16 18.57 6.43
CA LYS B 101 -16.21 20.01 6.68
C LYS B 101 -15.23 20.35 7.79
N GLY B 102 -15.35 19.60 8.90
CA GLY B 102 -14.56 19.76 10.10
C GLY B 102 -15.04 18.75 11.15
N TYR B 103 -14.27 18.67 12.26
CA TYR B 103 -14.60 17.90 13.45
C TYR B 103 -13.63 18.36 14.51
N GLY B 104 -13.94 18.00 15.76
CA GLY B 104 -13.06 18.28 16.88
C GLY B 104 -13.86 18.32 18.17
N TRP B 105 -13.14 18.63 19.25
CA TRP B 105 -13.72 18.63 20.59
C TRP B 105 -14.21 20.03 20.96
N ASP B 106 -15.47 20.10 21.41
CA ASP B 106 -16.10 21.37 21.78
C ASP B 106 -15.64 21.73 23.19
N GLU B 107 -15.51 20.67 24.00
CA GLU B 107 -15.00 20.71 25.36
C GLU B 107 -14.36 19.36 25.64
N TYR B 108 -13.35 19.37 26.51
CA TYR B 108 -12.78 18.11 26.90
C TYR B 108 -11.88 18.33 28.10
N ASP B 109 -11.99 17.39 29.04
CA ASP B 109 -11.05 17.27 30.14
C ASP B 109 -10.81 15.77 30.27
N PRO B 110 -9.55 15.29 30.20
CA PRO B 110 -9.28 13.86 30.25
C PRO B 110 -9.76 13.14 31.50
N ARG B 111 -9.93 13.84 32.63
CA ARG B 111 -10.46 13.18 33.83
C ARG B 111 -11.99 13.08 33.77
N ARG B 112 -12.66 13.92 32.99
CA ARG B 112 -14.11 13.97 33.12
C ARG B 112 -14.77 13.57 31.81
N GLY B 113 -14.10 13.86 30.70
CA GLY B 113 -14.69 13.61 29.41
C GLY B 113 -14.93 14.87 28.60
N GLY B 114 -15.86 14.77 27.64
CA GLY B 114 -16.23 15.92 26.84
C GLY B 114 -17.10 15.47 25.70
N ILE B 115 -17.12 16.29 24.63
CA ILE B 115 -18.09 16.18 23.56
C ILE B 115 -17.37 16.60 22.29
N GLN B 116 -17.46 15.75 21.26
CA GLN B 116 -16.83 16.01 19.98
C GLN B 116 -17.93 16.22 18.95
N SER B 117 -17.65 17.07 17.97
CA SER B 117 -18.58 17.34 16.88
C SER B 117 -17.93 16.96 15.55
N ILE B 118 -18.68 16.27 14.69
CA ILE B 118 -18.12 15.84 13.42
C ILE B 118 -19.07 16.28 12.31
N HIS B 119 -18.54 16.99 11.31
CA HIS B 119 -19.33 17.49 10.20
C HIS B 119 -18.85 16.86 8.90
N ASP B 120 -19.57 15.81 8.51
CA ASP B 120 -19.23 14.92 7.42
C ASP B 120 -20.12 15.25 6.23
N ILE B 121 -19.51 15.77 5.16
CA ILE B 121 -20.27 16.22 4.02
C ILE B 121 -20.63 15.03 3.15
N GLN B 122 -19.64 14.15 2.88
CA GLN B 122 -19.85 13.01 2.01
C GLN B 122 -21.05 12.19 2.49
N ASN B 123 -21.18 12.01 3.81
CA ASN B 123 -22.21 11.16 4.38
C ASN B 123 -23.41 11.98 4.86
N GLY B 124 -23.36 13.30 4.68
CA GLY B 124 -24.53 14.15 4.91
C GLY B 124 -25.01 14.12 6.36
N LEU B 125 -24.06 14.02 7.31
CA LEU B 125 -24.35 13.81 8.72
C LEU B 125 -23.52 14.76 9.59
N ASP B 126 -24.16 15.23 10.66
CA ASP B 126 -23.50 15.95 11.73
C ASP B 126 -23.61 15.06 12.96
N ILE B 127 -22.45 14.69 13.51
CA ILE B 127 -22.43 13.67 14.54
C ILE B 127 -21.83 14.28 15.80
N THR B 128 -22.41 13.99 16.95
CA THR B 128 -21.73 14.31 18.18
C THR B 128 -21.46 13.01 18.92
N THR B 129 -20.30 12.97 19.57
CA THR B 129 -19.94 11.82 20.36
C THR B 129 -19.61 12.44 21.71
N SER B 130 -20.44 12.14 22.71
CA SER B 130 -20.20 12.64 24.04
C SER B 130 -19.65 11.49 24.88
N PHE B 131 -18.60 11.78 25.66
CA PHE B 131 -17.89 10.79 26.43
C PHE B 131 -17.82 11.26 27.88
N VAL B 132 -18.15 10.39 28.85
CA VAL B 132 -18.10 10.77 30.26
C VAL B 132 -17.47 9.62 31.04
N LYS B 133 -16.69 10.00 32.06
CA LYS B 133 -16.05 9.06 32.97
C LYS B 133 -16.76 9.14 34.33
N ILE B 134 -16.84 7.99 35.00
CA ILE B 134 -17.56 7.85 36.26
C ILE B 134 -16.66 7.06 37.19
N PRO B 135 -16.04 7.70 38.21
CA PRO B 135 -15.12 7.01 39.11
C PRO B 135 -15.95 6.08 40.00
N GLY B 136 -15.28 5.02 40.47
CA GLY B 136 -15.92 3.86 41.06
C GLY B 136 -15.01 2.65 40.92
N GLY B 137 -14.75 2.01 42.06
CA GLY B 137 -14.10 0.71 42.07
C GLY B 137 -12.58 0.84 42.01
N ALA B 138 -11.93 -0.28 41.71
CA ALA B 138 -10.48 -0.39 41.81
C ALA B 138 -9.85 -0.47 40.42
N HIS B 139 -10.59 -0.27 39.32
CA HIS B 139 -10.00 -0.59 38.03
C HIS B 139 -10.09 0.57 37.03
N GLY B 140 -10.17 1.80 37.54
CA GLY B 140 -10.16 2.98 36.70
C GLY B 140 -11.56 3.52 36.41
N GLY B 141 -12.56 2.92 37.06
CA GLY B 141 -13.96 3.35 37.03
C GLY B 141 -14.66 2.92 35.74
N SER B 142 -15.72 3.64 35.38
CA SER B 142 -16.65 3.31 34.31
C SER B 142 -16.73 4.49 33.34
N TRP B 143 -17.40 4.31 32.20
CA TRP B 143 -17.55 5.37 31.22
C TRP B 143 -18.77 5.10 30.37
N ALA B 144 -19.25 6.13 29.68
CA ALA B 144 -20.39 6.02 28.79
C ALA B 144 -20.13 6.94 27.61
N ALA B 145 -20.81 6.71 26.50
CA ALA B 145 -20.75 7.58 25.33
C ALA B 145 -22.12 7.61 24.64
N ARG B 146 -22.48 8.77 24.13
CA ARG B 146 -23.66 8.88 23.31
C ARG B 146 -23.19 9.27 21.92
N ILE B 147 -23.64 8.49 20.94
CA ILE B 147 -23.37 8.68 19.54
C ILE B 147 -24.67 9.18 18.89
N LYS B 148 -24.63 10.35 18.26
CA LYS B 148 -25.85 10.92 17.74
C LYS B 148 -25.63 11.47 16.34
N GLY B 149 -26.44 11.03 15.38
CA GLY B 149 -26.35 11.49 14.02
C GLY B 149 -27.60 12.26 13.58
N THR B 150 -27.37 13.40 12.93
CA THR B 150 -28.44 14.23 12.43
C THR B 150 -28.10 14.58 11.00
N LEU B 151 -28.96 14.20 10.05
CA LEU B 151 -28.77 14.50 8.64
C LEU B 151 -28.77 16.01 8.40
N ASN B 152 -27.79 16.52 7.63
CA ASN B 152 -27.82 17.90 7.15
C ASN B 152 -28.97 18.05 6.15
N ASP B 153 -29.24 19.30 5.74
CA ASP B 153 -30.39 19.65 4.90
C ASP B 153 -30.26 19.10 3.47
N ASP B 154 -29.03 18.74 3.06
CA ASP B 154 -28.76 18.31 1.69
C ASP B 154 -29.00 16.81 1.51
N ALA B 155 -28.87 16.05 2.61
CA ALA B 155 -28.96 14.60 2.59
C ALA B 155 -30.41 14.19 2.31
N PRO B 156 -30.65 13.13 1.51
CA PRO B 156 -32.01 12.60 1.35
C PRO B 156 -32.56 12.19 2.71
N LYS B 157 -33.80 12.62 3.02
CA LYS B 157 -34.37 12.45 4.35
C LYS B 157 -34.48 10.97 4.74
N ASP B 158 -34.40 10.06 3.75
CA ASP B 158 -34.54 8.62 3.95
C ASP B 158 -33.20 7.89 3.82
N GLN B 159 -32.08 8.61 3.90
CA GLN B 159 -30.77 8.00 3.70
C GLN B 159 -30.59 6.85 4.69
N LYS B 160 -29.95 5.77 4.23
CA LYS B 160 -29.63 4.68 5.13
C LYS B 160 -28.15 4.76 5.50
N THR B 161 -27.88 4.81 6.80
CA THR B 161 -26.53 4.92 7.34
C THR B 161 -26.21 3.64 8.10
N ILE B 162 -25.05 3.05 7.81
CA ILE B 162 -24.56 1.94 8.61
C ILE B 162 -23.68 2.55 9.70
N VAL B 163 -23.83 2.01 10.91
CA VAL B 163 -22.98 2.41 12.01
C VAL B 163 -22.43 1.12 12.62
N VAL B 164 -21.12 1.08 12.85
CA VAL B 164 -20.52 -0.06 13.52
C VAL B 164 -19.82 0.42 14.79
N PHE B 165 -20.08 -0.29 15.86
CA PHE B 165 -19.24 -0.20 17.02
C PHE B 165 -18.37 -1.46 17.09
N TYR B 166 -17.04 -1.28 16.99
CA TYR B 166 -16.05 -2.37 16.99
C TYR B 166 -15.35 -2.47 18.36
N VAL B 167 -15.31 -3.67 18.93
CA VAL B 167 -14.68 -3.87 20.23
C VAL B 167 -13.60 -4.95 20.09
N SER B 168 -12.41 -4.70 20.64
CA SER B 168 -11.39 -5.72 20.54
C SER B 168 -10.73 -5.85 21.92
N GLN B 169 -10.09 -7.00 22.20
CA GLN B 169 -9.43 -7.18 23.48
C GLN B 169 -8.19 -8.05 23.35
N GLU B 170 -7.04 -7.47 23.72
CA GLU B 170 -5.76 -8.16 23.59
C GLU B 170 -5.32 -8.59 24.98
N GLY B 171 -4.48 -9.63 25.01
CA GLY B 171 -3.75 -9.95 26.23
C GLY B 171 -4.22 -11.25 26.87
N GLU B 172 -3.30 -11.85 27.64
CA GLU B 172 -3.42 -13.15 28.28
C GLU B 172 -4.53 -13.12 29.33
N ASN B 173 -5.13 -14.31 29.54
CA ASN B 173 -6.05 -14.59 30.63
C ASN B 173 -7.16 -13.54 30.65
N SER B 174 -7.93 -13.47 29.55
CA SER B 174 -8.96 -12.46 29.42
C SER B 174 -10.10 -12.96 28.52
N GLU B 175 -11.33 -12.57 28.82
CA GLU B 175 -12.49 -13.14 28.14
C GLU B 175 -13.39 -12.02 27.69
N LEU B 176 -14.10 -12.24 26.59
CA LEU B 176 -15.11 -11.28 26.21
C LEU B 176 -16.19 -12.03 25.44
N GLU B 177 -17.45 -11.72 25.75
CA GLU B 177 -18.53 -12.52 25.25
C GLU B 177 -19.78 -11.68 25.03
N ALA B 178 -20.35 -11.77 23.82
CA ALA B 178 -21.66 -11.19 23.59
C ALA B 178 -22.75 -12.15 24.10
N VAL B 179 -23.74 -11.57 24.79
CA VAL B 179 -24.83 -12.35 25.33
C VAL B 179 -25.83 -12.52 24.20
N PRO B 180 -26.22 -13.76 23.79
CA PRO B 180 -27.09 -13.95 22.61
C PRO B 180 -28.43 -13.23 22.77
N SER B 181 -29.01 -12.77 21.67
CA SER B 181 -30.32 -12.19 21.76
C SER B 181 -31.36 -13.29 21.99
N GLU B 182 -32.61 -12.88 22.28
CA GLU B 182 -33.68 -13.84 22.49
C GLU B 182 -34.57 -13.85 21.24
N ASN B 183 -34.03 -13.39 20.10
CA ASN B 183 -34.75 -13.28 18.84
C ASN B 183 -33.93 -13.95 17.73
N GLU B 184 -34.55 -14.15 16.57
CA GLU B 184 -34.02 -15.13 15.63
C GLU B 184 -32.77 -14.61 14.93
N PHE B 185 -32.84 -13.43 14.29
CA PHE B 185 -31.83 -13.01 13.35
C PHE B 185 -30.97 -11.85 13.88
N GLY B 186 -31.11 -11.50 15.17
CA GLY B 186 -30.42 -10.36 15.77
C GLY B 186 -31.13 -9.85 17.03
N TYR B 187 -30.97 -8.56 17.33
CA TYR B 187 -31.39 -7.95 18.59
C TYR B 187 -32.46 -6.91 18.35
N GLU B 188 -33.54 -7.05 19.14
CA GLU B 188 -34.56 -6.04 19.30
C GLU B 188 -34.05 -4.94 20.22
N GLY B 189 -33.27 -5.33 21.26
CA GLY B 189 -32.92 -4.41 22.33
C GLY B 189 -31.42 -4.10 22.39
N ASP B 190 -30.88 -4.22 23.60
CA ASP B 190 -29.50 -3.83 23.92
C ASP B 190 -28.59 -5.02 23.58
N VAL B 191 -27.35 -4.71 23.16
CA VAL B 191 -26.32 -5.74 23.06
C VAL B 191 -25.47 -5.63 24.32
N ILE B 192 -25.22 -6.78 24.96
CA ILE B 192 -24.45 -6.83 26.19
C ILE B 192 -23.21 -7.69 25.95
N LEU B 193 -22.04 -7.07 26.13
CA LEU B 193 -20.76 -7.76 26.15
C LEU B 193 -20.34 -7.92 27.60
N LYS B 194 -19.92 -9.12 27.99
CA LYS B 194 -19.42 -9.40 29.33
C LYS B 194 -17.96 -9.86 29.23
N GLY B 195 -17.11 -9.20 30.01
CA GLY B 195 -15.70 -9.47 29.86
C GLY B 195 -14.97 -9.42 31.19
N ARG B 196 -13.73 -9.88 31.16
CA ARG B 196 -12.92 -10.00 32.35
C ARG B 196 -11.47 -9.96 31.89
N SER B 197 -10.64 -9.12 32.53
CA SER B 197 -9.20 -9.29 32.41
C SER B 197 -8.58 -9.05 33.78
N GLU B 198 -7.26 -9.27 33.86
CA GLU B 198 -6.49 -9.00 35.05
C GLU B 198 -6.55 -7.51 35.34
N ALA B 199 -6.29 -6.71 34.31
CA ALA B 199 -6.23 -5.26 34.42
C ALA B 199 -7.59 -4.68 34.77
N LEU B 200 -8.64 -5.11 34.07
CA LEU B 200 -9.93 -4.46 34.23
C LEU B 200 -10.85 -5.14 35.27
N GLY B 201 -10.52 -6.37 35.69
CA GLY B 201 -11.46 -7.17 36.46
C GLY B 201 -12.65 -7.57 35.59
N ASN B 202 -13.83 -7.75 36.19
CA ASN B 202 -15.07 -7.97 35.44
C ASN B 202 -15.64 -6.63 35.00
N TYR B 203 -16.37 -6.66 33.88
CA TYR B 203 -17.01 -5.45 33.39
C TYR B 203 -18.08 -5.89 32.41
N LYS B 204 -18.98 -4.93 32.14
CA LYS B 204 -20.08 -5.09 31.23
C LYS B 204 -19.95 -3.95 30.23
N LEU B 205 -20.08 -4.24 28.93
CA LEU B 205 -20.11 -3.20 27.92
C LEU B 205 -21.39 -3.33 27.11
N VAL B 206 -22.21 -2.28 27.13
CA VAL B 206 -23.55 -2.33 26.56
C VAL B 206 -23.63 -1.38 25.36
N VAL B 207 -24.13 -1.88 24.22
CA VAL B 207 -24.55 -1.00 23.15
C VAL B 207 -26.08 -0.96 23.11
N THR B 208 -26.66 0.19 23.47
CA THR B 208 -28.10 0.26 23.63
C THR B 208 -28.80 0.21 22.27
N LYS B 209 -30.11 -0.07 22.34
CA LYS B 209 -30.97 -0.22 21.17
C LYS B 209 -30.91 1.07 20.38
N GLY B 210 -31.02 2.19 21.12
CA GLY B 210 -30.97 3.53 20.58
C GLY B 210 -32.33 4.00 20.05
N LYS B 211 -32.32 5.09 19.31
CA LYS B 211 -33.51 5.73 18.79
C LYS B 211 -33.25 6.00 17.31
N GLY B 212 -34.27 5.80 16.47
CA GLY B 212 -34.23 6.02 15.04
C GLY B 212 -34.93 4.89 14.29
N VAL B 213 -35.33 5.18 13.04
CA VAL B 213 -36.03 4.23 12.21
C VAL B 213 -35.05 3.16 11.72
N ILE B 214 -35.43 1.90 11.91
CA ILE B 214 -34.73 0.76 11.36
C ILE B 214 -35.43 0.29 10.08
N PRO B 215 -34.86 0.47 8.86
CA PRO B 215 -35.55 0.09 7.62
C PRO B 215 -35.82 -1.41 7.61
N GLN B 216 -36.92 -1.81 6.98
CA GLN B 216 -37.30 -3.22 6.96
C GLN B 216 -37.26 -3.71 5.52
N SER B 217 -36.83 -4.96 5.36
CA SER B 217 -36.87 -5.58 4.04
C SER B 217 -37.95 -6.64 3.98
N ASP B 218 -38.68 -6.68 2.87
CA ASP B 218 -39.63 -7.76 2.60
C ASP B 218 -39.12 -8.58 1.40
N HIS B 219 -37.82 -8.47 1.08
CA HIS B 219 -37.17 -9.32 0.11
C HIS B 219 -37.11 -10.74 0.66
N ASP B 220 -37.03 -11.71 -0.24
CA ASP B 220 -36.93 -13.12 0.10
C ASP B 220 -35.73 -13.38 1.00
N LEU B 221 -34.67 -12.57 0.89
CA LEU B 221 -33.46 -12.76 1.69
C LEU B 221 -33.77 -12.63 3.18
N SER B 222 -34.84 -11.89 3.51
CA SER B 222 -35.25 -11.68 4.89
C SER B 222 -35.50 -12.99 5.62
N ARG B 223 -35.77 -14.07 4.86
CA ARG B 223 -36.10 -15.38 5.41
C ARG B 223 -34.86 -15.98 6.06
N LEU B 224 -33.71 -15.59 5.52
CA LEU B 224 -32.45 -16.13 5.98
C LEU B 224 -31.77 -15.11 6.91
N ARG B 225 -32.01 -13.81 6.66
CA ARG B 225 -31.20 -12.76 7.28
C ARG B 225 -32.01 -11.86 8.21
N GLY B 226 -33.32 -12.14 8.36
CA GLY B 226 -34.23 -11.29 9.10
C GLY B 226 -34.65 -10.07 8.27
N PRO B 227 -35.71 -9.32 8.66
CA PRO B 227 -36.15 -8.18 7.85
C PRO B 227 -35.29 -6.94 8.07
N GLY B 228 -34.39 -6.99 9.07
CA GLY B 228 -33.50 -5.88 9.36
C GLY B 228 -33.45 -5.58 10.86
N GLN B 229 -32.25 -5.64 11.44
CA GLN B 229 -32.11 -5.52 12.90
C GLN B 229 -30.63 -5.38 13.27
N THR B 230 -30.40 -4.95 14.52
CA THR B 230 -29.07 -4.89 15.13
C THR B 230 -28.48 -6.30 15.12
N VAL B 231 -27.16 -6.40 14.85
CA VAL B 231 -26.47 -7.69 14.82
C VAL B 231 -25.07 -7.56 15.44
N VAL B 232 -24.56 -8.71 15.92
CA VAL B 232 -23.25 -8.82 16.52
C VAL B 232 -22.54 -10.01 15.88
N GLN B 233 -21.26 -9.82 15.52
CA GLN B 233 -20.40 -10.94 15.16
C GLN B 233 -19.25 -10.99 16.14
N SER B 234 -19.04 -12.18 16.71
CA SER B 234 -18.02 -12.46 17.67
C SER B 234 -16.99 -13.36 17.02
N LEU B 235 -15.77 -12.83 16.97
CA LEU B 235 -14.72 -13.40 16.14
C LEU B 235 -13.44 -13.48 16.96
N THR B 236 -12.53 -14.33 16.50
CA THR B 236 -11.19 -14.46 17.07
C THR B 236 -10.22 -14.21 15.93
N TYR B 237 -9.37 -13.21 16.12
CA TYR B 237 -8.31 -12.88 15.18
C TYR B 237 -6.99 -12.94 15.92
N PRO B 238 -5.85 -12.99 15.19
CA PRO B 238 -4.53 -12.95 15.81
C PRO B 238 -4.30 -11.56 16.42
N ASP B 239 -3.60 -11.49 17.55
CA ASP B 239 -3.33 -10.24 18.23
C ASP B 239 -2.81 -9.14 17.28
N GLU B 240 -1.93 -9.48 16.34
CA GLU B 240 -1.15 -8.49 15.59
C GLU B 240 -2.04 -7.67 14.66
N VAL B 241 -3.32 -8.05 14.60
CA VAL B 241 -4.19 -7.64 13.52
C VAL B 241 -5.43 -6.94 14.09
N LEU B 242 -5.59 -6.94 15.43
CA LEU B 242 -6.75 -6.39 16.11
C LEU B 242 -7.02 -4.92 15.73
N TRP B 243 -5.97 -4.12 15.49
CA TRP B 243 -6.15 -2.70 15.20
C TRP B 243 -6.76 -2.48 13.82
N GLN B 244 -6.60 -3.47 12.93
CA GLN B 244 -6.99 -3.36 11.53
C GLN B 244 -8.50 -3.48 11.42
N ALA B 245 -9.21 -2.60 12.11
CA ALA B 245 -10.65 -2.69 12.30
C ALA B 245 -11.42 -2.63 10.98
N LYS B 246 -11.02 -1.73 10.08
CA LYS B 246 -11.80 -1.55 8.87
C LYS B 246 -11.61 -2.76 7.96
N PRO B 247 -10.36 -3.20 7.70
CA PRO B 247 -10.17 -4.43 6.92
C PRO B 247 -10.90 -5.62 7.53
N ILE B 248 -11.00 -5.70 8.85
CA ILE B 248 -11.68 -6.83 9.49
C ILE B 248 -13.17 -6.71 9.19
N LEU B 249 -13.72 -5.48 9.26
CA LEU B 249 -15.13 -5.33 8.93
C LEU B 249 -15.36 -5.71 7.48
N PHE B 250 -14.44 -5.30 6.58
CA PHE B 250 -14.67 -5.52 5.16
C PHE B 250 -14.52 -6.98 4.78
N GLN B 251 -13.68 -7.71 5.54
CA GLN B 251 -13.54 -9.14 5.38
C GLN B 251 -14.85 -9.82 5.77
N GLN B 252 -15.46 -9.37 6.86
CA GLN B 252 -16.73 -9.94 7.28
C GLN B 252 -17.84 -9.58 6.28
N LEU B 253 -17.81 -8.37 5.72
CA LEU B 253 -18.90 -8.03 4.82
C LEU B 253 -18.78 -8.81 3.52
N LYS B 254 -17.55 -9.03 3.05
CA LYS B 254 -17.28 -9.78 1.82
C LYS B 254 -17.73 -11.22 2.02
N ALA B 255 -17.43 -11.81 3.17
CA ALA B 255 -17.80 -13.21 3.39
C ALA B 255 -19.32 -13.34 3.32
N GLY B 256 -20.01 -12.36 3.93
CA GLY B 256 -21.47 -12.36 4.05
C GLY B 256 -22.11 -12.18 2.68
N ILE B 257 -21.33 -11.69 1.70
CA ILE B 257 -21.82 -11.53 0.34
C ILE B 257 -21.52 -12.79 -0.49
N ASP B 258 -20.38 -13.42 -0.26
CA ASP B 258 -20.02 -14.67 -0.92
C ASP B 258 -21.06 -15.75 -0.61
N TRP B 259 -21.56 -15.72 0.62
CA TRP B 259 -22.55 -16.62 1.18
C TRP B 259 -23.87 -16.56 0.39
N LEU B 260 -24.15 -15.44 -0.30
CA LEU B 260 -25.38 -15.28 -1.05
C LEU B 260 -25.48 -16.33 -2.16
N VAL B 261 -24.33 -16.69 -2.77
CA VAL B 261 -24.32 -17.53 -3.95
C VAL B 261 -24.40 -19.01 -3.58
N GLU B 262 -24.30 -19.32 -2.29
CA GLU B 262 -24.29 -20.69 -1.80
C GLU B 262 -25.56 -21.00 -1.02
N ASN B 263 -26.49 -20.03 -0.98
CA ASN B 263 -27.68 -20.20 -0.14
C ASN B 263 -28.95 -19.88 -0.90
N LYS B 264 -30.03 -20.50 -0.45
CA LYS B 264 -31.28 -20.61 -1.20
C LYS B 264 -32.23 -19.45 -0.87
N TYR B 265 -32.28 -18.46 -1.75
CA TYR B 265 -33.36 -17.47 -1.71
C TYR B 265 -33.52 -16.95 -3.14
N ASP B 266 -34.56 -16.15 -3.38
CA ASP B 266 -34.98 -15.73 -4.71
C ASP B 266 -34.24 -14.46 -5.13
N VAL B 267 -33.63 -14.51 -6.31
CA VAL B 267 -32.62 -13.55 -6.70
C VAL B 267 -33.07 -12.84 -7.97
N ALA B 268 -34.38 -12.92 -8.22
CA ALA B 268 -34.97 -12.31 -9.40
C ALA B 268 -35.02 -10.80 -9.19
N ASP B 269 -35.25 -10.36 -7.93
CA ASP B 269 -35.37 -8.94 -7.62
C ASP B 269 -34.17 -8.48 -6.79
N PRO B 270 -33.61 -7.25 -7.06
CA PRO B 270 -32.52 -6.69 -6.26
C PRO B 270 -32.90 -6.53 -4.79
N PRO B 271 -32.11 -7.11 -3.86
CA PRO B 271 -32.30 -6.86 -2.43
C PRO B 271 -31.79 -5.45 -2.11
N PRO B 272 -32.25 -4.80 -1.02
CA PRO B 272 -31.76 -3.45 -0.70
C PRO B 272 -30.26 -3.50 -0.38
N PRO B 273 -29.43 -2.53 -0.84
CA PRO B 273 -27.99 -2.53 -0.50
C PRO B 273 -27.70 -2.65 0.99
N TRP B 274 -28.47 -1.96 1.82
CA TRP B 274 -28.24 -2.04 3.25
C TRP B 274 -28.43 -3.46 3.76
N GLN B 275 -29.30 -4.25 3.11
CA GLN B 275 -29.48 -5.62 3.56
C GLN B 275 -28.30 -6.50 3.15
N VAL B 276 -27.78 -6.35 1.93
CA VAL B 276 -26.67 -7.23 1.59
C VAL B 276 -25.44 -6.93 2.43
N TYR B 277 -25.32 -5.69 2.96
CA TYR B 277 -24.21 -5.28 3.81
C TYR B 277 -24.54 -5.36 5.29
N LEU B 278 -25.62 -6.06 5.66
CA LEU B 278 -25.89 -6.32 7.06
C LEU B 278 -25.38 -7.72 7.40
N LEU B 279 -24.48 -7.81 8.38
CA LEU B 279 -23.80 -9.05 8.72
C LEU B 279 -24.79 -10.04 9.30
N ALA B 280 -24.57 -11.33 9.05
CA ALA B 280 -25.33 -12.37 9.71
C ALA B 280 -24.97 -12.32 11.19
N ASN B 281 -26.00 -12.35 12.03
CA ASN B 281 -25.82 -12.33 13.47
C ASN B 281 -25.11 -13.60 13.94
N LYS B 282 -23.97 -13.48 14.67
CA LYS B 282 -23.23 -14.63 15.21
C LYS B 282 -22.54 -14.29 16.54
N PRO B 283 -23.29 -13.88 17.59
CA PRO B 283 -22.69 -13.52 18.86
C PRO B 283 -22.12 -14.76 19.53
N GLY B 284 -21.12 -14.52 20.38
CA GLY B 284 -20.51 -15.50 21.25
C GLY B 284 -19.21 -14.95 21.82
N SER B 285 -18.30 -15.86 22.09
CA SER B 285 -17.03 -15.51 22.69
C SER B 285 -16.09 -15.17 21.54
N GLY B 286 -15.15 -14.26 21.80
CA GLY B 286 -14.05 -13.92 20.89
C GLY B 286 -13.25 -12.70 21.38
N ASN B 287 -12.29 -12.22 20.56
CA ASN B 287 -11.45 -11.10 20.94
C ASN B 287 -11.75 -9.93 19.99
N VAL B 288 -12.77 -10.11 19.15
CA VAL B 288 -13.32 -9.06 18.29
C VAL B 288 -14.82 -9.21 18.34
N HIS B 289 -15.51 -8.08 18.53
CA HIS B 289 -16.96 -8.04 18.49
C HIS B 289 -17.38 -6.90 17.59
N ILE B 290 -18.17 -7.21 16.55
CA ILE B 290 -18.65 -6.19 15.65
C ILE B 290 -20.14 -6.01 15.92
N VAL B 291 -20.53 -4.81 16.36
CA VAL B 291 -21.93 -4.51 16.62
C VAL B 291 -22.37 -3.57 15.50
N GLN B 292 -23.34 -4.00 14.69
CA GLN B 292 -23.71 -3.21 13.53
C GLN B 292 -25.19 -2.82 13.61
N LYS B 293 -25.51 -1.57 13.23
CA LYS B 293 -26.89 -1.09 13.15
C LYS B 293 -27.10 -0.41 11.81
N VAL B 294 -28.33 -0.46 11.30
CA VAL B 294 -28.65 0.34 10.14
C VAL B 294 -29.78 1.26 10.56
N PHE B 295 -29.65 2.53 10.19
CA PHE B 295 -30.65 3.54 10.52
C PHE B 295 -31.09 4.19 9.22
N GLU B 296 -32.37 4.61 9.21
CA GLU B 296 -32.95 5.45 8.19
C GLU B 296 -33.25 6.81 8.84
N GLY B 297 -32.68 7.89 8.28
CA GLY B 297 -32.69 9.23 8.87
C GLY B 297 -31.87 9.31 10.16
N ASP B 298 -32.23 10.23 11.06
CA ASP B 298 -31.49 10.53 12.27
C ASP B 298 -31.45 9.33 13.20
N PHE B 299 -30.40 9.24 14.03
CA PHE B 299 -30.24 8.13 14.93
C PHE B 299 -29.52 8.58 16.19
N GLU B 300 -29.67 7.80 17.28
CA GLU B 300 -28.73 7.85 18.37
C GLU B 300 -28.71 6.50 19.08
N PHE B 301 -27.59 6.23 19.76
CA PHE B 301 -27.48 5.13 20.69
C PHE B 301 -26.37 5.48 21.68
N ASP B 302 -26.30 4.70 22.77
CA ASP B 302 -25.33 4.83 23.84
C ASP B 302 -24.48 3.56 23.98
N ILE B 303 -23.26 3.76 24.51
CA ILE B 303 -22.34 2.73 24.94
C ILE B 303 -22.13 2.92 26.44
N LEU B 304 -22.38 1.88 27.23
CA LEU B 304 -22.30 1.98 28.67
C LEU B 304 -21.26 0.99 29.17
N PHE B 305 -20.20 1.47 29.80
CA PHE B 305 -19.18 0.55 30.27
C PHE B 305 -19.21 0.59 31.79
N SER B 306 -19.56 -0.55 32.39
CA SER B 306 -19.70 -0.62 33.83
C SER B 306 -18.59 -1.51 34.41
N SER B 307 -17.76 -0.91 35.25
CA SER B 307 -16.74 -1.65 35.97
C SER B 307 -17.46 -2.40 37.09
N GLU B 308 -17.29 -3.72 37.17
CA GLU B 308 -17.97 -4.45 38.23
C GLU B 308 -17.57 -3.93 39.63
N SER B 309 -16.30 -3.52 39.78
CA SER B 309 -15.68 -2.89 40.94
C SER B 309 -16.53 -1.79 41.56
N ALA B 310 -17.09 -0.91 40.72
CA ALA B 310 -17.85 0.26 41.15
C ALA B 310 -19.11 -0.15 41.90
N GLY B 311 -19.54 -1.41 41.70
CA GLY B 311 -20.71 -2.01 42.31
C GLY B 311 -21.99 -1.25 41.98
N LYS B 312 -22.11 -0.82 40.71
CA LYS B 312 -23.17 0.09 40.26
C LYS B 312 -23.06 0.22 38.74
N GLU B 313 -23.98 -0.41 38.04
CA GLU B 313 -24.05 -0.36 36.59
C GLU B 313 -24.43 1.06 36.14
N VAL B 314 -23.71 1.57 35.13
CA VAL B 314 -23.98 2.87 34.53
C VAL B 314 -25.23 2.78 33.67
N THR B 315 -26.07 3.82 33.68
CA THR B 315 -27.28 3.82 32.87
C THR B 315 -27.24 5.00 31.91
N SER B 316 -28.13 4.95 30.92
CA SER B 316 -28.33 6.09 30.07
C SER B 316 -28.64 7.36 30.85
N LYS B 317 -29.38 7.24 31.97
CA LYS B 317 -29.75 8.41 32.76
C LYS B 317 -28.48 9.00 33.38
N ASP B 318 -27.61 8.11 33.90
CA ASP B 318 -26.30 8.46 34.46
C ASP B 318 -25.45 9.23 33.46
N LEU B 319 -25.43 8.77 32.20
CA LEU B 319 -24.71 9.41 31.11
C LEU B 319 -25.21 10.83 30.87
N GLU B 320 -26.53 11.04 30.81
CA GLU B 320 -27.05 12.37 30.51
C GLU B 320 -26.70 13.33 31.64
N ARG B 321 -26.85 12.86 32.89
CA ARG B 321 -26.60 13.71 34.04
C ARG B 321 -25.12 14.11 34.09
N GLU B 322 -24.19 13.15 33.86
CA GLU B 322 -22.75 13.41 33.98
C GLU B 322 -22.22 14.26 32.82
N VAL B 323 -22.80 14.12 31.64
CA VAL B 323 -22.49 15.02 30.54
C VAL B 323 -22.82 16.45 30.95
N LYS B 324 -24.02 16.71 31.50
CA LYS B 324 -24.45 18.08 31.81
C LYS B 324 -23.52 18.68 32.86
N GLN B 325 -23.12 17.85 33.84
CA GLN B 325 -22.23 18.19 34.93
C GLN B 325 -20.84 18.52 34.41
N ALA B 326 -20.25 17.60 33.61
CA ALA B 326 -18.92 17.86 33.09
C ALA B 326 -18.91 19.18 32.31
N THR B 327 -20.00 19.50 31.60
CA THR B 327 -20.06 20.71 30.80
C THR B 327 -20.05 21.95 31.69
N GLU B 328 -20.79 21.89 32.80
CA GLU B 328 -20.86 23.04 33.69
C GLU B 328 -19.50 23.26 34.35
N VAL B 329 -18.86 22.19 34.81
CA VAL B 329 -17.57 22.28 35.49
C VAL B 329 -16.47 22.77 34.54
N PHE B 330 -16.56 22.39 33.27
CA PHE B 330 -15.54 22.76 32.30
C PHE B 330 -15.60 24.26 32.07
N GLY B 331 -16.82 24.81 31.98
CA GLY B 331 -17.08 26.24 31.79
C GLY B 331 -16.48 27.10 32.92
N GLU B 332 -16.74 26.69 34.17
CA GLU B 332 -16.21 27.40 35.32
C GLU B 332 -14.68 27.31 35.31
N ARG B 333 -14.15 26.14 34.95
CA ARG B 333 -12.70 25.95 34.97
C ARG B 333 -12.02 26.79 33.88
N PHE B 334 -12.63 26.88 32.71
CA PHE B 334 -12.04 27.68 31.66
C PHE B 334 -11.99 29.16 32.07
N ALA B 335 -13.01 29.61 32.81
CA ALA B 335 -13.13 31.00 33.24
C ALA B 335 -12.06 31.36 34.27
N ARG B 336 -11.76 30.44 35.19
CA ARG B 336 -10.65 30.62 36.12
C ARG B 336 -9.32 30.51 35.37
N VAL B 337 -9.11 29.44 34.60
CA VAL B 337 -7.76 29.13 34.17
C VAL B 337 -7.32 30.01 33.00
N PHE B 338 -8.21 30.21 32.01
CA PHE B 338 -7.87 31.09 30.90
C PHE B 338 -8.76 32.34 30.95
N ASP B 339 -8.43 33.22 31.91
CA ASP B 339 -9.06 34.52 32.13
C ASP B 339 -8.65 35.40 30.96
N LEU B 340 -9.49 35.45 29.92
CA LEU B 340 -9.05 36.11 28.71
C LEU B 340 -9.00 37.62 28.98
N LYS B 341 -7.95 38.27 28.48
CA LYS B 341 -7.70 39.67 28.76
C LYS B 341 -7.93 40.52 27.51
N ALA B 342 -8.13 41.83 27.72
CA ALA B 342 -8.49 42.79 26.69
C ALA B 342 -7.45 42.78 25.58
N PRO B 343 -7.83 42.91 24.31
CA PRO B 343 -9.22 43.11 23.90
C PRO B 343 -9.97 41.87 23.44
N PHE B 344 -9.80 40.76 24.18
CA PHE B 344 -10.34 39.48 23.74
C PHE B 344 -11.32 38.91 24.76
N GLN B 345 -12.10 39.79 25.38
CA GLN B 345 -13.01 39.38 26.45
C GLN B 345 -14.38 39.06 25.87
N GLY B 346 -14.53 39.29 24.55
CA GLY B 346 -15.72 38.93 23.80
C GLY B 346 -16.08 37.44 23.89
N ASP B 347 -17.37 37.15 23.65
CA ASP B 347 -17.90 35.80 23.65
C ASP B 347 -17.30 35.01 22.50
N ASN B 348 -17.07 35.68 21.37
CA ASN B 348 -16.45 35.11 20.18
C ASN B 348 -15.02 34.62 20.48
N TYR B 349 -14.27 35.36 21.33
CA TYR B 349 -12.92 34.97 21.71
C TYR B 349 -12.93 33.81 22.72
N LYS B 350 -13.90 33.81 23.64
CA LYS B 350 -14.08 32.72 24.57
C LYS B 350 -14.34 31.41 23.78
N LYS B 351 -15.25 31.46 22.81
CA LYS B 351 -15.62 30.28 22.03
C LYS B 351 -14.38 29.79 21.27
N PHE B 352 -13.57 30.74 20.79
CA PHE B 352 -12.40 30.43 19.99
C PHE B 352 -11.38 29.72 20.89
N GLY B 353 -11.17 30.28 22.07
CA GLY B 353 -10.20 29.77 23.02
C GLY B 353 -10.60 28.38 23.51
N LYS B 354 -11.90 28.18 23.74
CA LYS B 354 -12.39 26.89 24.24
C LYS B 354 -12.16 25.80 23.18
N SER B 355 -12.33 26.18 21.92
CA SER B 355 -12.13 25.22 20.84
C SER B 355 -10.64 24.91 20.70
N MET B 356 -9.79 25.95 20.70
CA MET B 356 -8.35 25.80 20.54
C MET B 356 -7.81 24.89 21.65
N PHE B 357 -8.23 25.16 22.89
CA PHE B 357 -7.76 24.43 24.05
C PHE B 357 -8.31 23.00 24.07
N SER B 358 -9.63 22.84 23.85
CA SER B 358 -10.25 21.52 23.90
C SER B 358 -9.67 20.59 22.84
N ASN B 359 -9.35 21.12 21.67
CA ASN B 359 -8.73 20.25 20.67
C ASN B 359 -7.30 19.88 21.05
N LEU B 360 -6.58 20.79 21.74
CA LEU B 360 -5.22 20.46 22.11
C LEU B 360 -5.25 19.35 23.17
N ILE B 361 -6.02 19.53 24.24
CA ILE B 361 -5.96 18.56 25.32
C ILE B 361 -6.73 17.30 24.88
N GLY B 362 -7.65 17.47 23.94
CA GLY B 362 -8.40 16.35 23.41
C GLY B 362 -7.61 15.43 22.48
N GLY B 363 -6.44 15.86 21.98
CA GLY B 363 -5.56 15.02 21.16
C GLY B 363 -4.75 14.01 21.96
N ILE B 364 -4.84 14.03 23.29
CA ILE B 364 -4.07 13.09 24.11
C ILE B 364 -4.34 11.64 23.67
N GLY B 365 -3.26 10.93 23.36
CA GLY B 365 -3.32 9.53 23.01
C GLY B 365 -2.52 8.65 23.96
N TYR B 366 -2.92 7.38 24.06
CA TYR B 366 -2.05 6.39 24.67
C TYR B 366 -1.55 5.47 23.58
N PHE B 367 -0.22 5.29 23.54
CA PHE B 367 0.48 4.58 22.49
C PHE B 367 1.30 3.45 23.12
N TYR B 368 1.25 2.28 22.47
CA TYR B 368 1.99 1.15 22.99
C TYR B 368 2.52 0.34 21.82
N GLY B 369 3.80 -0.10 21.91
CA GLY B 369 4.38 -1.08 20.99
C GLY B 369 5.89 -0.92 20.86
N HIS B 370 6.44 -1.49 19.80
CA HIS B 370 7.87 -1.42 19.58
C HIS B 370 8.15 -0.22 18.71
N SER B 371 9.38 0.28 18.75
CA SER B 371 9.73 1.30 17.80
C SER B 371 10.99 0.87 17.04
N LEU B 372 11.26 1.58 15.95
CA LEU B 372 12.36 1.26 15.06
C LEU B 372 13.57 2.18 15.32
N VAL B 373 14.68 1.56 15.72
CA VAL B 373 15.91 2.24 16.06
C VAL B 373 17.13 1.54 15.45
N ASP B 374 18.04 2.35 14.91
CA ASP B 374 19.37 1.90 14.49
C ASP B 374 20.32 1.99 15.69
N ARG B 375 20.67 0.83 16.27
CA ARG B 375 21.53 0.72 17.44
C ARG B 375 22.97 0.39 17.04
N SER B 376 23.34 0.66 15.78
CA SER B 376 24.69 0.29 15.36
C SER B 376 25.77 1.19 15.97
N TYR B 377 25.48 2.50 16.10
CA TYR B 377 26.46 3.50 16.52
C TYR B 377 27.63 3.53 15.54
N ALA B 378 27.27 3.45 14.26
CA ALA B 378 28.18 3.54 13.14
C ALA B 378 29.09 4.78 13.23
N PRO B 379 30.43 4.61 13.09
CA PRO B 379 31.38 5.72 13.00
C PRO B 379 31.00 6.87 12.07
N GLU B 380 30.22 6.54 11.02
CA GLU B 380 29.78 7.56 10.08
C GLU B 380 28.89 8.59 10.79
N TYR B 381 28.27 8.16 11.91
CA TYR B 381 27.28 8.97 12.61
C TYR B 381 27.95 10.00 13.52
N ASP B 382 29.28 9.87 13.70
CA ASP B 382 30.12 10.82 14.41
C ASP B 382 30.16 12.14 13.64
N GLU B 383 29.97 12.06 12.32
CA GLU B 383 29.88 13.24 11.48
C GLU B 383 31.19 14.04 11.45
N GLU B 384 32.33 13.37 11.58
CA GLU B 384 33.63 14.04 11.65
C GLU B 384 34.09 14.66 10.34
N ASN B 385 33.80 14.03 9.19
CA ASN B 385 34.44 14.48 7.96
C ASN B 385 33.51 15.43 7.20
N GLU B 386 34.07 16.21 6.29
CA GLU B 386 33.29 16.91 5.28
C GLU B 386 32.47 15.87 4.53
N GLY B 387 31.34 16.31 3.95
CA GLY B 387 30.41 15.42 3.27
C GLY B 387 29.92 14.25 4.11
N PHE B 388 29.83 14.43 5.45
CA PHE B 388 29.36 13.44 6.41
C PHE B 388 27.94 12.94 6.09
N TRP B 389 27.15 13.71 5.33
CA TRP B 389 25.81 13.24 5.02
C TRP B 389 25.85 12.01 4.12
N GLU B 390 26.82 11.96 3.19
CA GLU B 390 27.08 10.78 2.37
C GLU B 390 27.53 9.62 3.25
N ASP B 391 28.38 9.90 4.23
CA ASP B 391 28.86 8.86 5.13
C ASP B 391 27.65 8.23 5.85
N ALA B 392 26.65 9.07 6.16
CA ALA B 392 25.48 8.68 6.93
C ALA B 392 24.58 7.84 6.03
N ALA B 393 24.38 8.31 4.80
CA ALA B 393 23.58 7.62 3.77
C ALA B 393 24.09 6.20 3.55
N GLU B 394 25.41 6.05 3.53
CA GLU B 394 25.94 4.71 3.31
C GLU B 394 25.86 3.87 4.58
N ALA B 395 25.94 4.51 5.75
CA ALA B 395 25.68 3.75 6.97
C ALA B 395 24.22 3.34 7.06
N ARG B 396 23.31 4.14 6.52
CA ARG B 396 21.91 3.73 6.61
C ARG B 396 21.69 2.50 5.72
N ALA B 397 22.38 2.49 4.57
CA ALA B 397 22.24 1.45 3.54
C ALA B 397 22.62 0.08 4.08
N ARG B 398 23.33 0.05 5.21
CA ARG B 398 23.67 -1.21 5.87
C ARG B 398 22.51 -1.77 6.70
N HIS B 399 21.42 -1.00 6.86
CA HIS B 399 20.17 -1.44 7.49
C HIS B 399 20.36 -2.26 8.77
N GLN B 400 21.02 -1.69 9.78
CA GLN B 400 21.14 -2.34 11.09
C GLN B 400 19.92 -2.09 11.98
N GLU B 401 18.96 -1.27 11.55
CA GLU B 401 17.86 -0.96 12.46
C GLU B 401 17.03 -2.21 12.77
N ALA B 402 16.57 -2.27 14.02
CA ALA B 402 15.70 -3.32 14.50
C ALA B 402 14.59 -2.65 15.32
N LEU B 403 13.48 -3.39 15.48
CA LEU B 403 12.37 -3.02 16.32
C LEU B 403 12.78 -3.34 17.74
N GLU B 404 12.42 -2.46 18.69
CA GLU B 404 12.77 -2.63 20.09
C GLU B 404 11.65 -2.05 20.97
N GLY B 405 11.67 -2.46 22.24
CA GLY B 405 10.59 -2.21 23.17
C GLY B 405 10.03 -3.54 23.67
N PRO B 406 8.71 -3.63 23.97
CA PRO B 406 7.74 -2.57 23.63
C PRO B 406 7.81 -1.36 24.56
N TYR B 407 7.33 -0.20 24.09
CA TYR B 407 7.28 1.01 24.92
C TYR B 407 5.85 1.53 24.99
N GLU B 408 5.59 2.40 25.97
CA GLU B 408 4.33 3.12 26.04
C GLU B 408 4.60 4.62 26.05
N LEU B 409 3.64 5.42 25.56
CA LEU B 409 3.68 6.88 25.61
C LEU B 409 2.26 7.40 25.79
N PHE B 410 2.09 8.22 26.84
CA PHE B 410 0.89 9.02 27.05
C PHE B 410 1.26 10.47 26.78
N THR B 411 0.67 11.09 25.75
CA THR B 411 1.17 12.37 25.25
C THR B 411 0.09 13.05 24.39
N SER B 412 0.07 14.40 24.34
CA SER B 412 -0.68 15.07 23.27
C SER B 412 0.10 14.93 21.97
N ILE B 413 -0.50 15.41 20.88
CA ILE B 413 -0.03 15.18 19.52
C ILE B 413 -0.29 16.44 18.73
N PRO B 414 0.47 16.66 17.64
CA PRO B 414 0.24 17.80 16.74
C PRO B 414 -1.03 17.84 15.90
N SER B 415 -1.45 16.68 15.38
CA SER B 415 -2.48 16.64 14.35
C SER B 415 -3.13 15.25 14.25
N ARG B 416 -4.45 15.17 14.50
CA ARG B 416 -5.15 13.89 14.44
C ARG B 416 -5.06 13.27 13.04
N PRO B 417 -5.42 14.01 11.96
CA PRO B 417 -5.33 13.48 10.60
C PRO B 417 -3.95 13.17 10.04
N PHE B 418 -2.92 13.96 10.40
CA PHE B 418 -1.65 13.87 9.69
C PHE B 418 -0.53 13.33 10.58
N PHE B 419 -0.46 13.73 11.84
CA PHE B 419 0.68 13.35 12.66
C PHE B 419 0.18 12.92 14.03
N PRO B 420 -0.65 11.85 14.16
CA PRO B 420 -1.20 11.51 15.46
C PRO B 420 -0.16 10.75 16.28
N ARG B 421 0.90 11.42 16.76
CA ARG B 421 1.87 10.71 17.59
C ARG B 421 2.74 11.72 18.33
N GLY B 422 3.60 11.26 19.25
CA GLY B 422 4.44 12.16 20.03
C GLY B 422 5.61 12.76 19.22
N PHE B 423 5.76 14.09 19.25
CA PHE B 423 6.95 14.78 18.79
C PHE B 423 7.56 15.53 19.97
N LEU B 424 8.89 15.37 20.14
CA LEU B 424 9.58 15.69 21.38
C LEU B 424 9.53 17.20 21.67
N TRP B 425 9.90 18.08 20.72
CA TRP B 425 9.89 19.51 21.04
C TRP B 425 8.48 20.09 20.92
N ASP B 426 7.60 19.43 20.14
CA ASP B 426 6.21 19.88 20.05
C ASP B 426 5.56 19.81 21.44
N GLU B 427 5.90 18.77 22.20
CA GLU B 427 5.18 18.48 23.43
C GLU B 427 5.49 19.53 24.49
N GLY B 428 6.68 20.15 24.45
CA GLY B 428 6.98 21.17 25.44
C GLY B 428 6.07 22.39 25.27
N PHE B 429 5.72 22.71 24.01
CA PHE B 429 4.72 23.71 23.68
C PHE B 429 3.30 23.27 24.06
N HIS B 430 2.93 22.03 23.72
CA HIS B 430 1.61 21.51 24.03
C HIS B 430 1.31 21.62 25.53
N LEU B 431 2.33 21.32 26.35
CA LEU B 431 2.06 21.17 27.78
C LEU B 431 2.02 22.54 28.47
N LEU B 432 2.40 23.62 27.79
CA LEU B 432 2.31 24.95 28.39
C LEU B 432 0.86 25.26 28.73
N PRO B 433 -0.13 25.18 27.80
CA PRO B 433 -1.54 25.37 28.17
C PRO B 433 -2.10 24.24 29.04
N ILE B 434 -1.71 23.00 28.74
CA ILE B 434 -2.22 21.88 29.49
C ILE B 434 -1.80 22.03 30.96
N ALA B 435 -0.57 22.50 31.24
CA ALA B 435 -0.12 22.57 32.63
C ALA B 435 -0.91 23.59 33.43
N ASP B 436 -1.36 24.67 32.79
CA ASP B 436 -2.26 25.66 33.42
C ASP B 436 -3.55 24.96 33.85
N TRP B 437 -4.10 24.13 32.95
CA TRP B 437 -5.36 23.46 33.24
C TRP B 437 -5.22 22.41 34.33
N ASP B 438 -4.07 21.73 34.38
CA ASP B 438 -4.02 20.49 35.16
C ASP B 438 -2.56 20.09 35.26
N ILE B 439 -1.87 20.66 36.26
CA ILE B 439 -0.43 20.49 36.31
C ILE B 439 -0.09 19.01 36.51
N ASP B 440 -0.96 18.25 37.18
CA ASP B 440 -0.66 16.85 37.48
C ASP B 440 -0.70 16.01 36.20
N LEU B 441 -1.63 16.34 35.29
CA LEU B 441 -1.75 15.74 33.96
C LEU B 441 -0.44 15.98 33.21
N ALA B 442 0.02 17.24 33.22
CA ALA B 442 1.21 17.59 32.46
C ALA B 442 2.44 16.89 33.03
N LEU B 443 2.50 16.75 34.35
CA LEU B 443 3.67 16.12 34.98
C LEU B 443 3.71 14.62 34.62
N GLU B 444 2.53 14.05 34.44
CA GLU B 444 2.37 12.65 34.07
C GLU B 444 2.83 12.47 32.61
N ILE B 445 2.52 13.42 31.73
CA ILE B 445 2.95 13.29 30.34
C ILE B 445 4.48 13.44 30.28
N ILE B 446 5.05 14.35 31.08
CA ILE B 446 6.48 14.53 31.11
C ILE B 446 7.17 13.24 31.60
N LYS B 447 6.61 12.65 32.66
CA LYS B 447 7.08 11.39 33.21
C LYS B 447 7.07 10.30 32.13
N SER B 448 5.97 10.19 31.37
CA SER B 448 5.87 9.22 30.30
C SER B 448 6.99 9.39 29.27
N TRP B 449 7.23 10.63 28.84
CA TRP B 449 8.32 10.88 27.90
C TRP B 449 9.68 10.51 28.47
N TYR B 450 9.99 10.98 29.67
CA TYR B 450 11.31 10.80 30.24
C TYR B 450 11.52 9.32 30.54
N ASN B 451 10.39 8.63 30.70
CA ASN B 451 10.41 7.18 30.83
C ASN B 451 10.95 6.51 29.55
N LEU B 452 10.94 7.20 28.41
CA LEU B 452 11.44 6.61 27.18
C LEU B 452 12.96 6.77 27.07
N MET B 453 13.59 7.61 27.91
CA MET B 453 15.00 7.89 27.71
C MET B 453 15.83 6.61 27.94
N ASP B 454 16.79 6.35 27.04
CA ASP B 454 17.69 5.20 27.15
C ASP B 454 18.82 5.55 28.12
N GLU B 455 19.80 4.65 28.24
CA GLU B 455 20.79 4.74 29.29
C GLU B 455 21.78 5.88 29.02
N ASP B 456 21.90 6.33 27.77
CA ASP B 456 22.83 7.40 27.46
C ASP B 456 22.18 8.78 27.65
N GLY B 457 20.85 8.80 27.79
CA GLY B 457 20.09 10.06 27.81
C GLY B 457 19.46 10.47 26.47
N TRP B 458 19.21 9.50 25.57
CA TRP B 458 18.53 9.73 24.30
C TRP B 458 17.05 9.37 24.41
N ILE B 459 16.22 10.28 23.89
CA ILE B 459 14.80 10.08 23.67
C ILE B 459 14.61 10.35 22.18
N ALA B 460 14.09 9.38 21.42
CA ALA B 460 13.82 9.62 20.01
C ALA B 460 12.87 10.81 19.91
N ARG B 461 13.08 11.63 18.90
CA ARG B 461 12.34 12.87 18.72
C ARG B 461 10.94 12.61 18.15
N GLU B 462 10.75 11.43 17.53
CA GLU B 462 9.45 11.08 16.95
C GLU B 462 9.14 9.67 17.43
N GLN B 463 8.04 9.50 18.17
CA GLN B 463 7.73 8.23 18.82
C GLN B 463 6.61 7.56 18.02
N ILE B 464 6.97 6.54 17.22
CA ILE B 464 6.06 5.71 16.43
C ILE B 464 6.01 4.34 17.12
N LEU B 465 5.00 4.14 17.99
CA LEU B 465 4.99 2.98 18.88
C LEU B 465 3.91 1.98 18.44
N GLY B 466 4.32 0.85 17.83
CA GLY B 466 3.37 -0.19 17.47
C GLY B 466 2.90 -0.14 16.02
N ALA B 467 2.27 -1.24 15.60
CA ALA B 467 2.04 -1.47 14.19
C ALA B 467 0.97 -0.49 13.70
N GLU B 468 -0.02 -0.25 14.55
CA GLU B 468 -1.05 0.74 14.25
C GLU B 468 -0.42 2.12 13.96
N ALA B 469 0.50 2.58 14.81
CA ALA B 469 1.16 3.86 14.59
C ALA B 469 2.00 3.81 13.30
N ARG B 470 2.66 2.68 13.07
CA ARG B 470 3.58 2.53 11.93
C ARG B 470 2.85 2.66 10.59
N SER B 471 1.56 2.28 10.55
CA SER B 471 0.87 2.22 9.28
C SER B 471 0.58 3.63 8.76
N LYS B 472 0.84 4.64 9.59
CA LYS B 472 0.54 6.00 9.15
C LYS B 472 1.80 6.57 8.51
N VAL B 473 2.93 5.84 8.62
CA VAL B 473 4.25 6.44 8.48
C VAL B 473 5.04 5.78 7.36
N PRO B 474 5.33 6.53 6.29
CA PRO B 474 6.18 6.02 5.20
C PRO B 474 7.47 5.52 5.82
N LYS B 475 7.92 4.36 5.34
CA LYS B 475 9.03 3.61 5.92
C LYS B 475 10.30 4.46 6.05
N GLU B 476 10.56 5.37 5.12
CA GLU B 476 11.80 6.13 5.20
C GLU B 476 11.77 7.04 6.44
N PHE B 477 10.61 7.20 7.08
CA PHE B 477 10.54 8.07 8.23
C PHE B 477 10.45 7.31 9.54
N GLN B 478 10.58 5.99 9.52
CA GLN B 478 10.29 5.24 10.73
C GLN B 478 11.52 5.16 11.63
N THR B 479 12.71 4.91 11.08
CA THR B 479 13.88 4.57 11.89
C THR B 479 14.33 5.78 12.71
N GLN B 480 14.66 5.57 13.99
CA GLN B 480 15.12 6.64 14.88
C GLN B 480 16.62 6.45 15.13
N TYR B 481 17.34 7.57 15.23
CA TYR B 481 18.79 7.50 15.33
C TYR B 481 19.23 8.09 16.67
N PRO B 482 19.96 7.29 17.47
CA PRO B 482 20.38 7.68 18.82
C PRO B 482 21.32 8.89 18.85
N HIS B 483 21.75 9.39 17.67
CA HIS B 483 22.53 10.63 17.65
C HIS B 483 21.66 11.85 17.28
N TYR B 484 20.34 11.67 17.12
CA TYR B 484 19.51 12.78 16.69
C TYR B 484 18.75 13.40 17.86
N ALA B 485 18.96 14.70 18.08
CA ALA B 485 18.31 15.41 19.16
C ALA B 485 17.08 16.11 18.62
N ASN B 486 16.38 16.83 19.51
CA ASN B 486 15.32 17.77 19.19
C ASN B 486 15.38 18.89 20.25
N PRO B 487 14.81 20.11 20.05
CA PRO B 487 14.73 21.08 21.15
C PRO B 487 14.10 20.57 22.46
N PRO B 488 14.79 20.79 23.59
CA PRO B 488 14.30 20.34 24.90
C PRO B 488 13.27 21.28 25.56
N THR B 489 12.20 21.52 24.82
CA THR B 489 11.16 22.43 25.25
C THR B 489 10.46 21.87 26.48
N LEU B 490 10.64 20.59 26.79
CA LEU B 490 9.96 20.10 27.97
C LEU B 490 10.48 20.79 29.24
N PHE B 491 11.70 21.33 29.18
CA PHE B 491 12.31 22.10 30.26
C PHE B 491 11.52 23.38 30.55
N LEU B 492 10.91 23.99 29.52
CA LEU B 492 10.09 25.19 29.68
C LEU B 492 8.90 24.87 30.57
N VAL B 493 8.34 23.65 30.44
CA VAL B 493 7.16 23.34 31.24
C VAL B 493 7.61 23.20 32.68
N LEU B 494 8.76 22.56 32.87
CA LEU B 494 9.24 22.36 34.22
C LEU B 494 9.52 23.72 34.86
N ASP B 495 10.04 24.67 34.07
CA ASP B 495 10.33 26.02 34.52
C ASP B 495 9.05 26.65 35.06
N ASN B 496 7.94 26.53 34.32
CA ASN B 496 6.66 27.03 34.80
C ASN B 496 6.23 26.32 36.07
N PHE B 497 6.55 25.03 36.17
CA PHE B 497 6.15 24.23 37.32
C PHE B 497 6.91 24.68 38.57
N VAL B 498 8.24 24.86 38.45
CA VAL B 498 9.08 25.36 39.53
C VAL B 498 8.54 26.71 40.02
N GLU B 499 8.26 27.62 39.07
CA GLU B 499 7.67 28.93 39.31
C GLU B 499 6.53 28.81 40.32
N ARG B 500 5.58 27.90 40.02
CA ARG B 500 4.38 27.69 40.77
C ARG B 500 4.68 27.09 42.15
N LEU B 501 5.72 26.25 42.22
CA LEU B 501 6.12 25.64 43.48
C LEU B 501 6.56 26.70 44.48
N ARG B 502 7.16 27.78 43.97
CA ARG B 502 7.71 28.88 44.74
C ARG B 502 6.58 29.67 45.40
N LYS B 503 5.64 30.17 44.58
CA LYS B 503 4.50 30.98 45.05
C LYS B 503 3.74 30.30 46.21
N THR B 520 -8.97 18.38 44.54
CA THR B 520 -8.79 18.05 43.10
C THR B 520 -7.42 17.40 42.87
N LEU B 521 -7.42 16.25 42.20
CA LEU B 521 -6.21 15.59 41.73
C LEU B 521 -5.35 16.48 40.81
N SER B 522 -6.00 17.39 40.08
CA SER B 522 -5.33 18.27 39.14
C SER B 522 -4.16 19.02 39.76
N THR B 523 -4.23 19.41 41.04
CA THR B 523 -3.19 20.27 41.59
C THR B 523 -2.52 19.65 42.82
N ALA B 524 -2.66 18.33 43.01
CA ALA B 524 -2.19 17.67 44.22
C ALA B 524 -0.70 17.92 44.42
N SER B 525 0.02 18.15 43.33
CA SER B 525 1.46 18.30 43.31
C SER B 525 1.89 19.71 43.73
N VAL B 526 0.95 20.66 43.68
CA VAL B 526 1.26 22.00 44.15
C VAL B 526 0.60 22.21 45.50
N ASP B 527 -0.62 21.68 45.67
CA ASP B 527 -1.35 21.92 46.91
C ASP B 527 -0.52 21.42 48.09
N ASN B 528 0.11 20.25 47.92
CA ASN B 528 1.12 19.79 48.83
C ASN B 528 2.47 19.86 48.11
N PRO B 529 3.29 20.90 48.35
CA PRO B 529 4.52 21.10 47.57
C PRO B 529 5.60 20.05 47.83
N GLU B 530 5.43 19.28 48.91
CA GLU B 530 6.39 18.23 49.20
C GLU B 530 6.29 17.16 48.11
N VAL B 531 5.08 17.02 47.57
CA VAL B 531 4.79 16.03 46.52
C VAL B 531 5.49 16.46 45.23
N GLY B 532 5.25 17.72 44.84
CA GLY B 532 5.89 18.31 43.68
C GLY B 532 7.41 18.21 43.82
N LEU B 533 7.91 18.44 45.04
CA LEU B 533 9.35 18.39 45.24
C LEU B 533 9.91 16.98 45.01
N GLU B 534 9.18 15.94 45.46
CA GLU B 534 9.70 14.61 45.26
C GLU B 534 9.63 14.20 43.80
N TYR B 535 8.57 14.61 43.11
CA TYR B 535 8.50 14.39 41.68
C TYR B 535 9.79 14.90 41.03
N LEU B 536 10.18 16.15 41.37
CA LEU B 536 11.40 16.73 40.82
C LEU B 536 12.64 15.94 41.25
N ARG B 537 12.68 15.49 42.51
CA ARG B 537 13.81 14.70 42.99
C ARG B 537 14.00 13.47 42.10
N ARG B 538 12.88 12.80 41.76
CA ARG B 538 12.96 11.59 40.94
C ARG B 538 13.27 11.91 39.47
N LEU B 539 12.77 13.04 38.93
CA LEU B 539 13.00 13.38 37.52
C LEU B 539 14.38 14.03 37.31
N TYR B 540 14.95 14.67 38.34
CA TYR B 540 16.16 15.47 38.13
C TYR B 540 17.33 14.68 37.54
N PRO B 541 17.66 13.44 38.00
CA PRO B 541 18.76 12.66 37.42
C PRO B 541 18.60 12.40 35.93
N LEU B 542 17.35 12.26 35.45
CA LEU B 542 17.13 12.07 34.02
C LEU B 542 17.35 13.38 33.25
N LEU B 543 16.97 14.54 33.85
CA LEU B 543 17.24 15.84 33.23
C LEU B 543 18.75 16.05 33.08
N ARG B 544 19.50 15.72 34.13
CA ARG B 544 20.96 15.78 34.14
C ARG B 544 21.52 14.85 33.06
N ARG B 545 20.93 13.67 32.93
CA ARG B 545 21.45 12.72 31.96
C ARG B 545 21.28 13.30 30.56
N GLN B 546 20.12 13.92 30.32
CA GLN B 546 19.83 14.42 28.98
C GLN B 546 20.79 15.57 28.67
N PHE B 547 21.10 16.33 29.72
CA PHE B 547 21.96 17.48 29.59
C PHE B 547 23.36 17.00 29.19
N ASP B 548 23.83 16.00 29.93
CA ASP B 548 25.14 15.39 29.67
C ASP B 548 25.15 14.93 28.22
N TRP B 549 24.11 14.15 27.89
CA TRP B 549 23.93 13.55 26.57
C TRP B 549 24.04 14.62 25.48
N PHE B 550 23.42 15.79 25.69
CA PHE B 550 23.47 16.85 24.69
C PHE B 550 24.90 17.36 24.52
N ARG B 551 25.60 17.61 25.64
CA ARG B 551 26.91 18.24 25.62
C ARG B 551 27.94 17.26 25.02
N LYS B 552 27.70 15.96 25.20
CA LYS B 552 28.52 14.89 24.64
C LYS B 552 28.24 14.69 23.14
N THR B 553 26.97 14.63 22.70
CA THR B 553 26.66 14.17 21.34
C THR B 553 26.46 15.32 20.35
N GLN B 554 26.20 16.56 20.82
CA GLN B 554 26.01 17.65 19.86
C GLN B 554 27.13 18.70 20.01
N ALA B 555 28.22 18.28 20.66
CA ALA B 555 29.41 19.11 20.81
C ALA B 555 29.77 19.73 19.48
N GLY B 556 30.03 21.04 19.53
CA GLY B 556 30.72 21.76 18.48
C GLY B 556 32.25 21.62 18.58
N ASP B 557 32.93 22.14 17.54
CA ASP B 557 34.38 22.10 17.46
C ASP B 557 34.92 23.53 17.39
N ILE B 558 35.70 23.86 18.42
CA ILE B 558 36.42 25.13 18.51
C ILE B 558 37.95 24.84 18.39
N LYS B 559 38.46 23.90 19.20
CA LYS B 559 39.85 23.44 19.33
C LYS B 559 40.54 23.24 17.98
N SER B 560 40.03 22.33 17.15
CA SER B 560 40.77 21.92 15.98
C SER B 560 40.73 22.95 14.85
N TYR B 561 40.28 24.18 15.15
CA TYR B 561 40.26 25.23 14.13
C TYR B 561 40.89 26.54 14.61
N ASP B 562 40.98 27.51 13.69
CA ASP B 562 41.46 28.85 14.00
C ASP B 562 40.30 29.70 14.53
N ARG B 563 39.96 29.47 15.81
CA ARG B 563 38.77 29.98 16.46
C ARG B 563 39.13 30.45 17.87
N GLU B 564 38.89 31.74 18.13
CA GLU B 564 39.12 32.26 19.47
C GLU B 564 37.78 32.47 20.18
N ALA B 565 37.73 32.10 21.45
CA ALA B 565 36.49 32.25 22.20
C ALA B 565 36.80 32.16 23.68
N TYR B 566 36.02 32.92 24.46
CA TYR B 566 36.04 32.95 25.91
C TYR B 566 36.20 31.55 26.50
N SER B 567 35.41 30.59 25.99
CA SER B 567 35.51 29.21 26.44
C SER B 567 35.78 28.34 25.22
N THR B 568 36.59 27.29 25.42
CA THR B 568 36.98 26.40 24.34
C THR B 568 35.93 25.29 24.20
N LYS B 569 35.17 25.09 25.29
CA LYS B 569 34.31 23.94 25.51
C LYS B 569 32.88 24.16 24.97
N GLU B 570 32.30 25.36 25.10
CA GLU B 570 30.88 25.58 24.88
C GLU B 570 30.66 25.97 23.44
N ALA B 571 30.16 25.00 22.66
CA ALA B 571 29.90 25.19 21.26
C ALA B 571 29.11 23.98 20.78
N TYR B 572 28.18 24.16 19.83
CA TYR B 572 27.22 23.09 19.62
C TYR B 572 26.87 22.96 18.13
N ARG B 573 26.75 21.68 17.70
CA ARG B 573 26.39 21.39 16.31
C ARG B 573 25.29 20.33 16.28
N TRP B 574 24.16 20.65 15.65
CA TRP B 574 23.07 19.68 15.53
C TRP B 574 23.56 18.54 14.65
N ARG B 575 23.70 17.33 15.22
CA ARG B 575 23.86 16.18 14.35
C ARG B 575 22.71 16.11 13.34
N GLY B 576 22.98 15.56 12.14
CA GLY B 576 21.94 14.88 11.37
C GLY B 576 21.40 15.75 10.26
N ARG B 577 22.20 16.73 9.83
CA ARG B 577 21.72 17.53 8.72
C ARG B 577 22.07 16.88 7.39
N THR B 578 21.41 17.38 6.34
CA THR B 578 21.66 17.02 4.96
C THR B 578 21.84 18.32 4.21
N VAL B 579 21.93 18.26 2.89
CA VAL B 579 22.35 19.42 2.12
C VAL B 579 21.38 20.61 2.31
N SER B 580 20.09 20.33 2.49
CA SER B 580 19.08 21.39 2.45
C SER B 580 18.20 21.43 3.70
N HIS B 581 18.62 20.78 4.79
CA HIS B 581 17.70 20.52 5.89
C HIS B 581 18.46 20.40 7.20
N CYS B 582 17.80 20.78 8.30
CA CYS B 582 18.24 20.39 9.62
C CYS B 582 17.00 20.02 10.45
N LEU B 583 16.55 18.78 10.29
CA LEU B 583 15.28 18.28 10.83
C LEU B 583 15.32 18.20 12.36
N THR B 584 16.48 17.81 12.95
CA THR B 584 16.58 17.69 14.38
C THR B 584 16.37 19.04 15.07
N SER B 585 16.72 20.14 14.39
CA SER B 585 16.60 21.43 15.04
C SER B 585 15.13 21.79 15.14
N GLY B 586 14.29 21.13 14.33
CA GLY B 586 12.86 21.42 14.30
C GLY B 586 12.49 22.48 13.27
N LEU B 587 13.45 23.29 12.76
CA LEU B 587 13.07 24.26 11.74
C LEU B 587 13.61 23.71 10.40
N ASP B 588 12.88 22.71 9.87
CA ASP B 588 13.31 21.75 8.87
C ASP B 588 14.22 22.36 7.81
N ASP B 589 13.76 23.42 7.11
CA ASP B 589 14.42 23.93 5.92
C ASP B 589 14.92 25.36 6.16
N TYR B 590 15.21 25.69 7.42
CA TYR B 590 15.75 27.00 7.67
C TYR B 590 17.17 27.03 7.08
N PRO B 591 17.49 28.06 6.27
CA PRO B 591 18.80 28.17 5.63
C PRO B 591 19.93 28.09 6.65
N ARG B 592 20.78 27.07 6.49
CA ARG B 592 21.95 26.87 7.32
C ARG B 592 23.21 27.11 6.49
N PRO B 593 24.43 26.94 7.05
CA PRO B 593 25.65 27.12 6.26
C PRO B 593 25.69 26.13 5.09
N GLN B 594 26.03 26.64 3.90
CA GLN B 594 26.20 25.86 2.68
C GLN B 594 27.69 25.74 2.38
N PRO B 595 28.27 24.53 2.32
CA PRO B 595 27.50 23.30 2.52
C PRO B 595 27.51 22.97 4.01
N PRO B 596 26.74 21.94 4.47
CA PRO B 596 26.96 21.38 5.79
C PRO B 596 28.42 20.98 5.93
N HIS B 597 28.90 20.87 7.17
CA HIS B 597 30.33 20.85 7.45
C HIS B 597 30.49 20.56 8.92
N PRO B 598 31.46 19.72 9.32
CA PRO B 598 31.66 19.37 10.73
C PRO B 598 32.14 20.55 11.59
N GLY B 599 32.40 21.68 10.93
CA GLY B 599 32.85 22.87 11.63
C GLY B 599 31.71 23.88 11.81
N GLU B 600 30.48 23.45 11.50
CA GLU B 600 29.29 24.25 11.77
C GLU B 600 29.11 24.44 13.27
N LEU B 601 28.56 25.61 13.63
CA LEU B 601 27.98 25.77 14.96
C LEU B 601 26.63 26.46 14.81
N HIS B 602 25.63 25.95 15.53
CA HIS B 602 24.28 26.46 15.39
C HIS B 602 23.90 27.21 16.67
N VAL B 603 23.39 28.43 16.48
CA VAL B 603 23.15 29.33 17.61
C VAL B 603 21.88 28.93 18.38
N ASP B 604 20.87 28.38 17.69
CA ASP B 604 19.68 27.88 18.38
C ASP B 604 20.03 26.76 19.35
N LEU B 605 20.94 25.87 18.94
CA LEU B 605 21.22 24.74 19.79
C LEU B 605 21.99 25.20 21.03
N MET B 606 22.92 26.15 20.84
CA MET B 606 23.60 26.67 22.01
C MET B 606 22.55 27.30 22.93
N SER B 607 21.61 28.06 22.36
CA SER B 607 20.57 28.66 23.20
C SER B 607 19.82 27.59 24.02
N TRP B 608 19.45 26.44 23.40
CA TRP B 608 18.72 25.42 24.15
C TRP B 608 19.58 24.87 25.28
N VAL B 609 20.89 24.74 25.06
CA VAL B 609 21.71 24.28 26.17
C VAL B 609 21.66 25.34 27.27
N GLY B 610 21.58 26.61 26.87
CA GLY B 610 21.36 27.70 27.81
C GLY B 610 20.10 27.47 28.65
N VAL B 611 18.99 27.14 27.96
CA VAL B 611 17.73 26.86 28.63
C VAL B 611 17.89 25.74 29.67
N MET B 612 18.56 24.66 29.29
CA MET B 612 18.63 23.47 30.14
C MET B 612 19.44 23.78 31.40
N VAL B 613 20.56 24.50 31.22
CA VAL B 613 21.39 24.80 32.36
C VAL B 613 20.62 25.73 33.32
N LYS B 614 19.85 26.66 32.76
CA LYS B 614 19.04 27.52 33.64
C LYS B 614 18.06 26.69 34.47
N SER B 615 17.36 25.74 33.83
CA SER B 615 16.40 24.91 34.54
C SER B 615 17.12 24.05 35.56
N LEU B 616 18.31 23.55 35.18
CA LEU B 616 19.03 22.70 36.12
C LEU B 616 19.47 23.50 37.34
N ILE B 617 19.94 24.75 37.16
CA ILE B 617 20.39 25.56 38.28
C ILE B 617 19.24 25.70 39.27
N SER B 618 18.08 26.06 38.74
CA SER B 618 16.91 26.30 39.57
C SER B 618 16.40 25.01 40.22
N ILE B 619 16.34 23.90 39.47
CA ILE B 619 15.85 22.66 40.05
C ILE B 619 16.86 22.11 41.04
N GLY B 620 18.15 22.07 40.64
CA GLY B 620 19.20 21.64 41.54
C GLY B 620 19.13 22.40 42.86
N SER B 621 18.95 23.72 42.78
CA SER B 621 18.88 24.54 43.96
C SER B 621 17.70 24.13 44.84
N LEU B 622 16.53 23.84 44.24
CA LEU B 622 15.37 23.38 45.00
C LEU B 622 15.71 22.09 45.76
N LEU B 623 16.65 21.32 45.23
CA LEU B 623 16.88 19.98 45.74
C LEU B 623 18.12 19.96 46.63
N GLY B 624 18.84 21.09 46.70
CA GLY B 624 20.05 21.18 47.48
C GLY B 624 21.24 20.44 46.85
N ALA B 625 21.18 20.19 45.54
CA ALA B 625 22.29 19.54 44.86
C ALA B 625 23.40 20.56 44.64
N THR B 626 24.04 20.90 45.74
CA THR B 626 24.92 22.05 45.86
C THR B 626 26.18 21.81 45.03
N GLU B 627 26.60 20.55 44.94
CA GLU B 627 27.78 20.17 44.17
C GLU B 627 27.59 20.46 42.69
N ASP B 628 26.37 20.25 42.15
CA ASP B 628 26.10 20.46 40.72
C ASP B 628 25.98 21.96 40.38
N VAL B 629 25.63 22.78 41.38
CA VAL B 629 25.34 24.21 41.25
C VAL B 629 26.57 24.92 40.69
N GLU B 630 27.75 24.61 41.25
CA GLU B 630 29.03 25.18 40.81
C GLU B 630 29.26 24.93 39.32
N PHE B 631 28.88 23.73 38.82
CA PHE B 631 29.18 23.32 37.45
C PHE B 631 28.23 24.00 36.46
N TYR B 632 26.94 23.99 36.81
CA TYR B 632 25.91 24.68 36.04
C TYR B 632 26.30 26.15 35.83
N THR B 633 26.72 26.78 36.95
CA THR B 633 27.06 28.20 37.00
C THR B 633 28.17 28.52 36.00
N LYS B 634 29.21 27.68 35.94
CA LYS B 634 30.32 27.85 35.03
C LYS B 634 29.87 27.68 33.57
N VAL B 635 28.94 26.74 33.32
CA VAL B 635 28.52 26.49 31.94
C VAL B 635 27.74 27.70 31.44
N LEU B 636 26.79 28.15 32.25
CA LEU B 636 25.93 29.27 31.88
C LEU B 636 26.84 30.45 31.53
N ASP B 637 27.80 30.73 32.41
CA ASP B 637 28.70 31.85 32.17
C ASP B 637 29.43 31.68 30.82
N ALA B 638 29.86 30.46 30.49
CA ALA B 638 30.60 30.25 29.25
C ALA B 638 29.67 30.37 28.04
N ILE B 639 28.42 29.92 28.20
CA ILE B 639 27.50 30.03 27.06
C ILE B 639 27.21 31.50 26.80
N GLU B 640 27.03 32.27 27.89
CA GLU B 640 26.73 33.69 27.74
C GLU B 640 27.83 34.41 26.95
N HIS B 641 29.09 34.13 27.25
CA HIS B 641 30.17 34.74 26.48
C HIS B 641 30.29 34.11 25.08
N ASN B 642 30.16 32.77 25.00
CA ASN B 642 30.43 32.11 23.73
C ASN B 642 29.40 32.49 22.68
N LEU B 643 28.18 32.84 23.12
CA LEU B 643 27.12 33.29 22.23
C LEU B 643 27.63 34.55 21.52
N ASP B 644 28.34 35.41 22.25
CA ASP B 644 28.82 36.65 21.66
C ASP B 644 30.00 36.35 20.74
N ASP B 645 30.97 35.58 21.26
CA ASP B 645 32.24 35.31 20.62
C ASP B 645 31.99 34.59 19.29
N LEU B 646 31.22 33.49 19.33
CA LEU B 646 31.02 32.63 18.18
C LEU B 646 29.89 33.09 17.25
N HIS B 647 28.86 33.79 17.75
CA HIS B 647 27.65 33.86 16.94
C HIS B 647 27.14 35.26 16.66
N TRP B 648 27.67 36.26 17.38
CA TRP B 648 27.14 37.60 17.21
C TRP B 648 27.81 38.27 16.01
N SER B 649 27.03 38.98 15.21
CA SER B 649 27.50 39.71 14.05
C SER B 649 27.19 41.20 14.23
N GLU B 650 28.24 41.99 14.50
CA GLU B 650 28.10 43.43 14.65
C GLU B 650 27.64 44.03 13.33
N LYS B 651 28.17 43.49 12.22
CA LYS B 651 27.78 43.93 10.89
C LYS B 651 26.26 43.82 10.69
N GLU B 652 25.67 42.67 11.04
CA GLU B 652 24.30 42.38 10.62
C GLU B 652 23.30 42.76 11.71
N GLY B 653 23.80 42.91 12.96
CA GLY B 653 22.92 43.33 14.05
C GLY B 653 22.08 42.17 14.62
N CYS B 654 22.66 40.97 14.68
CA CYS B 654 21.89 39.78 15.06
C CYS B 654 22.85 38.61 15.21
N TYR B 655 22.34 37.51 15.80
CA TYR B 655 23.10 36.27 15.90
C TYR B 655 22.97 35.47 14.61
N CYS B 656 24.00 34.64 14.36
CA CYS B 656 24.18 33.86 13.14
C CYS B 656 24.75 32.49 13.51
N ASP B 657 24.46 31.45 12.70
CA ASP B 657 25.20 30.20 12.74
C ASP B 657 26.61 30.44 12.21
N ALA B 658 27.57 29.59 12.57
CA ALA B 658 28.92 29.74 12.07
C ALA B 658 29.35 28.48 11.30
N THR B 659 30.25 28.67 10.33
CA THR B 659 30.85 27.53 9.67
C THR B 659 32.36 27.76 9.51
N ILE B 660 33.04 26.70 9.03
CA ILE B 660 34.35 26.83 8.42
C ILE B 660 34.18 26.87 6.90
N ASP B 661 34.77 27.91 6.27
CA ASP B 661 34.51 28.15 4.86
C ASP B 661 35.60 27.46 4.03
N GLU B 662 35.53 27.67 2.70
CA GLU B 662 36.38 27.00 1.71
C GLU B 662 37.87 27.29 1.98
N PHE B 663 38.16 28.50 2.45
CA PHE B 663 39.50 28.94 2.79
C PHE B 663 39.87 28.59 4.24
N GLU B 664 39.15 27.62 4.82
CA GLU B 664 39.39 27.10 6.17
C GLU B 664 39.14 28.13 7.28
N GLU B 665 38.24 29.11 7.05
CA GLU B 665 38.07 30.25 7.96
C GLU B 665 36.77 30.18 8.77
N HIS B 666 36.83 30.62 10.03
CA HIS B 666 35.63 30.88 10.83
C HIS B 666 34.87 32.01 10.17
N LYS B 667 33.60 31.70 9.90
CA LYS B 667 32.76 32.57 9.12
C LYS B 667 31.33 32.46 9.66
N LEU B 668 30.72 33.61 9.84
CA LEU B 668 29.33 33.68 10.28
C LEU B 668 28.49 33.62 9.01
N VAL B 669 27.48 32.74 9.03
CA VAL B 669 26.53 32.69 7.93
C VAL B 669 25.24 33.30 8.44
N CYS B 670 24.88 34.41 7.81
CA CYS B 670 23.87 35.27 8.40
C CYS B 670 22.59 35.20 7.58
N HIS B 671 21.52 34.70 8.20
CA HIS B 671 20.24 34.58 7.53
C HIS B 671 19.14 35.00 8.49
N LYS B 672 18.66 36.22 8.30
CA LYS B 672 17.84 36.92 9.28
C LYS B 672 16.42 36.33 9.31
N GLY B 673 16.08 35.78 10.48
CA GLY B 673 14.77 35.22 10.78
C GLY B 673 14.80 34.63 12.19
N TYR B 674 14.07 33.52 12.39
CA TYR B 674 13.92 32.97 13.74
C TYR B 674 15.26 32.65 14.38
N ILE B 675 16.16 31.99 13.63
CA ILE B 675 17.35 31.42 14.27
C ILE B 675 18.19 32.57 14.85
N SER B 676 18.09 33.69 14.15
CA SER B 676 18.93 34.85 14.34
C SER B 676 18.47 35.60 15.60
N LEU B 677 17.31 35.20 16.13
CA LEU B 677 16.73 35.79 17.34
C LEU B 677 16.91 34.89 18.55
N PHE B 678 17.59 33.75 18.38
CA PHE B 678 17.44 32.66 19.31
C PHE B 678 17.76 33.00 20.76
N PRO B 679 18.95 33.57 21.09
CA PRO B 679 19.26 33.93 22.48
C PRO B 679 18.19 34.79 23.14
N PHE B 680 17.45 35.57 22.33
CA PHE B 680 16.36 36.37 22.89
C PHE B 680 15.17 35.45 23.21
N LEU B 681 14.78 34.63 22.22
CA LEU B 681 13.62 33.74 22.27
C LEU B 681 13.66 32.84 23.51
N THR B 682 14.87 32.41 23.91
CA THR B 682 15.04 31.45 24.99
C THR B 682 15.33 32.15 26.32
N GLY B 683 15.38 33.49 26.29
CA GLY B 683 15.46 34.25 27.52
C GLY B 683 16.88 34.34 28.08
N LEU B 684 17.91 34.32 27.22
CA LEU B 684 19.30 34.36 27.72
C LEU B 684 19.85 35.78 27.83
N LEU B 685 19.17 36.80 27.28
CA LEU B 685 19.74 38.14 27.26
C LEU B 685 19.22 38.94 28.46
N LYS B 686 20.10 39.79 29.02
CA LYS B 686 19.73 40.73 30.08
C LYS B 686 19.01 41.93 29.48
N PRO B 687 18.08 42.59 30.20
CA PRO B 687 17.40 43.80 29.69
C PRO B 687 18.29 45.00 29.37
N ASP B 688 19.54 44.97 29.84
CA ASP B 688 20.48 46.05 29.59
C ASP B 688 21.39 45.71 28.41
N SER B 689 21.05 44.67 27.62
CA SER B 689 22.01 44.23 26.62
C SER B 689 21.84 45.05 25.34
N PRO B 690 22.93 45.66 24.83
CA PRO B 690 22.88 46.34 23.55
C PRO B 690 22.53 45.37 22.43
N LYS B 691 22.87 44.08 22.59
CA LYS B 691 22.50 43.09 21.59
C LYS B 691 20.98 42.93 21.53
N LEU B 692 20.33 42.99 22.69
CA LEU B 692 18.88 42.86 22.76
C LEU B 692 18.20 43.98 21.99
N GLY B 693 18.63 45.23 22.19
CA GLY B 693 18.04 46.37 21.47
C GLY B 693 18.11 46.24 19.95
N LYS B 694 19.23 45.70 19.45
CA LYS B 694 19.38 45.43 18.02
C LYS B 694 18.39 44.36 17.53
N LEU B 695 18.13 43.33 18.35
CA LEU B 695 17.21 42.28 17.95
C LEU B 695 15.77 42.80 17.91
N LEU B 696 15.45 43.64 18.91
CA LEU B 696 14.17 44.30 19.00
C LEU B 696 13.90 45.11 17.75
N ALA B 697 14.95 45.72 17.17
CA ALA B 697 14.77 46.60 16.02
C ALA B 697 14.43 45.78 14.78
N LEU B 698 15.15 44.66 14.64
CA LEU B 698 14.94 43.63 13.63
C LEU B 698 13.55 43.04 13.74
N ILE B 699 13.13 42.70 14.98
CA ILE B 699 11.84 42.08 15.21
C ILE B 699 10.76 43.04 14.73
N GLY B 700 10.97 44.34 14.99
CA GLY B 700 9.99 45.36 14.68
C GLY B 700 10.12 45.92 13.27
N ASP B 701 11.04 45.36 12.46
CA ASP B 701 11.31 45.92 11.14
C ASP B 701 10.31 45.36 10.10
N GLU B 702 9.35 46.20 9.66
CA GLU B 702 8.31 45.81 8.70
C GLU B 702 8.93 45.32 7.39
N SER B 703 10.16 45.76 7.10
CA SER B 703 10.82 45.38 5.86
C SER B 703 11.50 44.02 5.99
N GLU B 704 11.65 43.52 7.22
CA GLU B 704 12.45 42.32 7.49
C GLU B 704 11.54 41.20 8.02
N LEU B 705 11.16 41.30 9.30
CA LEU B 705 10.61 40.18 10.04
C LEU B 705 9.14 40.39 10.38
N TRP B 706 8.69 41.64 10.38
CA TRP B 706 7.41 42.03 10.96
C TRP B 706 6.34 42.17 9.88
N SER B 707 5.38 41.23 9.90
CA SER B 707 4.27 41.24 8.98
C SER B 707 3.06 41.68 9.79
N PRO B 708 1.91 42.00 9.15
CA PRO B 708 0.69 42.28 9.91
C PRO B 708 0.14 41.04 10.62
N TYR B 709 0.76 39.87 10.39
CA TYR B 709 0.15 38.63 10.85
C TYR B 709 0.97 37.94 11.93
N GLY B 710 2.11 38.55 12.27
CA GLY B 710 3.10 37.87 13.10
C GLY B 710 4.49 37.95 12.49
N LEU B 711 5.48 37.44 13.22
CA LEU B 711 6.88 37.45 12.81
C LEU B 711 7.09 36.37 11.77
N ARG B 712 7.57 36.80 10.60
CA ARG B 712 8.00 35.92 9.53
C ARG B 712 9.15 35.07 10.04
N SER B 713 9.27 33.83 9.57
CA SER B 713 10.34 32.94 10.00
C SER B 713 11.67 33.31 9.35
N LEU B 714 11.60 33.90 8.16
CA LEU B 714 12.77 34.35 7.42
C LEU B 714 12.46 35.74 6.87
N SER B 715 13.47 36.60 6.82
CA SER B 715 13.34 37.98 6.39
C SER B 715 12.96 38.05 4.91
N LYS B 716 12.05 38.97 4.58
CA LYS B 716 11.72 39.32 3.20
C LYS B 716 12.98 39.58 2.38
N LYS B 717 14.04 40.09 3.04
CA LYS B 717 15.28 40.47 2.37
C LYS B 717 16.25 39.31 2.21
N ASP B 718 16.10 38.23 2.98
CA ASP B 718 17.04 37.13 2.82
C ASP B 718 16.84 36.50 1.44
N GLU B 719 17.95 36.02 0.87
CA GLU B 719 17.93 35.57 -0.51
C GLU B 719 17.03 34.34 -0.62
N PHE B 720 16.87 33.60 0.50
CA PHE B 720 16.12 32.36 0.44
C PHE B 720 14.64 32.55 0.77
N TYR B 721 14.20 33.79 0.90
CA TYR B 721 12.83 34.02 1.28
C TYR B 721 11.90 33.45 0.22
N GLY B 722 11.03 32.51 0.64
CA GLY B 722 9.93 32.00 -0.17
C GLY B 722 10.34 30.90 -1.16
N THR B 723 11.56 30.35 -1.01
CA THR B 723 12.16 29.38 -1.93
C THR B 723 11.91 27.94 -1.49
N ALA B 724 12.01 27.01 -2.45
CA ALA B 724 11.94 25.56 -2.24
C ALA B 724 10.62 25.13 -1.60
N GLU B 725 10.71 24.35 -0.52
CA GLU B 725 9.53 23.92 0.22
C GLU B 725 8.91 25.12 0.94
N ASN B 726 9.71 26.13 1.29
CA ASN B 726 9.23 27.36 1.89
C ASN B 726 8.45 27.08 3.18
N TYR B 727 9.02 26.19 4.01
CA TYR B 727 8.38 25.67 5.21
C TYR B 727 8.71 26.60 6.38
N TRP B 728 10.01 26.87 6.56
CA TRP B 728 10.49 27.79 7.58
C TRP B 728 11.27 28.91 6.92
N ARG B 729 10.84 29.36 5.72
CA ARG B 729 11.54 30.33 4.90
C ARG B 729 10.66 31.54 4.59
N SER B 730 9.63 31.77 5.41
CA SER B 730 8.88 33.02 5.33
C SER B 730 7.64 32.97 6.23
N PRO B 731 6.93 31.83 6.34
CA PRO B 731 5.61 31.79 6.98
C PRO B 731 5.62 32.04 8.50
N VAL B 732 4.45 32.35 9.04
CA VAL B 732 4.33 32.66 10.46
C VAL B 732 4.06 31.37 11.22
N TRP B 733 4.90 31.06 12.22
CA TRP B 733 4.70 29.91 13.09
C TRP B 733 4.44 30.40 14.51
N ILE B 734 3.48 29.77 15.20
CA ILE B 734 2.85 30.32 16.41
C ILE B 734 3.73 30.08 17.65
N ASN B 735 4.27 28.89 17.70
CA ASN B 735 5.50 28.41 18.29
C ASN B 735 6.49 29.50 18.71
N ILE B 736 7.28 29.94 17.72
CA ILE B 736 8.34 30.90 17.87
C ILE B 736 7.74 32.25 18.21
N ASN B 737 6.55 32.54 17.64
CA ASN B 737 5.92 33.81 17.95
C ASN B 737 5.56 33.86 19.43
N TYR B 738 5.01 32.75 19.94
CA TYR B 738 4.74 32.58 21.37
C TYR B 738 5.98 32.95 22.20
N LEU B 739 7.14 32.41 21.83
CA LEU B 739 8.32 32.61 22.65
C LEU B 739 8.70 34.10 22.63
N ALA B 740 8.50 34.75 21.46
CA ALA B 740 8.83 36.14 21.23
C ALA B 740 7.98 37.00 22.16
N ILE B 741 6.68 36.71 22.13
CA ILE B 741 5.70 37.42 22.92
C ILE B 741 6.06 37.34 24.41
N VAL B 742 6.34 36.12 24.89
CA VAL B 742 6.66 35.91 26.28
C VAL B 742 7.90 36.75 26.65
N GLN B 743 8.92 36.77 25.76
CA GLN B 743 10.19 37.41 26.08
C GLN B 743 10.04 38.94 25.96
N LEU B 744 9.21 39.40 25.00
CA LEU B 744 8.81 40.79 24.88
C LEU B 744 8.22 41.24 26.21
N TYR B 745 7.25 40.45 26.69
CA TYR B 745 6.51 40.76 27.91
C TYR B 745 7.46 40.92 29.09
N ASN B 746 8.48 40.05 29.15
CA ASN B 746 9.48 40.06 30.21
C ASN B 746 10.28 41.36 30.22
N ILE B 747 10.72 41.82 29.04
CA ILE B 747 11.48 43.05 28.95
C ILE B 747 10.58 44.22 29.32
N ALA B 748 9.28 44.06 29.06
CA ALA B 748 8.39 45.19 29.16
C ALA B 748 7.97 45.40 30.61
N THR B 749 8.38 44.49 31.50
CA THR B 749 7.90 44.55 32.87
C THR B 749 9.07 44.73 33.82
N GLN B 750 10.19 45.21 33.29
CA GLN B 750 11.30 45.55 34.16
C GLN B 750 11.99 46.79 33.61
N ASP B 751 12.77 47.44 34.50
CA ASP B 751 13.48 48.66 34.17
C ASP B 751 14.57 48.41 33.14
N GLY B 752 14.69 49.35 32.20
CA GLY B 752 15.78 49.35 31.23
C GLY B 752 15.50 50.20 29.99
N PRO B 753 16.51 50.44 29.13
CA PRO B 753 16.35 51.29 27.96
C PRO B 753 15.30 50.81 26.95
N TYR B 754 14.98 49.49 26.98
CA TYR B 754 14.16 48.89 25.93
C TYR B 754 12.74 48.55 26.38
N LYS B 755 12.42 48.91 27.62
CA LYS B 755 11.16 48.58 28.28
C LYS B 755 9.98 48.98 27.37
N GLU B 756 9.99 50.23 26.93
CA GLU B 756 8.90 50.79 26.15
C GLU B 756 8.90 50.20 24.74
N THR B 757 10.08 49.96 24.17
CA THR B 757 10.09 49.30 22.87
C THR B 757 9.42 47.93 22.99
N ALA B 758 9.83 47.17 24.01
CA ALA B 758 9.28 45.85 24.26
C ALA B 758 7.79 45.92 24.53
N ARG B 759 7.31 46.92 25.29
CA ARG B 759 5.87 47.04 25.59
C ARG B 759 5.05 47.19 24.31
N ASP B 760 5.53 48.03 23.38
CA ASP B 760 4.84 48.32 22.13
C ASP B 760 4.86 47.08 21.24
N LEU B 761 6.04 46.48 21.07
CA LEU B 761 6.15 45.28 20.26
C LEU B 761 5.24 44.19 20.85
N TYR B 762 5.30 44.00 22.19
CA TYR B 762 4.46 43.02 22.86
C TYR B 762 2.98 43.22 22.54
N THR B 763 2.46 44.44 22.75
CA THR B 763 1.05 44.70 22.56
C THR B 763 0.68 44.38 21.12
N ARG B 764 1.62 44.65 20.21
CA ARG B 764 1.26 44.64 18.81
C ARG B 764 1.35 43.22 18.26
N LEU B 765 2.39 42.48 18.67
CA LEU B 765 2.55 41.11 18.19
C LEU B 765 1.39 40.26 18.74
N ARG B 766 1.08 40.44 20.03
CA ARG B 766 -0.03 39.72 20.62
C ARG B 766 -1.27 39.93 19.75
N LYS B 767 -1.73 41.21 19.59
CA LYS B 767 -2.95 41.50 18.82
C LYS B 767 -2.86 40.83 17.45
N ASN B 768 -1.75 41.03 16.74
CA ASN B 768 -1.55 40.41 15.43
C ASN B 768 -1.70 38.89 15.45
N ILE B 769 -0.99 38.19 16.36
CA ILE B 769 -0.93 36.74 16.31
C ILE B 769 -2.33 36.19 16.59
N VAL B 770 -2.96 36.71 17.64
CA VAL B 770 -4.25 36.24 18.08
C VAL B 770 -5.28 36.43 16.96
N GLU B 771 -5.22 37.58 16.27
CA GLU B 771 -6.19 37.91 15.24
C GLU B 771 -6.02 36.99 14.04
N THR B 772 -4.76 36.74 13.66
CA THR B 772 -4.48 35.88 12.53
C THR B 772 -5.08 34.50 12.78
N VAL B 773 -4.80 33.93 13.96
CA VAL B 773 -5.28 32.59 14.24
C VAL B 773 -6.81 32.61 14.40
N TYR B 774 -7.33 33.62 15.11
CA TYR B 774 -8.78 33.77 15.28
C TYR B 774 -9.51 33.84 13.94
N ARG B 775 -9.05 34.70 13.02
CA ARG B 775 -9.84 35.03 11.83
C ARG B 775 -9.89 33.81 10.91
N ASN B 776 -8.82 33.01 10.94
CA ASN B 776 -8.71 31.78 10.17
C ASN B 776 -9.67 30.72 10.71
N TRP B 777 -9.72 30.59 12.04
CA TRP B 777 -10.61 29.67 12.72
C TRP B 777 -12.06 30.07 12.46
N GLU B 778 -12.31 31.38 12.33
CA GLU B 778 -13.69 31.84 12.11
C GLU B 778 -14.14 31.38 10.73
N GLU B 779 -13.26 31.56 9.73
CA GLU B 779 -13.54 31.28 8.33
C GLU B 779 -13.48 29.78 8.04
N THR B 780 -12.51 29.06 8.63
CA THR B 780 -12.29 27.70 8.15
C THR B 780 -12.67 26.64 9.20
N GLY B 781 -12.82 27.03 10.47
CA GLY B 781 -13.03 26.03 11.50
C GLY B 781 -11.73 25.36 11.97
N PHE B 782 -10.59 25.66 11.32
CA PHE B 782 -9.32 24.99 11.56
C PHE B 782 -8.26 25.87 12.24
N ALA B 783 -7.49 25.27 13.14
CA ALA B 783 -6.17 25.75 13.48
C ALA B 783 -5.20 25.26 12.41
N TRP B 784 -4.22 26.09 12.03
CA TRP B 784 -3.34 25.70 10.95
C TRP B 784 -1.90 25.57 11.46
N GLU B 785 -1.12 24.81 10.70
CA GLU B 785 0.27 24.54 11.02
C GLU B 785 1.10 25.83 10.95
N GLN B 786 0.79 26.71 9.97
CA GLN B 786 1.45 27.99 9.82
C GLN B 786 0.50 28.94 9.11
N TYR B 787 0.90 30.22 9.04
CA TYR B 787 0.08 31.28 8.49
C TYR B 787 0.90 32.05 7.47
N ASN B 788 0.21 32.41 6.38
CA ASN B 788 0.76 33.15 5.26
C ASN B 788 1.16 34.56 5.71
N PRO B 789 2.41 34.97 5.45
CA PRO B 789 2.88 36.32 5.84
C PRO B 789 2.36 37.50 5.00
N GLU B 790 1.97 37.20 3.74
CA GLU B 790 1.42 38.20 2.82
C GLU B 790 -0.07 38.41 3.09
N THR B 791 -0.83 37.32 3.31
CA THR B 791 -2.29 37.40 3.36
C THR B 791 -2.88 37.02 4.72
N GLY B 792 -2.10 36.30 5.55
CA GLY B 792 -2.58 35.85 6.85
C GLY B 792 -3.38 34.53 6.82
N LYS B 793 -3.54 33.89 5.65
CA LYS B 793 -4.34 32.67 5.54
C LYS B 793 -3.60 31.47 6.15
N GLY B 794 -4.32 30.62 6.91
CA GLY B 794 -3.82 29.32 7.32
C GLY B 794 -3.35 28.48 6.15
N GLN B 795 -2.19 27.80 6.27
CA GLN B 795 -1.70 26.99 5.16
C GLN B 795 -0.86 25.85 5.72
N ARG B 796 -0.35 24.97 4.86
CA ARG B 796 0.04 23.62 5.24
C ARG B 796 -1.14 22.89 5.90
N THR B 797 -0.89 22.04 6.90
CA THR B 797 -1.94 21.13 7.37
C THR B 797 -2.89 21.79 8.36
N GLN B 798 -4.18 21.40 8.28
CA GLN B 798 -5.21 21.83 9.21
C GLN B 798 -5.19 20.90 10.41
N HIS B 799 -6.04 21.20 11.40
CA HIS B 799 -6.17 20.46 12.65
C HIS B 799 -4.88 20.49 13.46
N PHE B 800 -4.11 21.57 13.40
CA PHE B 800 -2.81 21.58 14.05
C PHE B 800 -2.94 22.02 15.50
N THR B 801 -3.41 21.14 16.38
CA THR B 801 -3.50 21.50 17.79
C THR B 801 -2.81 20.43 18.61
N GLY B 802 -1.47 20.43 18.64
CA GLY B 802 -0.64 21.35 17.87
C GLY B 802 -0.36 22.63 18.65
N TRP B 803 0.86 23.14 18.46
CA TRP B 803 1.29 24.28 19.24
C TRP B 803 0.52 25.54 18.84
N THR B 804 -0.31 25.49 17.79
CA THR B 804 -1.10 26.66 17.43
C THR B 804 -2.05 27.04 18.57
N SER B 805 -2.38 26.05 19.42
CA SER B 805 -3.27 26.25 20.54
C SER B 805 -2.64 27.11 21.63
N LEU B 806 -1.36 27.46 21.47
CA LEU B 806 -0.65 28.35 22.38
C LEU B 806 -1.42 29.67 22.43
N VAL B 807 -2.16 29.99 21.36
CA VAL B 807 -2.95 31.21 21.33
C VAL B 807 -3.79 31.40 22.58
N VAL B 808 -4.29 30.30 23.17
CA VAL B 808 -5.11 30.44 24.37
C VAL B 808 -4.33 31.16 25.47
N LYS B 809 -3.06 30.78 25.65
CA LYS B 809 -2.22 31.41 26.67
C LYS B 809 -1.93 32.85 26.24
N ILE B 810 -1.76 33.10 24.95
CA ILE B 810 -1.43 34.45 24.50
C ILE B 810 -2.54 35.43 24.89
N MET B 811 -3.78 34.94 24.88
CA MET B 811 -4.96 35.74 25.18
C MET B 811 -5.11 35.99 26.68
N SER B 812 -4.64 35.03 27.49
CA SER B 812 -4.86 34.99 28.93
C SER B 812 -3.91 35.94 29.68
N GLY B 813 -2.79 36.27 29.02
CA GLY B 813 -1.81 37.22 29.53
C GLY B 813 -0.81 36.55 30.47
N HIS B 814 0.33 37.21 30.70
CA HIS B 814 1.34 36.62 31.56
C HIS B 814 1.32 37.34 32.91
N1 UPH C . 6.90 -20.67 -12.93
N3 UPH C . -0.17 -21.32 -7.30
C4 UPH C . 5.82 -18.68 -13.79
C5 UPH C . 5.63 -21.23 -12.51
C6 UPH C . 5.29 -20.66 -11.10
C7 UPH C . 3.91 -21.20 -10.68
C8 UPH C . 3.40 -20.60 -9.37
C10 UPH C . 2.68 -21.41 -7.10
C13 UPH C . -1.41 -23.50 -7.36
C15 UPH C . -3.44 -26.03 -6.51
C17 UPH C . -3.27 -26.35 -9.49
C20 UPH C . -4.91 -25.50 -6.62
C21 UPH C . -0.23 -25.62 -6.96
C22 UPH C . 0.94 -24.99 -6.78
C24 UPH C . 9.30 -20.81 -12.79
C1 UPH C . 9.43 -19.31 -12.76
C11 UPH C . 1.02 -23.44 -6.90
C12 UPH C . -0.10 -22.77 -7.17
C14 UPH C . -1.50 -24.80 -7.27
C16 UPH C . -3.36 -27.50 -6.82
C18 UPH C . -3.52 -25.18 -8.55
C19 UPH C . -5.00 -25.15 -8.03
C2 UPH C . 8.25 -18.81 -13.58
C23 UPH C . 7.97 -21.16 -12.08
C3 UPH C . 6.95 -19.22 -12.93
C9 UPH C . 3.83 -21.41 -8.13
N2 UPH C . 2.30 -22.77 -6.70
N4 UPH C . -2.83 -25.37 -7.46
O1 UPH C . 10.62 -18.95 -13.41
O2 UPH C . 8.34 -17.41 -13.68
O3 UPH C . 5.94 -19.30 -15.07
O4 UPH C . 0.20 -20.62 -6.44
O5 UPH C . -0.65 -20.85 -8.27
O6 UPH C . -3.22 -27.74 -8.50
O7 UPH C . 10.41 -21.28 -12.10
C1 GOL D . -27.87 -19.66 -37.81
O1 GOL D . -26.64 -19.29 -38.43
C2 GOL D . -27.95 -19.14 -36.39
O2 GOL D . -27.33 -20.06 -35.49
C3 GOL D . -29.35 -18.77 -35.95
O3 GOL D . -30.21 -19.91 -35.82
S SO4 E . -18.46 4.03 -37.85
O1 SO4 E . -17.26 3.55 -37.23
O2 SO4 E . -18.13 4.58 -39.14
O3 SO4 E . -19.06 5.04 -37.03
O4 SO4 E . -19.40 2.94 -38.03
S SO4 F . -39.52 -16.37 -29.57
O1 SO4 F . -38.06 -16.47 -29.59
O2 SO4 F . -39.99 -16.25 -30.93
O3 SO4 F . -39.92 -15.20 -28.82
O4 SO4 F . -40.07 -17.56 -28.97
S SO4 G . -11.52 -7.53 -5.58
O1 SO4 G . -10.09 -7.55 -5.58
O2 SO4 G . -12.04 -8.32 -6.68
O3 SO4 G . -12.00 -8.11 -4.36
O4 SO4 G . -11.97 -6.17 -5.75
S SO4 H . 2.08 -3.66 -7.80
O1 SO4 H . 3.03 -4.45 -8.54
O2 SO4 H . 0.96 -3.38 -8.66
O3 SO4 H . 2.68 -2.40 -7.39
O4 SO4 H . 1.63 -4.38 -6.63
S SO4 I . 13.12 -23.92 1.69
O1 SO4 I . 14.03 -23.67 0.61
O2 SO4 I . 12.87 -25.33 1.79
O3 SO4 I . 13.73 -23.45 2.91
O4 SO4 I . 11.87 -23.23 1.44
S SO4 J . 22.25 -17.32 -41.32
O1 SO4 J . 22.40 -17.96 -42.59
O2 SO4 J . 23.39 -16.44 -41.07
O3 SO4 J . 22.19 -18.33 -40.30
O4 SO4 J . 21.04 -16.52 -41.30
C1 BTB K . -12.20 -17.97 12.66
O1 BTB K . -11.73 -18.80 11.60
C2 BTB K . -12.96 -16.71 12.18
C3 BTB K . -14.24 -17.10 11.40
O3 BTB K . -14.89 -18.28 11.85
C4 BTB K . -13.34 -15.79 13.36
O4 BTB K . -13.81 -16.47 14.52
N BTB K . -12.05 -15.91 11.25
C5 BTB K . -10.64 -15.71 11.71
C6 BTB K . -9.57 -16.33 10.84
O6 BTB K . -10.04 -16.60 9.53
C7 BTB K . -12.70 -14.68 10.69
C8 BTB K . -12.80 -14.75 9.18
O8 BTB K . -12.59 -16.08 8.70
C1 NAG L . -0.73 2.45 36.70
C2 NAG L . 0.36 2.18 35.65
C3 NAG L . 0.59 0.68 35.37
C4 NAG L . 0.55 -0.22 36.61
C5 NAG L . -0.84 -0.01 37.25
C6 NAG L . -1.23 -0.94 38.42
C7 NAG L . 0.65 3.88 33.85
C8 NAG L . 0.24 4.21 32.42
N2 NAG L . -0.02 2.86 34.41
O3 NAG L . 1.86 0.55 34.78
O4 NAG L . 0.88 -1.57 36.23
O5 NAG L . -0.99 1.38 37.64
O6 NAG L . -0.16 -1.13 39.35
O7 NAG L . 1.53 4.49 34.44
N1 UPH M . 6.26 19.19 12.01
N3 UPH M . 4.83 11.44 7.69
C4 UPH M . 5.75 17.96 14.09
C5 UPH M . 5.44 18.32 11.25
C6 UPH M . 6.17 17.02 11.11
C7 UPH M . 6.07 16.59 9.68
C8 UPH M . 6.55 15.16 9.63
C10 UPH M . 7.28 13.43 8.14
C13 UPH M . 3.79 11.72 5.44
C15 UPH M . 2.92 11.18 2.22
C17 UPH M . 1.19 13.50 2.94
C20 UPH M . 1.60 10.37 2.00
C21 UPH M . 4.94 12.98 3.74
C22 UPH M . 5.92 13.23 4.56
C24 UPH M . 7.97 20.81 11.91
C1 UPH M . 8.61 20.26 13.14
C11 UPH M . 5.96 12.73 5.98
C12 UPH M . 4.94 12.04 6.38
C14 UPH M . 3.77 12.16 4.22
C16 UPH M . 3.09 12.20 1.15
C18 UPH M . 1.46 12.15 3.59
C19 UPH M . 0.65 11.07 2.80
C2 UPH M . 7.62 19.52 13.97
C23 UPH M . 7.32 19.67 11.21
C3 UPH M . 6.79 18.55 13.17
C9 UPH M . 7.23 14.91 8.30
N2 UPH M . 7.13 13.07 6.75
N4 UPH M . 2.69 11.84 3.32
O1 UPH M . 8.88 21.24 14.01
O2 UPH M . 8.41 18.76 14.74
O3 UPH M . 4.56 18.64 13.96
O4 UPH M . 5.80 11.21 8.34
O5 UPH M . 3.78 11.10 8.08
O6 UPH M . 2.02 13.47 1.43
O7 UPH M . 8.89 21.32 11.04
S SO4 N . 13.12 5.82 22.74
O1 SO4 N . 14.47 5.40 23.09
O2 SO4 N . 12.61 5.05 21.59
O3 SO4 N . 13.11 7.22 22.41
O4 SO4 N . 12.26 5.59 23.86
S SO4 O . 4.40 -3.94 17.69
O1 SO4 O . 5.36 -2.98 17.21
O2 SO4 O . 4.65 -5.19 17.07
O3 SO4 O . 4.54 -4.10 19.08
O4 SO4 O . 3.05 -3.49 17.38
S SO4 P . 18.46 17.30 1.03
O1 SO4 P . 19.55 17.47 0.09
O2 SO4 P . 18.37 15.91 1.42
O3 SO4 P . 18.73 18.09 2.21
O4 SO4 P . 17.23 17.73 0.43
S SO4 Q . 1.16 46.59 13.00
O1 SO4 Q . 2.37 47.33 12.73
O2 SO4 Q . 1.34 45.22 12.63
O3 SO4 Q . 0.87 46.70 14.41
O4 SO4 Q . 0.09 47.14 12.22
S SO4 R . -33.39 -9.05 22.15
O1 SO4 R . -32.50 -7.90 22.00
O2 SO4 R . -33.51 -9.72 20.87
O3 SO4 R . -32.85 -9.98 23.12
O4 SO4 R . -34.69 -8.61 22.59
#